data_8B8S
#
_entry.id   8B8S
#
_entity_poly.entity_id   1
_entity_poly.type   'polypeptide(L)'
_entity_poly.pdbx_seq_one_letter_code
;GELSNTRLFVRPFPLDVQESELNEIFGPFGPMKEVKILNGFAFVEFEEAESAAKAIEEVHGKSFANQPLEVVYSKLPAKR
YRITMKNLPEGCSWQDLKDLARENSLETTFSSVNTRDFDGTGALEFPSEEILVEALERLNNIEFRGSVITVERDDNPPPI
R
;
_entity_poly.pdbx_strand_id   A
#
# COMPACT_ATOMS: atom_id res chain seq x y z
N GLY A 1 22.84 10.13 13.48
CA GLY A 1 22.02 8.91 13.23
C GLY A 1 22.55 8.08 12.07
N GLU A 2 22.43 6.76 12.19
CA GLU A 2 22.91 5.86 11.15
C GLU A 2 21.95 4.68 10.98
N LEU A 3 20.69 4.88 11.38
CA LEU A 3 19.70 3.83 11.28
C LEU A 3 19.23 3.57 9.84
N SER A 4 18.07 4.12 9.47
CA SER A 4 17.51 3.92 8.14
C SER A 4 18.51 4.35 7.07
N ASN A 5 18.81 3.43 6.16
CA ASN A 5 19.79 3.72 5.09
C ASN A 5 19.96 2.52 4.17
N THR A 6 19.90 1.31 4.76
CA THR A 6 20.06 0.09 3.99
C THR A 6 19.18 -1.03 4.55
N ARG A 7 17.95 -1.11 4.04
CA ARG A 7 17.00 -2.13 4.49
C ARG A 7 15.67 -1.99 3.76
N LEU A 8 15.29 -3.02 3.03
CA LEU A 8 14.04 -3.01 2.29
C LEU A 8 13.16 -4.19 2.69
N PHE A 9 11.92 -3.89 3.11
CA PHE A 9 10.98 -4.91 3.52
C PHE A 9 10.10 -5.34 2.36
N VAL A 10 10.11 -6.64 2.06
CA VAL A 10 9.29 -7.18 0.98
C VAL A 10 8.07 -7.90 1.51
N ARG A 11 7.12 -8.17 0.62
CA ARG A 11 5.89 -8.86 1.00
C ARG A 11 6.13 -10.35 1.18
N PRO A 12 5.13 -11.05 1.75
CA PRO A 12 5.22 -12.50 1.99
C PRO A 12 5.19 -13.31 0.70
N PHE A 13 6.23 -14.12 0.49
CA PHE A 13 6.32 -14.95 -0.71
C PHE A 13 5.75 -16.34 -0.45
N PRO A 14 5.35 -17.02 -1.53
CA PRO A 14 4.78 -18.37 -1.45
C PRO A 14 5.82 -19.41 -1.05
N LEU A 15 5.51 -20.67 -1.32
CA LEU A 15 6.42 -21.77 -0.99
C LEU A 15 7.81 -21.52 -1.58
N ASP A 16 7.87 -20.65 -2.57
CA ASP A 16 9.14 -20.33 -3.22
C ASP A 16 9.82 -19.17 -2.52
N VAL A 17 9.49 -18.98 -1.24
CA VAL A 17 10.08 -17.90 -0.44
C VAL A 17 11.48 -18.27 0.01
N GLN A 18 12.48 -17.91 -0.80
CA GLN A 18 13.87 -18.21 -0.49
C GLN A 18 14.79 -17.10 -1.00
N GLU A 19 16.04 -17.13 -0.57
CA GLU A 19 17.02 -16.13 -0.99
C GLU A 19 17.32 -16.25 -2.48
N SER A 20 17.10 -17.44 -3.03
CA SER A 20 17.34 -17.68 -4.45
C SER A 20 16.65 -16.63 -5.31
N GLU A 21 15.34 -16.46 -5.08
CA GLU A 21 14.56 -15.49 -5.84
C GLU A 21 14.96 -14.07 -5.49
N LEU A 22 15.22 -13.84 -4.20
CA LEU A 22 15.62 -12.52 -3.73
C LEU A 22 16.90 -12.05 -4.42
N ASN A 23 17.83 -12.98 -4.62
CA ASN A 23 19.09 -12.66 -5.28
C ASN A 23 18.90 -12.49 -6.78
N GLU A 24 18.08 -13.36 -7.37
CA GLU A 24 17.82 -13.31 -8.81
C GLU A 24 16.95 -12.10 -9.14
N ILE A 25 16.28 -11.55 -8.14
CA ILE A 25 15.43 -10.38 -8.34
C ILE A 25 16.14 -9.10 -7.94
N PHE A 26 16.60 -9.05 -6.70
CA PHE A 26 17.31 -7.88 -6.20
C PHE A 26 18.76 -7.88 -6.64
N GLY A 27 19.16 -8.92 -7.36
CA GLY A 27 20.52 -9.04 -7.83
C GLY A 27 20.96 -7.82 -8.63
N PRO A 28 20.28 -7.56 -9.75
CA PRO A 28 20.58 -6.43 -10.62
C PRO A 28 20.22 -5.09 -9.98
N PHE A 29 20.85 -4.79 -8.84
CA PHE A 29 20.60 -3.55 -8.13
C PHE A 29 21.85 -3.09 -7.38
N GLY A 30 22.54 -4.04 -6.76
CA GLY A 30 23.76 -3.71 -6.02
C GLY A 30 24.20 -4.84 -5.12
N PRO A 31 25.34 -4.65 -4.45
CA PRO A 31 25.90 -5.65 -3.52
C PRO A 31 25.07 -5.81 -2.26
N MET A 32 24.12 -6.72 -2.29
CA MET A 32 23.25 -6.98 -1.14
C MET A 32 24.08 -7.40 0.08
N LYS A 33 24.15 -6.52 1.07
CA LYS A 33 24.91 -6.80 2.28
C LYS A 33 24.36 -8.04 2.98
N GLU A 34 23.04 -8.21 2.94
CA GLU A 34 22.40 -9.36 3.58
C GLU A 34 20.96 -9.50 3.09
N VAL A 35 20.36 -10.66 3.37
CA VAL A 35 19.00 -10.94 2.97
C VAL A 35 18.28 -11.81 3.99
N LYS A 36 16.97 -11.61 4.12
CA LYS A 36 16.17 -12.38 5.07
C LYS A 36 14.84 -12.79 4.45
N ILE A 37 14.49 -14.06 4.60
CA ILE A 37 13.24 -14.57 4.07
C ILE A 37 12.50 -15.41 5.09
N LEU A 38 11.37 -14.88 5.59
CA LEU A 38 10.57 -15.58 6.58
C LEU A 38 9.13 -15.74 6.09
N ASN A 39 8.51 -16.86 6.47
CA ASN A 39 7.14 -17.15 6.06
C ASN A 39 6.19 -16.07 6.61
N GLY A 40 5.92 -15.06 5.80
CA GLY A 40 5.02 -13.99 6.21
C GLY A 40 5.57 -12.62 5.88
N PHE A 41 6.88 -12.53 5.71
CA PHE A 41 7.53 -11.26 5.39
C PHE A 41 8.98 -11.49 4.95
N ALA A 42 9.48 -10.58 4.13
CA ALA A 42 10.85 -10.67 3.63
C ALA A 42 11.61 -9.36 3.87
N PHE A 43 12.93 -9.45 3.91
CA PHE A 43 13.77 -8.28 4.12
C PHE A 43 15.08 -8.39 3.34
N VAL A 44 15.61 -7.25 2.91
CA VAL A 44 16.84 -7.22 2.14
C VAL A 44 17.65 -5.97 2.47
N GLU A 45 18.87 -6.17 2.96
CA GLU A 45 19.75 -5.06 3.30
C GLU A 45 20.89 -4.92 2.29
N PHE A 46 20.87 -3.85 1.52
CA PHE A 46 21.91 -3.61 0.52
C PHE A 46 23.13 -2.97 1.15
N GLU A 47 24.30 -3.21 0.55
CA GLU A 47 25.55 -2.66 1.06
C GLU A 47 25.70 -1.20 0.65
N GLU A 48 24.72 -0.69 -0.08
CA GLU A 48 24.75 0.69 -0.54
C GLU A 48 23.36 1.32 -0.46
N ALA A 49 23.27 2.45 0.25
CA ALA A 49 22.00 3.15 0.40
C ALA A 49 21.33 3.38 -0.96
N GLU A 50 22.13 3.77 -1.95
CA GLU A 50 21.62 4.03 -3.29
C GLU A 50 20.94 2.79 -3.86
N SER A 51 21.63 1.66 -3.83
CA SER A 51 21.09 0.41 -4.34
C SER A 51 19.76 0.08 -3.68
N ALA A 52 19.67 0.34 -2.38
CA ALA A 52 18.46 0.07 -1.62
C ALA A 52 17.34 1.05 -2.02
N ALA A 53 17.64 2.33 -1.98
CA ALA A 53 16.67 3.36 -2.34
C ALA A 53 16.08 3.10 -3.73
N LYS A 54 16.91 2.55 -4.62
CA LYS A 54 16.47 2.24 -5.97
C LYS A 54 15.58 1.00 -6.00
N ALA A 55 16.10 -0.09 -5.44
CA ALA A 55 15.36 -1.35 -5.40
C ALA A 55 13.97 -1.14 -4.80
N ILE A 56 13.86 -0.20 -3.86
CA ILE A 56 12.60 0.09 -3.21
C ILE A 56 11.60 0.68 -4.20
N GLU A 57 12.08 1.50 -5.12
CA GLU A 57 11.22 2.11 -6.13
C GLU A 57 11.18 1.27 -7.39
N GLU A 58 12.04 0.27 -7.46
CA GLU A 58 12.09 -0.62 -8.62
C GLU A 58 11.25 -1.88 -8.38
N VAL A 59 11.64 -2.66 -7.38
CA VAL A 59 10.92 -3.88 -7.05
C VAL A 59 9.46 -3.60 -6.72
N HIS A 60 9.22 -2.52 -5.99
CA HIS A 60 7.86 -2.13 -5.62
C HIS A 60 6.98 -1.96 -6.85
N GLY A 61 5.91 -2.74 -6.92
CA GLY A 61 5.01 -2.67 -8.05
C GLY A 61 5.31 -3.71 -9.11
N LYS A 62 6.22 -4.63 -8.78
CA LYS A 62 6.60 -5.69 -9.71
C LYS A 62 5.63 -6.87 -9.61
N SER A 63 5.92 -7.94 -10.34
CA SER A 63 5.08 -9.12 -10.34
C SER A 63 5.89 -10.36 -9.96
N PHE A 64 5.25 -11.30 -9.27
CA PHE A 64 5.90 -12.53 -8.85
C PHE A 64 4.90 -13.51 -8.26
N ALA A 65 4.96 -14.76 -8.70
CA ALA A 65 4.07 -15.80 -8.22
C ALA A 65 2.61 -15.46 -8.53
N ASN A 66 2.39 -14.87 -9.71
CA ASN A 66 1.05 -14.47 -10.12
C ASN A 66 0.43 -13.51 -9.14
N GLN A 67 1.27 -12.67 -8.54
CA GLN A 67 0.80 -11.68 -7.57
C GLN A 67 1.69 -10.45 -7.57
N PRO A 68 1.08 -9.28 -7.30
CA PRO A 68 1.81 -8.00 -7.26
C PRO A 68 2.75 -7.90 -6.07
N LEU A 69 4.03 -7.66 -6.34
CA LEU A 69 5.03 -7.54 -5.30
C LEU A 69 4.99 -6.16 -4.65
N GLU A 70 5.59 -6.04 -3.47
CA GLU A 70 5.62 -4.78 -2.75
C GLU A 70 6.86 -4.69 -1.87
N VAL A 71 7.60 -3.59 -2.01
CA VAL A 71 8.82 -3.38 -1.22
C VAL A 71 8.89 -1.94 -0.72
N VAL A 72 9.34 -1.79 0.52
CA VAL A 72 9.47 -0.46 1.12
C VAL A 72 10.70 -0.38 2.02
N TYR A 73 11.01 0.82 2.49
CA TYR A 73 12.16 1.04 3.36
C TYR A 73 11.91 0.43 4.74
N SER A 74 12.50 -0.70 5.09
CA SER A 74 12.24 -1.26 6.45
C SER A 74 12.21 -0.14 7.54
N LYS A 75 11.02 0.46 7.75
CA LYS A 75 10.85 1.56 8.74
C LYS A 75 9.36 1.94 8.92
N LEU A 76 9.07 2.77 9.94
CA LEU A 76 7.69 3.20 10.25
C LEU A 76 7.57 4.76 10.36
N PRO A 77 6.50 5.37 9.75
CA PRO A 77 6.26 6.83 9.79
C PRO A 77 5.20 7.25 10.81
N ALA A 78 4.49 8.37 10.54
CA ALA A 78 3.46 8.86 11.46
C ALA A 78 2.40 9.73 10.74
N LYS A 79 1.13 9.59 11.17
CA LYS A 79 0.01 10.37 10.61
C LYS A 79 -0.17 10.13 9.10
N ARG A 80 -1.40 10.30 8.58
CA ARG A 80 -1.64 10.06 7.16
C ARG A 80 -2.89 10.81 6.68
N TYR A 81 -3.20 10.64 5.40
CA TYR A 81 -4.38 11.29 4.82
C TYR A 81 -5.17 10.31 3.95
N ARG A 82 -5.35 9.10 4.46
CA ARG A 82 -6.09 8.07 3.75
C ARG A 82 -7.22 7.50 4.60
N ILE A 83 -8.26 7.01 3.95
CA ILE A 83 -9.40 6.44 4.65
C ILE A 83 -9.99 5.26 3.89
N THR A 84 -10.74 4.41 4.59
CA THR A 84 -11.35 3.24 3.98
C THR A 84 -12.87 3.33 4.04
N MET A 85 -13.53 2.85 2.99
CA MET A 85 -14.98 2.87 2.92
C MET A 85 -15.57 1.51 3.29
N LYS A 86 -16.83 1.50 3.71
CA LYS A 86 -17.51 0.27 4.09
C LYS A 86 -18.98 0.34 3.74
N ASN A 87 -19.58 -0.83 3.51
CA ASN A 87 -21.00 -0.91 3.16
C ASN A 87 -21.26 -0.30 1.79
N LEU A 88 -20.35 -0.54 0.86
CA LEU A 88 -20.48 -0.02 -0.49
C LEU A 88 -20.49 -1.15 -1.52
N PRO A 89 -21.53 -1.99 -1.46
CA PRO A 89 -21.69 -3.13 -2.37
C PRO A 89 -22.00 -2.68 -3.80
N GLU A 90 -21.04 -2.03 -4.44
CA GLU A 90 -21.22 -1.54 -5.80
C GLU A 90 -19.95 -1.76 -6.62
N GLY A 91 -20.09 -1.70 -7.94
CA GLY A 91 -18.95 -1.90 -8.80
C GLY A 91 -18.07 -0.66 -8.93
N CYS A 92 -18.51 0.52 -8.60
CA CYS A 92 -17.70 1.70 -8.91
C CYS A 92 -16.47 1.33 -9.71
N SER A 93 -15.36 1.43 -9.01
CA SER A 93 -13.94 1.16 -9.14
C SER A 93 -13.13 2.43 -8.86
N TRP A 94 -11.81 2.29 -8.84
CA TRP A 94 -10.93 3.43 -8.60
C TRP A 94 -11.35 4.63 -9.44
N GLN A 95 -11.68 4.38 -10.70
CA GLN A 95 -12.11 5.44 -11.60
C GLN A 95 -13.40 6.10 -11.11
N ASP A 96 -14.35 5.27 -10.68
CA ASP A 96 -15.63 5.77 -10.19
C ASP A 96 -15.42 6.64 -8.95
N LEU A 97 -14.91 6.03 -7.89
CA LEU A 97 -14.67 6.74 -6.64
C LEU A 97 -13.84 8.00 -6.88
N LYS A 98 -12.91 7.91 -7.81
CA LYS A 98 -12.05 9.05 -8.14
C LYS A 98 -12.84 10.14 -8.83
N ASP A 99 -13.79 9.75 -9.67
CA ASP A 99 -14.63 10.70 -10.39
C ASP A 99 -15.52 11.48 -9.43
N LEU A 100 -16.25 10.76 -8.59
CA LEU A 100 -17.15 11.38 -7.62
C LEU A 100 -16.37 12.15 -6.57
N ALA A 101 -15.19 11.64 -6.21
CA ALA A 101 -14.35 12.29 -5.22
C ALA A 101 -13.87 13.66 -5.71
N ARG A 102 -13.34 13.70 -6.93
CA ARG A 102 -12.85 14.94 -7.51
C ARG A 102 -14.01 15.88 -7.81
N GLU A 103 -15.17 15.31 -8.13
CA GLU A 103 -16.35 16.11 -8.44
C GLU A 103 -17.01 16.63 -7.17
N ASN A 104 -16.76 15.95 -6.06
CA ASN A 104 -17.32 16.35 -4.78
C ASN A 104 -16.37 17.28 -4.02
N SER A 105 -15.46 17.91 -4.76
CA SER A 105 -14.49 18.82 -4.17
C SER A 105 -13.50 18.06 -3.29
N LEU A 106 -13.07 16.89 -3.77
CA LEU A 106 -12.13 16.07 -3.02
C LEU A 106 -11.10 15.43 -3.96
N GLU A 107 -9.90 15.98 -3.97
CA GLU A 107 -8.82 15.47 -4.82
C GLU A 107 -8.04 14.40 -4.11
N THR A 108 -7.83 13.27 -4.79
CA THR A 108 -7.09 12.15 -4.21
C THR A 108 -5.87 11.80 -5.07
N THR A 109 -4.84 11.26 -4.42
CA THR A 109 -3.62 10.88 -5.13
C THR A 109 -3.51 9.37 -5.26
N PHE A 110 -4.30 8.65 -4.48
CA PHE A 110 -4.28 7.20 -4.50
C PHE A 110 -5.67 6.63 -4.21
N SER A 111 -6.01 5.53 -4.87
CA SER A 111 -7.31 4.90 -4.69
C SER A 111 -7.19 3.39 -4.79
N SER A 112 -8.15 2.68 -4.22
CA SER A 112 -8.16 1.22 -4.25
C SER A 112 -9.52 0.67 -3.84
N VAL A 113 -9.90 -0.46 -4.42
CA VAL A 113 -11.18 -1.10 -4.12
C VAL A 113 -11.04 -2.61 -4.01
N ASN A 114 -12.10 -3.26 -3.56
CA ASN A 114 -12.09 -4.72 -3.41
C ASN A 114 -13.26 -5.34 -4.16
N THR A 115 -12.98 -5.84 -5.36
CA THR A 115 -14.01 -6.47 -6.18
C THR A 115 -13.92 -7.99 -6.11
N ARG A 116 -12.75 -8.50 -5.73
CA ARG A 116 -12.52 -9.93 -5.62
C ARG A 116 -13.61 -10.58 -4.75
N ASP A 117 -14.02 -9.87 -3.70
CA ASP A 117 -15.05 -10.38 -2.80
C ASP A 117 -16.25 -9.46 -2.78
N PHE A 118 -17.29 -9.85 -2.05
CA PHE A 118 -18.51 -9.06 -1.96
C PHE A 118 -18.55 -8.28 -0.65
N ASP A 119 -17.38 -8.00 -0.10
CA ASP A 119 -17.28 -7.25 1.16
C ASP A 119 -17.73 -5.81 0.96
N GLY A 120 -17.61 -5.32 -0.26
CA GLY A 120 -18.01 -3.94 -0.55
C GLY A 120 -17.26 -2.94 0.28
N THR A 121 -15.94 -2.91 0.13
CA THR A 121 -15.10 -1.98 0.87
C THR A 121 -13.98 -1.42 0.00
N GLY A 122 -13.73 -0.12 0.13
CA GLY A 122 -12.69 0.52 -0.66
C GLY A 122 -11.75 1.34 0.19
N ALA A 123 -10.81 2.02 -0.45
CA ALA A 123 -9.85 2.86 0.25
C ALA A 123 -9.32 3.98 -0.65
N LEU A 124 -9.28 5.19 -0.11
CA LEU A 124 -8.81 6.35 -0.87
C LEU A 124 -7.83 7.17 -0.03
N GLU A 125 -7.02 7.98 -0.71
CA GLU A 125 -6.04 8.82 -0.03
C GLU A 125 -5.94 10.18 -0.70
N PHE A 126 -5.80 11.22 0.11
CA PHE A 126 -5.70 12.59 -0.40
C PHE A 126 -4.32 13.17 -0.13
N PRO A 127 -3.92 14.15 -0.95
CA PRO A 127 -2.61 14.80 -0.82
C PRO A 127 -2.52 15.68 0.41
N SER A 128 -3.67 16.13 0.90
CA SER A 128 -3.72 16.99 2.09
C SER A 128 -4.72 16.44 3.10
N GLU A 129 -4.54 16.83 4.36
CA GLU A 129 -5.43 16.38 5.43
C GLU A 129 -6.78 17.07 5.35
N GLU A 130 -6.78 18.33 4.90
CA GLU A 130 -8.00 19.10 4.77
C GLU A 130 -9.04 18.34 3.96
N ILE A 131 -8.62 17.79 2.83
CA ILE A 131 -9.52 17.03 1.97
C ILE A 131 -9.92 15.71 2.61
N LEU A 132 -9.00 15.14 3.40
CA LEU A 132 -9.27 13.87 4.07
C LEU A 132 -10.39 14.03 5.11
N VAL A 133 -10.18 14.95 6.05
CA VAL A 133 -11.17 15.19 7.10
C VAL A 133 -12.49 15.67 6.50
N GLU A 134 -12.40 16.53 5.50
CA GLU A 134 -13.60 17.06 4.84
C GLU A 134 -14.35 15.96 4.10
N ALA A 135 -13.63 15.22 3.26
CA ALA A 135 -14.23 14.13 2.50
C ALA A 135 -14.75 13.03 3.41
N LEU A 136 -14.06 12.84 4.54
CA LEU A 136 -14.46 11.82 5.51
C LEU A 136 -15.75 12.20 6.20
N GLU A 137 -15.88 13.49 6.53
CA GLU A 137 -17.09 13.98 7.20
C GLU A 137 -18.21 14.21 6.21
N ARG A 138 -17.85 14.34 4.93
CA ARG A 138 -18.84 14.56 3.88
C ARG A 138 -19.30 13.24 3.28
N LEU A 139 -18.46 12.21 3.42
CA LEU A 139 -18.78 10.89 2.88
C LEU A 139 -19.34 9.99 3.97
N ASN A 140 -18.90 10.21 5.21
CA ASN A 140 -19.38 9.41 6.34
C ASN A 140 -20.90 9.36 6.38
N ASN A 141 -21.45 8.14 6.32
CA ASN A 141 -22.89 7.96 6.35
C ASN A 141 -23.55 8.65 5.16
N ILE A 142 -23.61 7.96 4.03
CA ILE A 142 -24.22 8.51 2.83
C ILE A 142 -25.03 7.45 2.08
N GLU A 143 -26.18 7.84 1.55
CA GLU A 143 -27.04 6.92 0.82
C GLU A 143 -26.65 6.89 -0.66
N PHE A 144 -26.45 5.68 -1.18
CA PHE A 144 -26.07 5.51 -2.58
C PHE A 144 -26.49 4.14 -3.08
N ARG A 145 -27.31 4.12 -4.13
CA ARG A 145 -27.78 2.87 -4.71
C ARG A 145 -28.57 2.06 -3.69
N GLY A 146 -29.27 2.75 -2.81
CA GLY A 146 -30.06 2.09 -1.78
C GLY A 146 -29.20 1.52 -0.67
N SER A 147 -27.93 1.87 -0.67
CA SER A 147 -27.00 1.39 0.35
C SER A 147 -26.31 2.55 1.07
N VAL A 148 -26.19 2.43 2.39
CA VAL A 148 -25.56 3.47 3.19
C VAL A 148 -24.06 3.21 3.35
N ILE A 149 -23.25 3.94 2.60
CA ILE A 149 -21.80 3.78 2.66
C ILE A 149 -21.21 4.68 3.75
N THR A 150 -20.15 4.18 4.38
CA THR A 150 -19.48 4.93 5.45
C THR A 150 -17.96 4.93 5.25
N VAL A 151 -17.32 6.00 5.69
CA VAL A 151 -15.87 6.13 5.57
C VAL A 151 -15.21 6.26 6.93
N GLU A 152 -14.11 5.54 7.12
CA GLU A 152 -13.38 5.59 8.39
C GLU A 152 -11.89 5.42 8.17
N ARG A 153 -11.09 6.31 8.75
CA ARG A 153 -9.65 6.26 8.62
C ARG A 153 -9.08 5.02 9.30
N ASP A 154 -8.02 4.46 8.73
CA ASP A 154 -7.39 3.28 9.29
C ASP A 154 -5.86 3.36 9.15
N ASP A 155 -5.19 3.67 10.25
CA ASP A 155 -3.74 3.78 10.25
C ASP A 155 -3.10 2.48 10.72
N ASN A 156 -2.25 1.91 9.87
CA ASN A 156 -1.57 0.66 10.20
C ASN A 156 -0.06 0.78 9.95
N PRO A 157 0.65 1.53 10.82
CA PRO A 157 2.10 1.69 10.69
C PRO A 157 2.84 0.52 11.33
N PRO A 158 3.64 -0.24 10.54
CA PRO A 158 4.41 -1.39 11.02
C PRO A 158 4.89 -1.25 12.46
N PRO A 159 4.88 -2.36 13.23
CA PRO A 159 5.32 -2.36 14.63
C PRO A 159 6.70 -1.73 14.79
N ILE A 160 6.94 -1.10 15.94
CA ILE A 160 8.23 -0.46 16.21
C ILE A 160 9.37 -1.46 16.21
N ARG A 161 9.06 -2.71 16.56
CA ARG A 161 10.06 -3.77 16.60
C ARG A 161 11.19 -3.38 17.56
N GLY A 1 17.08 12.35 8.01
CA GLY A 1 17.58 10.95 8.12
C GLY A 1 18.44 10.74 9.35
N GLU A 2 18.12 9.71 10.14
CA GLU A 2 18.87 9.44 11.35
C GLU A 2 19.11 7.94 11.54
N LEU A 3 18.11 7.12 11.18
CA LEU A 3 18.26 5.66 11.33
C LEU A 3 18.11 4.95 9.99
N SER A 4 16.86 4.77 9.55
CA SER A 4 16.60 4.10 8.28
C SER A 4 17.56 4.56 7.20
N ASN A 5 18.13 3.61 6.48
CA ASN A 5 19.10 3.94 5.44
C ASN A 5 19.31 2.76 4.51
N THR A 6 19.30 1.55 5.07
CA THR A 6 19.50 0.34 4.29
C THR A 6 18.64 -0.80 4.81
N ARG A 7 17.42 -0.91 4.30
CA ARG A 7 16.51 -1.97 4.72
C ARG A 7 15.17 -1.85 3.99
N LEU A 8 14.83 -2.89 3.23
CA LEU A 8 13.59 -2.91 2.47
C LEU A 8 12.73 -4.12 2.86
N PHE A 9 11.49 -3.85 3.26
CA PHE A 9 10.58 -4.92 3.66
C PHE A 9 9.71 -5.36 2.48
N VAL A 10 9.77 -6.64 2.16
CA VAL A 10 8.98 -7.19 1.06
C VAL A 10 7.76 -7.96 1.57
N ARG A 11 6.84 -8.24 0.67
CA ARG A 11 5.63 -8.97 1.03
C ARG A 11 5.91 -10.46 1.19
N PRO A 12 4.94 -11.20 1.73
CA PRO A 12 5.06 -12.65 1.95
C PRO A 12 5.07 -13.43 0.65
N PHE A 13 6.12 -14.21 0.44
CA PHE A 13 6.25 -15.02 -0.77
C PHE A 13 5.72 -16.43 -0.54
N PRO A 14 5.36 -17.11 -1.64
CA PRO A 14 4.83 -18.47 -1.58
C PRO A 14 5.90 -19.49 -1.19
N LEU A 15 5.62 -20.76 -1.47
CA LEU A 15 6.56 -21.83 -1.16
C LEU A 15 7.95 -21.54 -1.73
N ASP A 16 7.99 -20.65 -2.71
CA ASP A 16 9.26 -20.27 -3.34
C ASP A 16 9.90 -19.11 -2.61
N VAL A 17 9.55 -18.95 -1.33
CA VAL A 17 10.10 -17.87 -0.52
C VAL A 17 11.52 -18.20 -0.06
N GLN A 18 12.50 -17.80 -0.86
CA GLN A 18 13.90 -18.06 -0.53
C GLN A 18 14.79 -16.92 -1.02
N GLU A 19 16.04 -16.91 -0.58
CA GLU A 19 16.99 -15.88 -0.97
C GLU A 19 17.30 -15.96 -2.46
N SER A 20 17.12 -17.15 -3.03
CA SER A 20 17.40 -17.36 -4.45
C SER A 20 16.67 -16.33 -5.30
N GLU A 21 15.35 -16.20 -5.09
CA GLU A 21 14.55 -15.25 -5.84
C GLU A 21 14.91 -13.81 -5.45
N LEU A 22 15.15 -13.59 -4.16
CA LEU A 22 15.51 -12.27 -3.67
C LEU A 22 16.77 -11.75 -4.34
N ASN A 23 17.73 -12.65 -4.55
CA ASN A 23 18.99 -12.28 -5.18
C ASN A 23 18.81 -12.09 -6.69
N GLU A 24 18.02 -12.98 -7.30
CA GLU A 24 17.76 -12.92 -8.73
C GLU A 24 16.87 -11.73 -9.07
N ILE A 25 16.18 -11.21 -8.06
CA ILE A 25 15.29 -10.08 -8.25
C ILE A 25 15.97 -8.77 -7.83
N PHE A 26 16.42 -8.72 -6.57
CA PHE A 26 17.08 -7.54 -6.04
C PHE A 26 18.54 -7.50 -6.47
N GLY A 27 18.96 -8.52 -7.21
CA GLY A 27 20.34 -8.57 -7.66
C GLY A 27 20.75 -7.34 -8.45
N PRO A 28 20.06 -7.09 -9.56
CA PRO A 28 20.34 -5.93 -10.42
C PRO A 28 19.94 -4.62 -9.76
N PHE A 29 20.55 -4.32 -8.62
CA PHE A 29 20.25 -3.10 -7.89
C PHE A 29 21.49 -2.61 -7.12
N GLY A 30 22.20 -3.55 -6.50
CA GLY A 30 23.38 -3.19 -5.76
C GLY A 30 23.86 -4.32 -4.86
N PRO A 31 24.99 -4.10 -4.17
CA PRO A 31 25.58 -5.10 -3.26
C PRO A 31 24.73 -5.30 -2.01
N MET A 32 23.81 -6.25 -2.07
CA MET A 32 22.94 -6.55 -0.93
C MET A 32 23.77 -6.96 0.30
N LYS A 33 23.81 -6.09 1.29
CA LYS A 33 24.56 -6.37 2.52
C LYS A 33 24.05 -7.64 3.20
N GLU A 34 22.73 -7.84 3.14
CA GLU A 34 22.12 -9.01 3.75
C GLU A 34 20.70 -9.20 3.25
N VAL A 35 20.13 -10.38 3.51
CA VAL A 35 18.77 -10.68 3.09
C VAL A 35 18.07 -11.60 4.10
N LYS A 36 16.76 -11.44 4.21
CA LYS A 36 15.98 -12.24 5.14
C LYS A 36 14.66 -12.68 4.50
N ILE A 37 14.34 -13.97 4.63
CA ILE A 37 13.11 -14.51 4.07
C ILE A 37 12.39 -15.39 5.08
N LEU A 38 11.25 -14.91 5.56
CA LEU A 38 10.46 -15.64 6.55
C LEU A 38 9.03 -15.84 6.04
N ASN A 39 8.44 -16.98 6.39
CA ASN A 39 7.08 -17.29 5.98
C ASN A 39 6.09 -16.27 6.53
N GLY A 40 5.80 -15.24 5.73
CA GLY A 40 4.87 -14.21 6.16
C GLY A 40 5.38 -12.82 5.84
N PHE A 41 6.69 -12.69 5.69
CA PHE A 41 7.30 -11.40 5.39
C PHE A 41 8.76 -11.57 4.96
N ALA A 42 9.24 -10.63 4.16
CA ALA A 42 10.62 -10.68 3.68
C ALA A 42 11.34 -9.35 3.93
N PHE A 43 12.66 -9.40 3.99
CA PHE A 43 13.46 -8.21 4.23
C PHE A 43 14.78 -8.27 3.45
N VAL A 44 15.27 -7.10 3.05
CA VAL A 44 16.52 -7.03 2.29
C VAL A 44 17.28 -5.75 2.64
N GLU A 45 18.51 -5.93 3.14
CA GLU A 45 19.35 -4.79 3.51
C GLU A 45 20.50 -4.61 2.52
N PHE A 46 20.45 -3.53 1.76
CA PHE A 46 21.48 -3.24 0.77
C PHE A 46 22.69 -2.58 1.42
N GLU A 47 23.86 -2.77 0.84
CA GLU A 47 25.09 -2.20 1.37
C GLU A 47 25.21 -0.72 0.98
N GLU A 48 24.21 -0.23 0.24
CA GLU A 48 24.21 1.15 -0.19
C GLU A 48 22.80 1.74 -0.12
N ALA A 49 22.66 2.85 0.61
CA ALA A 49 21.38 3.51 0.75
C ALA A 49 20.71 3.74 -0.60
N GLU A 50 21.51 4.18 -1.58
CA GLU A 50 21.00 4.44 -2.92
C GLU A 50 20.36 3.19 -3.51
N SER A 51 21.10 2.08 -3.50
CA SER A 51 20.59 0.83 -4.03
C SER A 51 19.27 0.45 -3.38
N ALA A 52 19.16 0.68 -2.08
CA ALA A 52 17.94 0.37 -1.34
C ALA A 52 16.81 1.31 -1.73
N ALA A 53 17.07 2.61 -1.68
CA ALA A 53 16.07 3.61 -2.03
C ALA A 53 15.50 3.35 -3.43
N LYS A 54 16.35 2.84 -4.31
CA LYS A 54 15.93 2.54 -5.68
C LYS A 54 15.09 1.28 -5.73
N ALA A 55 15.63 0.19 -5.19
CA ALA A 55 14.91 -1.08 -5.17
C ALA A 55 13.52 -0.93 -4.58
N ILE A 56 13.38 -0.01 -3.63
CA ILE A 56 12.10 0.24 -2.99
C ILE A 56 11.09 0.80 -3.97
N GLU A 57 11.57 1.65 -4.88
CA GLU A 57 10.70 2.25 -5.89
C GLU A 57 10.68 1.44 -7.16
N GLU A 58 11.58 0.45 -7.24
CA GLU A 58 11.66 -0.41 -8.41
C GLU A 58 10.86 -1.69 -8.20
N VAL A 59 11.26 -2.48 -7.20
CA VAL A 59 10.58 -3.72 -6.89
C VAL A 59 9.11 -3.49 -6.58
N HIS A 60 8.82 -2.43 -5.84
CA HIS A 60 7.46 -2.08 -5.47
C HIS A 60 6.58 -1.93 -6.71
N GLY A 61 5.53 -2.74 -6.80
CA GLY A 61 4.64 -2.68 -7.95
C GLY A 61 4.98 -3.70 -9.00
N LYS A 62 5.92 -4.59 -8.70
CA LYS A 62 6.33 -5.62 -9.63
C LYS A 62 5.41 -6.83 -9.55
N SER A 63 5.73 -7.88 -10.30
CA SER A 63 4.93 -9.09 -10.32
C SER A 63 5.77 -10.31 -9.96
N PHE A 64 5.15 -11.27 -9.29
CA PHE A 64 5.85 -12.50 -8.89
C PHE A 64 4.86 -13.51 -8.32
N ALA A 65 4.97 -14.76 -8.78
CA ALA A 65 4.09 -15.83 -8.32
C ALA A 65 2.63 -15.52 -8.64
N ASN A 66 2.40 -14.92 -9.80
CA ASN A 66 1.06 -14.56 -10.23
C ASN A 66 0.40 -13.64 -9.23
N GLN A 67 1.20 -12.78 -8.62
CA GLN A 67 0.69 -11.82 -7.63
C GLN A 67 1.56 -10.55 -7.61
N PRO A 68 0.91 -9.41 -7.32
CA PRO A 68 1.60 -8.11 -7.26
C PRO A 68 2.53 -8.01 -6.05
N LEU A 69 3.80 -7.72 -6.32
CA LEU A 69 4.78 -7.59 -5.26
C LEU A 69 4.70 -6.22 -4.59
N GLU A 70 5.29 -6.10 -3.41
CA GLU A 70 5.27 -4.85 -2.67
C GLU A 70 6.50 -4.72 -1.77
N VAL A 71 7.21 -3.61 -1.89
CA VAL A 71 8.40 -3.38 -1.09
C VAL A 71 8.44 -1.94 -0.56
N VAL A 72 8.87 -1.79 0.69
CA VAL A 72 8.96 -0.47 1.31
C VAL A 72 10.17 -0.37 2.22
N TYR A 73 10.45 0.83 2.70
CA TYR A 73 11.58 1.06 3.59
C TYR A 73 11.33 0.43 4.97
N SER A 74 11.92 -0.75 5.20
CA SER A 74 11.74 -1.51 6.46
C SER A 74 11.38 -0.65 7.70
N LYS A 75 11.88 0.58 7.78
CA LYS A 75 11.59 1.45 8.94
C LYS A 75 10.12 1.88 9.03
N LEU A 76 9.85 2.84 9.93
CA LEU A 76 8.50 3.35 10.16
C LEU A 76 8.24 4.71 9.52
N PRO A 77 6.95 5.00 9.21
CA PRO A 77 6.51 6.26 8.66
C PRO A 77 5.93 7.17 9.75
N ALA A 78 4.83 7.86 9.44
CA ALA A 78 4.17 8.75 10.39
C ALA A 78 2.68 8.91 10.03
N LYS A 79 2.06 9.99 10.49
CA LYS A 79 0.63 10.26 10.20
C LYS A 79 0.36 10.03 8.71
N ARG A 80 -0.92 9.87 8.32
CA ARG A 80 -1.19 9.63 6.91
C ARG A 80 -2.42 10.39 6.44
N TYR A 81 -2.76 10.23 5.16
CA TYR A 81 -3.92 10.89 4.60
C TYR A 81 -4.75 9.93 3.75
N ARG A 82 -4.96 8.72 4.28
CA ARG A 82 -5.73 7.71 3.58
C ARG A 82 -6.86 7.18 4.45
N ILE A 83 -7.92 6.70 3.82
CA ILE A 83 -9.07 6.17 4.55
C ILE A 83 -9.69 4.99 3.81
N THR A 84 -10.45 4.18 4.52
CA THR A 84 -11.11 3.02 3.94
C THR A 84 -12.63 3.14 4.01
N MET A 85 -13.31 2.67 2.98
CA MET A 85 -14.76 2.72 2.94
C MET A 85 -15.37 1.38 3.32
N LYS A 86 -16.62 1.42 3.76
CA LYS A 86 -17.32 0.20 4.17
C LYS A 86 -18.81 0.30 3.84
N ASN A 87 -19.44 -0.85 3.62
CA ASN A 87 -20.86 -0.90 3.30
C ASN A 87 -21.13 -0.29 1.93
N LEU A 88 -20.24 -0.57 0.99
CA LEU A 88 -20.38 -0.06 -0.37
C LEU A 88 -20.44 -1.20 -1.39
N PRO A 89 -21.50 -2.01 -1.30
CA PRO A 89 -21.70 -3.15 -2.20
C PRO A 89 -22.03 -2.71 -3.63
N GLU A 90 -21.06 -2.08 -4.28
CA GLU A 90 -21.24 -1.60 -5.65
C GLU A 90 -19.99 -1.87 -6.49
N GLY A 91 -20.15 -1.82 -7.80
CA GLY A 91 -19.03 -2.04 -8.69
C GLY A 91 -18.11 -0.83 -8.83
N CYS A 92 -18.51 0.36 -8.52
CA CYS A 92 -17.69 1.52 -8.84
C CYS A 92 -16.49 1.11 -9.67
N SER A 93 -15.36 1.19 -8.98
CA SER A 93 -13.94 0.89 -9.13
C SER A 93 -13.10 2.14 -8.87
N TRP A 94 -11.78 1.97 -8.87
CA TRP A 94 -10.87 3.09 -8.66
C TRP A 94 -11.27 4.29 -9.50
N GLN A 95 -11.64 4.03 -10.75
CA GLN A 95 -12.05 5.11 -11.66
C GLN A 95 -13.31 5.79 -11.14
N ASP A 96 -14.27 5.00 -10.70
CA ASP A 96 -15.53 5.54 -10.19
C ASP A 96 -15.30 6.40 -8.96
N LEU A 97 -14.78 5.79 -7.90
CA LEU A 97 -14.51 6.51 -6.66
C LEU A 97 -13.65 7.75 -6.93
N LYS A 98 -12.72 7.62 -7.87
CA LYS A 98 -11.84 8.73 -8.22
C LYS A 98 -12.62 9.84 -8.91
N ASP A 99 -13.59 9.47 -9.73
CA ASP A 99 -14.42 10.44 -10.45
C ASP A 99 -15.28 11.24 -9.48
N LEU A 100 -16.01 10.54 -8.62
CA LEU A 100 -16.88 11.19 -7.65
C LEU A 100 -16.05 11.96 -6.62
N ALA A 101 -14.90 11.42 -6.27
CA ALA A 101 -14.01 12.06 -5.30
C ALA A 101 -13.52 13.41 -5.81
N ARG A 102 -13.00 13.43 -7.03
CA ARG A 102 -12.50 14.65 -7.64
C ARG A 102 -13.64 15.62 -7.93
N GLU A 103 -14.81 15.07 -8.23
CA GLU A 103 -15.98 15.90 -8.53
C GLU A 103 -16.60 16.45 -7.24
N ASN A 104 -16.35 15.77 -6.13
CA ASN A 104 -16.89 16.19 -4.84
C ASN A 104 -15.89 17.10 -4.12
N SER A 105 -14.99 17.70 -4.87
CA SER A 105 -13.98 18.59 -4.30
C SER A 105 -13.00 17.82 -3.44
N LEU A 106 -12.61 16.63 -3.90
CA LEU A 106 -11.68 15.80 -3.17
C LEU A 106 -10.68 15.12 -4.12
N GLU A 107 -9.46 15.65 -4.15
CA GLU A 107 -8.41 15.11 -5.00
C GLU A 107 -7.64 14.01 -4.30
N THR A 108 -7.47 12.87 -4.97
CA THR A 108 -6.75 11.74 -4.40
C THR A 108 -5.55 11.36 -5.27
N THR A 109 -4.53 10.80 -4.64
CA THR A 109 -3.32 10.39 -5.36
C THR A 109 -3.25 8.87 -5.48
N PHE A 110 -4.05 8.18 -4.68
CA PHE A 110 -4.07 6.72 -4.69
C PHE A 110 -5.47 6.20 -4.36
N SER A 111 -5.84 5.10 -5.02
CA SER A 111 -7.15 4.50 -4.80
C SER A 111 -7.08 2.98 -4.91
N SER A 112 -8.05 2.30 -4.31
CA SER A 112 -8.10 0.85 -4.32
C SER A 112 -9.47 0.34 -3.89
N VAL A 113 -9.88 -0.79 -4.46
CA VAL A 113 -11.17 -1.39 -4.12
C VAL A 113 -11.06 -2.91 -4.01
N ASN A 114 -12.12 -3.53 -3.54
CA ASN A 114 -12.15 -4.99 -3.37
C ASN A 114 -13.34 -5.60 -4.09
N THR A 115 -13.10 -6.10 -5.30
CA THR A 115 -14.16 -6.72 -6.11
C THR A 115 -14.10 -8.23 -6.01
N ARG A 116 -12.94 -8.76 -5.65
CA ARG A 116 -12.75 -10.20 -5.53
C ARG A 116 -13.85 -10.81 -4.64
N ASP A 117 -14.21 -10.09 -3.59
CA ASP A 117 -15.24 -10.56 -2.67
C ASP A 117 -16.42 -9.61 -2.64
N PHE A 118 -17.46 -9.97 -1.89
CA PHE A 118 -18.65 -9.16 -1.78
C PHE A 118 -18.66 -8.36 -0.48
N ASP A 119 -17.48 -8.10 0.05
CA ASP A 119 -17.34 -7.35 1.30
C ASP A 119 -17.75 -5.90 1.10
N GLY A 120 -17.64 -5.42 -0.14
CA GLY A 120 -18.01 -4.05 -0.43
C GLY A 120 -17.22 -3.04 0.38
N THR A 121 -15.91 -3.05 0.20
CA THR A 121 -15.03 -2.13 0.93
C THR A 121 -13.92 -1.61 0.04
N GLY A 122 -13.64 -0.31 0.15
CA GLY A 122 -12.58 0.29 -0.66
C GLY A 122 -11.61 1.10 0.17
N ALA A 123 -10.67 1.76 -0.50
CA ALA A 123 -9.67 2.56 0.18
C ALA A 123 -9.13 3.66 -0.73
N LEU A 124 -9.06 4.87 -0.21
CA LEU A 124 -8.56 6.02 -0.97
C LEU A 124 -7.55 6.82 -0.17
N GLU A 125 -6.73 7.60 -0.85
CA GLU A 125 -5.72 8.42 -0.20
C GLU A 125 -5.60 9.79 -0.89
N PHE A 126 -5.42 10.83 -0.08
CA PHE A 126 -5.29 12.18 -0.61
C PHE A 126 -3.89 12.73 -0.37
N PRO A 127 -3.48 13.69 -1.21
CA PRO A 127 -2.16 14.32 -1.11
C PRO A 127 -2.02 15.21 0.13
N SER A 128 -3.16 15.68 0.62
CA SER A 128 -3.17 16.55 1.80
C SER A 128 -4.16 16.04 2.84
N GLU A 129 -3.96 16.44 4.09
CA GLU A 129 -4.84 16.01 5.18
C GLU A 129 -6.18 16.74 5.11
N GLU A 130 -6.15 17.99 4.65
CA GLU A 130 -7.36 18.80 4.53
C GLU A 130 -8.43 18.05 3.75
N ILE A 131 -8.04 17.49 2.61
CA ILE A 131 -8.97 16.74 1.76
C ILE A 131 -9.38 15.43 2.43
N LEU A 132 -8.48 14.86 3.21
CA LEU A 132 -8.75 13.60 3.91
C LEU A 132 -9.85 13.79 4.95
N VAL A 133 -9.62 14.71 5.89
CA VAL A 133 -10.59 14.99 6.94
C VAL A 133 -11.90 15.49 6.36
N GLU A 134 -11.81 16.34 5.35
CA GLU A 134 -12.99 16.89 4.70
C GLU A 134 -13.79 15.80 3.99
N ALA A 135 -13.10 15.04 3.14
CA ALA A 135 -13.73 13.96 2.39
C ALA A 135 -14.26 12.88 3.33
N LEU A 136 -13.57 12.68 4.45
CA LEU A 136 -13.98 11.68 5.43
C LEU A 136 -15.25 12.10 6.14
N GLU A 137 -15.35 13.39 6.46
CA GLU A 137 -16.52 13.92 7.15
C GLU A 137 -17.66 14.16 6.16
N ARG A 138 -17.32 14.28 4.88
CA ARG A 138 -18.31 14.52 3.84
C ARG A 138 -18.81 13.20 3.25
N LEU A 139 -18.00 12.15 3.40
CA LEU A 139 -18.36 10.83 2.88
C LEU A 139 -18.93 9.95 3.99
N ASN A 140 -18.46 10.18 5.21
CA ASN A 140 -18.94 9.41 6.36
C ASN A 140 -20.47 9.39 6.41
N ASN A 141 -21.04 8.19 6.38
CA ASN A 141 -22.48 8.03 6.43
C ASN A 141 -23.15 8.74 5.25
N ILE A 142 -23.24 8.04 4.13
CA ILE A 142 -23.87 8.59 2.93
C ILE A 142 -24.69 7.55 2.20
N GLU A 143 -25.86 7.96 1.70
CA GLU A 143 -26.74 7.07 0.98
C GLU A 143 -26.38 7.00 -0.50
N PHE A 144 -26.21 5.79 -1.01
CA PHE A 144 -25.86 5.59 -2.41
C PHE A 144 -26.32 4.22 -2.90
N ARG A 145 -27.15 4.22 -3.94
CA ARG A 145 -27.67 2.98 -4.50
C ARG A 145 -28.46 2.19 -3.46
N GLY A 146 -29.13 2.92 -2.57
CA GLY A 146 -29.93 2.28 -1.53
C GLY A 146 -29.06 1.70 -0.43
N SER A 147 -27.78 2.02 -0.45
CA SER A 147 -26.84 1.53 0.56
C SER A 147 -26.13 2.67 1.26
N VAL A 148 -25.98 2.55 2.57
CA VAL A 148 -25.31 3.59 3.36
C VAL A 148 -23.83 3.29 3.50
N ILE A 149 -23.01 4.00 2.73
CA ILE A 149 -21.57 3.81 2.77
C ILE A 149 -20.93 4.69 3.85
N THR A 150 -19.87 4.18 4.46
CA THR A 150 -19.16 4.92 5.51
C THR A 150 -17.66 4.87 5.30
N VAL A 151 -16.97 5.94 5.71
CA VAL A 151 -15.52 6.03 5.56
C VAL A 151 -14.84 6.16 6.92
N GLU A 152 -13.76 5.42 7.10
CA GLU A 152 -13.01 5.45 8.36
C GLU A 152 -11.52 5.24 8.11
N ARG A 153 -10.70 6.11 8.68
CA ARG A 153 -9.25 6.03 8.51
C ARG A 153 -8.71 4.79 9.21
N ASP A 154 -7.67 4.20 8.62
CA ASP A 154 -7.06 3.00 9.18
C ASP A 154 -5.54 3.05 9.02
N ASP A 155 -4.84 3.35 10.11
CA ASP A 155 -3.39 3.42 10.09
C ASP A 155 -2.77 2.11 10.55
N ASN A 156 -1.95 1.51 9.70
CA ASN A 156 -1.29 0.25 10.02
C ASN A 156 0.21 0.32 9.75
N PRO A 157 0.98 1.00 10.63
CA PRO A 157 2.43 1.10 10.46
C PRO A 157 3.02 -0.28 10.22
N PRO A 158 4.17 -0.36 9.54
CA PRO A 158 4.80 -1.65 9.22
C PRO A 158 5.22 -2.50 10.44
N PRO A 159 6.09 -2.00 11.36
CA PRO A 159 6.54 -2.78 12.50
C PRO A 159 5.84 -2.46 13.83
N ILE A 160 6.46 -1.59 14.64
CA ILE A 160 5.93 -1.23 15.94
C ILE A 160 5.79 0.29 16.08
N ARG A 161 6.13 0.81 17.28
CA ARG A 161 6.05 2.24 17.55
C ARG A 161 7.23 2.97 16.90
N GLY A 1 14.34 -0.78 12.31
CA GLY A 1 15.39 0.20 11.92
C GLY A 1 14.95 1.63 12.13
N GLU A 2 15.63 2.33 13.03
CA GLU A 2 15.30 3.72 13.33
C GLU A 2 15.54 4.62 12.13
N LEU A 3 16.41 4.21 11.21
CA LEU A 3 16.72 5.01 10.03
C LEU A 3 16.48 4.22 8.74
N SER A 4 16.49 2.89 8.87
CA SER A 4 16.27 1.98 7.73
C SER A 4 17.25 2.24 6.59
N ASN A 5 18.29 3.04 6.86
CA ASN A 5 19.31 3.40 5.87
C ASN A 5 19.55 2.24 4.89
N THR A 6 19.50 1.02 5.41
CA THR A 6 19.71 -0.16 4.59
C THR A 6 18.82 -1.32 5.04
N ARG A 7 17.62 -1.39 4.48
CA ARG A 7 16.67 -2.45 4.82
C ARG A 7 15.37 -2.29 4.04
N LEU A 8 15.05 -3.29 3.23
CA LEU A 8 13.84 -3.26 2.43
C LEU A 8 12.96 -4.47 2.73
N PHE A 9 11.70 -4.21 3.10
CA PHE A 9 10.76 -5.28 3.41
C PHE A 9 9.93 -5.65 2.19
N VAL A 10 9.98 -6.94 1.82
CA VAL A 10 9.24 -7.43 0.68
C VAL A 10 8.00 -8.20 1.11
N ARG A 11 7.10 -8.43 0.16
CA ARG A 11 5.86 -9.16 0.44
C ARG A 11 6.13 -10.66 0.56
N PRO A 12 5.12 -11.40 1.04
CA PRO A 12 5.22 -12.86 1.21
C PRO A 12 5.27 -13.59 -0.12
N PHE A 13 6.32 -14.38 -0.32
CA PHE A 13 6.49 -15.14 -1.55
C PHE A 13 5.94 -16.55 -1.40
N PRO A 14 5.61 -17.19 -2.54
CA PRO A 14 5.05 -18.55 -2.56
C PRO A 14 6.10 -19.59 -2.16
N LEU A 15 5.82 -20.85 -2.51
CA LEU A 15 6.74 -21.94 -2.19
C LEU A 15 8.14 -21.64 -2.70
N ASP A 16 8.24 -20.72 -3.64
CA ASP A 16 9.54 -20.33 -4.20
C ASP A 16 10.16 -19.21 -3.41
N VAL A 17 9.76 -19.09 -2.14
CA VAL A 17 10.30 -18.05 -1.27
C VAL A 17 11.68 -18.41 -0.77
N GLN A 18 12.71 -18.00 -1.51
CA GLN A 18 14.09 -18.29 -1.14
C GLN A 18 15.00 -17.14 -1.55
N GLU A 19 16.24 -17.18 -1.06
CA GLU A 19 17.22 -16.14 -1.37
C GLU A 19 17.59 -16.17 -2.85
N SER A 20 17.42 -17.33 -3.47
CA SER A 20 17.74 -17.49 -4.89
C SER A 20 17.05 -16.42 -5.73
N GLU A 21 15.75 -16.28 -5.56
CA GLU A 21 14.98 -15.28 -6.30
C GLU A 21 15.34 -13.87 -5.85
N LEU A 22 15.54 -13.71 -4.55
CA LEU A 22 15.89 -12.41 -3.99
C LEU A 22 17.19 -11.89 -4.59
N ASN A 23 18.14 -12.79 -4.80
CA ASN A 23 19.43 -12.42 -5.37
C ASN A 23 19.31 -12.17 -6.87
N GLU A 24 18.53 -13.02 -7.55
CA GLU A 24 18.33 -12.90 -8.98
C GLU A 24 17.46 -11.68 -9.31
N ILE A 25 16.75 -11.19 -8.30
CA ILE A 25 15.87 -10.04 -8.48
C ILE A 25 16.55 -8.76 -7.99
N PHE A 26 16.95 -8.76 -6.72
CA PHE A 26 17.60 -7.61 -6.12
C PHE A 26 19.08 -7.57 -6.48
N GLY A 27 19.52 -8.57 -7.24
CA GLY A 27 20.92 -8.64 -7.65
C GLY A 27 21.37 -7.38 -8.37
N PRO A 28 20.73 -7.06 -9.50
CA PRO A 28 21.06 -5.88 -10.30
C PRO A 28 20.65 -4.59 -9.60
N PHE A 29 21.21 -4.35 -8.43
CA PHE A 29 20.91 -3.15 -7.66
C PHE A 29 22.11 -2.71 -6.83
N GLY A 30 22.79 -3.67 -6.22
CA GLY A 30 23.95 -3.37 -5.41
C GLY A 30 24.37 -4.53 -4.54
N PRO A 31 25.47 -4.36 -3.81
CA PRO A 31 26.01 -5.39 -2.92
C PRO A 31 25.13 -5.63 -1.70
N MET A 32 24.19 -6.57 -1.83
CA MET A 32 23.28 -6.89 -0.74
C MET A 32 24.05 -7.36 0.49
N LYS A 33 24.05 -6.54 1.52
CA LYS A 33 24.75 -6.86 2.76
C LYS A 33 24.20 -8.16 3.37
N GLU A 34 22.89 -8.34 3.26
CA GLU A 34 22.23 -9.53 3.80
C GLU A 34 20.83 -9.68 3.24
N VAL A 35 20.25 -10.85 3.43
CA VAL A 35 18.90 -11.13 2.94
C VAL A 35 18.15 -12.07 3.88
N LYS A 36 16.84 -11.90 3.96
CA LYS A 36 16.01 -12.73 4.83
C LYS A 36 14.72 -13.13 4.12
N ILE A 37 14.38 -14.41 4.19
CA ILE A 37 13.17 -14.92 3.56
C ILE A 37 12.39 -15.82 4.51
N LEU A 38 11.24 -15.33 4.97
CA LEU A 38 10.40 -16.09 5.89
C LEU A 38 8.99 -16.25 5.32
N ASN A 39 8.37 -17.40 5.60
CA ASN A 39 7.02 -17.68 5.12
C ASN A 39 6.04 -16.66 5.67
N GLY A 40 5.78 -15.61 4.90
CA GLY A 40 4.85 -14.58 5.34
C GLY A 40 5.39 -13.18 5.10
N PHE A 41 6.70 -13.06 4.99
CA PHE A 41 7.35 -11.77 4.77
C PHE A 41 8.80 -11.95 4.40
N ALA A 42 9.34 -10.98 3.64
CA ALA A 42 10.73 -11.03 3.22
C ALA A 42 11.45 -9.72 3.56
N PHE A 43 12.77 -9.79 3.66
CA PHE A 43 13.58 -8.63 3.97
C PHE A 43 14.92 -8.68 3.25
N VAL A 44 15.44 -7.50 2.90
CA VAL A 44 16.72 -7.41 2.21
C VAL A 44 17.50 -6.16 2.63
N GLU A 45 18.69 -6.37 3.17
CA GLU A 45 19.53 -5.27 3.62
C GLU A 45 20.72 -5.07 2.68
N PHE A 46 20.71 -3.95 1.96
CA PHE A 46 21.79 -3.64 1.02
C PHE A 46 22.98 -3.02 1.75
N GLU A 47 24.17 -3.21 1.20
CA GLU A 47 25.38 -2.66 1.79
C GLU A 47 25.54 -1.19 1.46
N GLU A 48 24.57 -0.65 0.72
CA GLU A 48 24.60 0.76 0.34
C GLU A 48 23.20 1.36 0.38
N ALA A 49 23.05 2.44 1.13
CA ALA A 49 21.76 3.11 1.26
C ALA A 49 21.16 3.41 -0.11
N GLU A 50 22.00 3.87 -1.04
CA GLU A 50 21.55 4.19 -2.39
C GLU A 50 20.91 2.97 -3.05
N SER A 51 21.63 1.86 -3.05
CA SER A 51 21.14 0.62 -3.65
C SER A 51 19.78 0.24 -3.07
N ALA A 52 19.63 0.43 -1.77
CA ALA A 52 18.38 0.10 -1.09
C ALA A 52 17.27 1.07 -1.49
N ALA A 53 17.54 2.36 -1.37
CA ALA A 53 16.56 3.39 -1.72
C ALA A 53 16.06 3.19 -3.14
N LYS A 54 16.93 2.70 -4.02
CA LYS A 54 16.57 2.46 -5.41
C LYS A 54 15.71 1.20 -5.55
N ALA A 55 16.21 0.10 -5.02
CA ALA A 55 15.50 -1.17 -5.09
C ALA A 55 14.08 -1.02 -4.54
N ILE A 56 13.91 -0.14 -3.57
CA ILE A 56 12.61 0.10 -2.96
C ILE A 56 11.64 0.72 -3.96
N GLU A 57 12.16 1.60 -4.82
CA GLU A 57 11.34 2.25 -5.83
C GLU A 57 11.37 1.48 -7.13
N GLU A 58 12.25 0.49 -7.23
CA GLU A 58 12.37 -0.33 -8.42
C GLU A 58 11.55 -1.61 -8.29
N VAL A 59 11.90 -2.43 -7.31
CA VAL A 59 11.19 -3.69 -7.08
C VAL A 59 9.70 -3.44 -6.81
N HIS A 60 9.41 -2.41 -6.04
CA HIS A 60 8.04 -2.06 -5.71
C HIS A 60 7.22 -1.85 -6.98
N GLY A 61 6.16 -2.64 -7.14
CA GLY A 61 5.32 -2.51 -8.32
C GLY A 61 5.68 -3.50 -9.40
N LYS A 62 6.60 -4.41 -9.09
CA LYS A 62 7.03 -5.42 -10.04
C LYS A 62 6.09 -6.61 -10.05
N SER A 63 6.43 -7.64 -10.82
CA SER A 63 5.62 -8.84 -10.92
C SER A 63 6.43 -10.08 -10.57
N PHE A 64 5.77 -11.07 -9.97
CA PHE A 64 6.43 -12.30 -9.57
C PHE A 64 5.41 -13.33 -9.08
N ALA A 65 5.53 -14.56 -9.59
CA ALA A 65 4.62 -15.64 -9.21
C ALA A 65 3.18 -15.29 -9.57
N ASN A 66 3.00 -14.65 -10.72
CA ASN A 66 1.67 -14.26 -11.18
C ASN A 66 0.99 -13.35 -10.19
N GLN A 67 1.78 -12.54 -9.50
CA GLN A 67 1.24 -11.61 -8.51
C GLN A 67 2.11 -10.36 -8.40
N PRO A 68 1.49 -9.21 -8.09
CA PRO A 68 2.18 -7.94 -7.95
C PRO A 68 3.07 -7.89 -6.71
N LEU A 69 4.34 -7.60 -6.92
CA LEU A 69 5.29 -7.53 -5.81
C LEU A 69 5.19 -6.18 -5.10
N GLU A 70 5.74 -6.12 -3.88
CA GLU A 70 5.71 -4.89 -3.10
C GLU A 70 6.90 -4.82 -2.15
N VAL A 71 7.64 -3.71 -2.20
CA VAL A 71 8.80 -3.52 -1.35
C VAL A 71 8.82 -2.12 -0.76
N VAL A 72 9.21 -2.01 0.50
CA VAL A 72 9.28 -0.73 1.18
C VAL A 72 10.47 -0.67 2.14
N TYR A 73 10.73 0.51 2.68
CA TYR A 73 11.83 0.68 3.62
C TYR A 73 11.53 0.01 4.95
N SER A 74 12.03 -1.19 5.22
CA SER A 74 11.73 -1.82 6.52
C SER A 74 11.81 -0.79 7.68
N LYS A 75 10.67 -0.13 8.02
CA LYS A 75 10.66 0.90 9.09
C LYS A 75 9.26 1.10 9.70
N LEU A 76 8.81 2.38 9.82
CA LEU A 76 7.50 2.68 10.43
C LEU A 76 7.11 4.17 10.24
N PRO A 77 5.86 4.47 9.76
CA PRO A 77 5.38 5.84 9.55
C PRO A 77 4.46 6.39 10.65
N ALA A 78 3.71 7.47 10.33
CA ALA A 78 2.79 8.11 11.31
C ALA A 78 2.06 9.33 10.68
N LYS A 79 0.79 9.59 11.10
CA LYS A 79 -0.02 10.72 10.59
C LYS A 79 -0.24 10.55 9.08
N ARG A 80 -1.50 10.67 8.58
CA ARG A 80 -1.72 10.36 7.16
C ARG A 80 -2.95 11.07 6.63
N TYR A 81 -3.26 10.83 5.35
CA TYR A 81 -4.41 11.46 4.71
C TYR A 81 -5.21 10.45 3.91
N ARG A 82 -5.42 9.27 4.50
CA ARG A 82 -6.17 8.21 3.84
C ARG A 82 -7.32 7.73 4.73
N ILE A 83 -8.36 7.20 4.09
CA ILE A 83 -9.53 6.70 4.82
C ILE A 83 -10.12 5.47 4.13
N THR A 84 -10.89 4.70 4.87
CA THR A 84 -11.53 3.50 4.34
C THR A 84 -13.04 3.62 4.37
N MET A 85 -13.69 3.08 3.35
CA MET A 85 -15.14 3.12 3.26
C MET A 85 -15.76 1.80 3.71
N LYS A 86 -17.03 1.85 4.12
CA LYS A 86 -17.73 0.65 4.57
C LYS A 86 -19.21 0.72 4.21
N ASN A 87 -19.83 -0.45 4.04
CA ASN A 87 -21.23 -0.52 3.69
C ASN A 87 -21.47 0.00 2.27
N LEU A 88 -20.55 -0.33 1.37
CA LEU A 88 -20.66 0.10 -0.03
C LEU A 88 -20.69 -1.10 -0.97
N PRO A 89 -21.74 -1.92 -0.86
CA PRO A 89 -21.91 -3.10 -1.71
C PRO A 89 -22.20 -2.75 -3.15
N GLU A 90 -21.23 -2.14 -3.83
CA GLU A 90 -21.38 -1.75 -5.22
C GLU A 90 -20.11 -2.06 -6.01
N GLY A 91 -20.23 -2.08 -7.33
CA GLY A 91 -19.08 -2.35 -8.16
C GLY A 91 -18.17 -1.14 -8.35
N CYS A 92 -18.58 0.06 -8.12
CA CYS A 92 -17.77 1.21 -8.50
C CYS A 92 -16.54 0.77 -9.27
N SER A 93 -15.43 0.90 -8.55
CA SER A 93 -14.00 0.59 -8.64
C SER A 93 -13.18 1.85 -8.44
N TRP A 94 -11.85 1.70 -8.40
CA TRP A 94 -10.95 2.84 -8.23
C TRP A 94 -11.34 3.98 -9.14
N GLN A 95 -11.69 3.66 -10.39
CA GLN A 95 -12.07 4.66 -11.36
C GLN A 95 -13.35 5.37 -10.94
N ASP A 96 -14.33 4.60 -10.47
CA ASP A 96 -15.60 5.15 -10.02
C ASP A 96 -15.40 6.09 -8.84
N LEU A 97 -14.91 5.54 -7.73
CA LEU A 97 -14.66 6.33 -6.53
C LEU A 97 -13.81 7.56 -6.84
N LYS A 98 -12.86 7.40 -7.76
CA LYS A 98 -11.98 8.49 -8.15
C LYS A 98 -12.75 9.56 -8.92
N ASP A 99 -13.70 9.13 -9.75
CA ASP A 99 -14.51 10.04 -10.53
C ASP A 99 -15.40 10.90 -9.63
N LEU A 100 -16.15 10.24 -8.77
CA LEU A 100 -17.04 10.94 -7.85
C LEU A 100 -16.25 11.78 -6.85
N ALA A 101 -15.10 11.26 -6.44
CA ALA A 101 -14.24 11.97 -5.49
C ALA A 101 -13.75 13.28 -6.06
N ARG A 102 -13.20 13.24 -7.27
CA ARG A 102 -12.69 14.43 -7.93
C ARG A 102 -13.83 15.37 -8.31
N GLU A 103 -14.99 14.80 -8.60
CA GLU A 103 -16.15 15.59 -8.98
C GLU A 103 -16.81 16.22 -7.75
N ASN A 104 -16.59 15.60 -6.59
CA ASN A 104 -17.16 16.09 -5.34
C ASN A 104 -16.18 17.05 -4.64
N SER A 105 -15.27 17.62 -5.42
CA SER A 105 -14.28 18.55 -4.87
C SER A 105 -13.32 17.83 -3.93
N LEU A 106 -12.91 16.63 -4.32
CA LEU A 106 -11.99 15.84 -3.51
C LEU A 106 -10.96 15.12 -4.40
N GLU A 107 -9.74 15.65 -4.43
CA GLU A 107 -8.68 15.06 -5.23
C GLU A 107 -7.92 14.02 -4.43
N THR A 108 -7.72 12.85 -5.04
CA THR A 108 -7.00 11.75 -4.39
C THR A 108 -5.78 11.34 -5.19
N THR A 109 -4.78 10.82 -4.51
CA THR A 109 -3.55 10.38 -5.17
C THR A 109 -3.46 8.86 -5.19
N PHE A 110 -4.28 8.21 -4.37
CA PHE A 110 -4.29 6.75 -4.30
C PHE A 110 -5.69 6.24 -3.99
N SER A 111 -6.04 5.09 -4.58
CA SER A 111 -7.36 4.50 -4.37
C SER A 111 -7.27 2.98 -4.38
N SER A 112 -8.25 2.33 -3.77
CA SER A 112 -8.28 0.87 -3.70
C SER A 112 -9.66 0.39 -3.27
N VAL A 113 -10.05 -0.78 -3.79
CA VAL A 113 -11.34 -1.37 -3.45
C VAL A 113 -11.23 -2.88 -3.24
N ASN A 114 -12.31 -3.48 -2.76
CA ASN A 114 -12.33 -4.92 -2.51
C ASN A 114 -13.50 -5.58 -3.24
N THR A 115 -13.21 -6.16 -4.40
CA THR A 115 -14.24 -6.83 -5.18
C THR A 115 -14.19 -8.34 -5.01
N ARG A 116 -13.03 -8.83 -4.59
CA ARG A 116 -12.84 -10.26 -4.38
C ARG A 116 -13.94 -10.83 -3.48
N ASP A 117 -14.35 -10.05 -2.48
CA ASP A 117 -15.40 -10.47 -1.56
C ASP A 117 -16.58 -9.53 -1.62
N PHE A 118 -17.64 -9.86 -0.88
CA PHE A 118 -18.84 -9.04 -0.85
C PHE A 118 -18.89 -8.18 0.40
N ASP A 119 -17.71 -7.87 0.95
CA ASP A 119 -17.62 -7.06 2.15
C ASP A 119 -18.04 -5.61 1.86
N GLY A 120 -17.90 -5.22 0.60
CA GLY A 120 -18.26 -3.86 0.21
C GLY A 120 -17.50 -2.81 0.99
N THR A 121 -16.18 -2.81 0.85
CA THR A 121 -15.33 -1.84 1.54
C THR A 121 -14.20 -1.36 0.64
N GLY A 122 -13.92 -0.07 0.68
CA GLY A 122 -12.86 0.50 -0.13
C GLY A 122 -11.92 1.36 0.68
N ALA A 123 -10.96 1.98 0.00
CA ALA A 123 -9.98 2.84 0.65
C ALA A 123 -9.43 3.89 -0.30
N LEU A 124 -9.38 5.13 0.15
CA LEU A 124 -8.87 6.22 -0.67
C LEU A 124 -7.88 7.09 0.12
N GLU A 125 -7.06 7.83 -0.60
CA GLU A 125 -6.06 8.70 0.02
C GLU A 125 -5.94 10.02 -0.73
N PHE A 126 -5.78 11.11 0.01
CA PHE A 126 -5.65 12.43 -0.59
C PHE A 126 -4.26 13.00 -0.35
N PRO A 127 -3.83 13.91 -1.22
CA PRO A 127 -2.52 14.56 -1.13
C PRO A 127 -2.42 15.52 0.05
N SER A 128 -3.57 16.02 0.50
CA SER A 128 -3.62 16.94 1.62
C SER A 128 -4.64 16.49 2.66
N GLU A 129 -4.47 16.96 3.88
CA GLU A 129 -5.37 16.60 4.98
C GLU A 129 -6.72 17.31 4.83
N GLU A 130 -6.68 18.53 4.29
CA GLU A 130 -7.89 19.32 4.10
C GLU A 130 -8.94 18.51 3.33
N ILE A 131 -8.51 17.89 2.24
CA ILE A 131 -9.41 17.09 1.42
C ILE A 131 -9.85 15.82 2.15
N LEU A 132 -8.95 15.29 2.99
CA LEU A 132 -9.24 14.08 3.75
C LEU A 132 -10.37 14.33 4.75
N VAL A 133 -10.16 15.30 5.64
CA VAL A 133 -11.16 15.63 6.65
C VAL A 133 -12.46 16.08 6.00
N GLU A 134 -12.35 16.88 4.94
CA GLU A 134 -13.52 17.38 4.24
C GLU A 134 -14.29 16.24 3.57
N ALA A 135 -13.57 15.44 2.79
CA ALA A 135 -14.18 14.32 2.09
C ALA A 135 -14.73 13.30 3.07
N LEU A 136 -14.06 13.15 4.22
CA LEU A 136 -14.48 12.21 5.25
C LEU A 136 -15.78 12.67 5.90
N GLU A 137 -15.90 13.97 6.14
CA GLU A 137 -17.09 14.53 6.77
C GLU A 137 -18.20 14.71 5.74
N ARG A 138 -17.83 14.75 4.47
CA ARG A 138 -18.80 14.92 3.39
C ARG A 138 -19.27 13.56 2.87
N LEU A 139 -18.46 12.54 3.08
CA LEU A 139 -18.79 11.19 2.64
C LEU A 139 -19.39 10.37 3.78
N ASN A 140 -18.96 10.67 5.00
CA ASN A 140 -19.45 9.96 6.18
C ASN A 140 -20.98 9.93 6.20
N ASN A 141 -21.54 8.73 6.23
CA ASN A 141 -22.99 8.56 6.24
C ASN A 141 -23.63 9.19 5.01
N ILE A 142 -23.69 8.42 3.93
CA ILE A 142 -24.28 8.91 2.68
C ILE A 142 -25.10 7.81 2.00
N GLU A 143 -26.24 8.19 1.43
CA GLU A 143 -27.10 7.24 0.75
C GLU A 143 -26.70 7.10 -0.71
N PHE A 144 -26.52 5.86 -1.15
CA PHE A 144 -26.13 5.58 -2.53
C PHE A 144 -26.57 4.18 -2.95
N ARG A 145 -27.37 4.11 -4.00
CA ARG A 145 -27.86 2.83 -4.51
C ARG A 145 -28.68 2.11 -3.44
N GLY A 146 -29.37 2.89 -2.61
CA GLY A 146 -30.19 2.30 -1.55
C GLY A 146 -29.35 1.79 -0.40
N SER A 147 -28.07 2.12 -0.41
CA SER A 147 -27.16 1.69 0.65
C SER A 147 -26.47 2.88 1.30
N VAL A 148 -26.35 2.84 2.62
CA VAL A 148 -25.71 3.93 3.36
C VAL A 148 -24.22 3.65 3.56
N ILE A 149 -23.39 4.32 2.77
CA ILE A 149 -21.96 4.14 2.86
C ILE A 149 -21.35 5.09 3.89
N THR A 150 -20.30 4.62 4.57
CA THR A 150 -19.63 5.43 5.59
C THR A 150 -18.12 5.38 5.42
N VAL A 151 -17.46 6.48 5.78
CA VAL A 151 -16.00 6.56 5.67
C VAL A 151 -15.36 6.78 7.03
N GLU A 152 -14.27 6.06 7.28
CA GLU A 152 -13.56 6.17 8.55
C GLU A 152 -12.06 5.95 8.36
N ARG A 153 -11.26 6.88 8.89
CA ARG A 153 -9.81 6.79 8.78
C ARG A 153 -9.27 5.59 9.55
N ASP A 154 -8.22 4.98 9.03
CA ASP A 154 -7.61 3.82 9.68
C ASP A 154 -6.09 3.86 9.55
N ASP A 155 -5.43 4.23 10.63
CA ASP A 155 -3.97 4.33 10.64
C ASP A 155 -3.36 3.04 11.21
N ASN A 156 -2.51 2.41 10.41
CA ASN A 156 -1.86 1.16 10.82
C ASN A 156 -0.35 1.24 10.59
N PRO A 157 0.37 2.02 11.44
CA PRO A 157 1.83 2.15 11.34
C PRO A 157 2.60 0.89 11.81
N PRO A 158 2.46 0.42 13.10
CA PRO A 158 3.18 -0.77 13.55
C PRO A 158 2.98 -1.96 12.61
N PRO A 159 4.03 -2.79 12.46
CA PRO A 159 3.97 -3.98 11.60
C PRO A 159 2.94 -4.99 12.12
N ILE A 160 1.72 -4.89 11.58
CA ILE A 160 0.59 -5.75 11.93
C ILE A 160 0.87 -6.71 13.11
N ARG A 161 0.98 -6.15 14.31
CA ARG A 161 1.23 -6.96 15.51
C ARG A 161 2.66 -7.50 15.51
N GLY A 1 25.49 5.55 13.55
CA GLY A 1 24.06 5.46 13.12
C GLY A 1 23.84 4.42 12.04
N GLU A 2 24.27 3.19 12.30
CA GLU A 2 24.11 2.11 11.34
C GLU A 2 22.64 1.90 10.99
N LEU A 3 21.77 2.12 11.96
CA LEU A 3 20.33 1.95 11.76
C LEU A 3 19.81 2.92 10.70
N SER A 4 19.03 2.38 9.75
CA SER A 4 18.44 3.16 8.66
C SER A 4 19.50 3.63 7.65
N ASN A 5 19.79 2.76 6.68
CA ASN A 5 20.78 3.04 5.64
C ASN A 5 20.91 1.85 4.68
N THR A 6 20.81 0.65 5.23
CA THR A 6 20.92 -0.57 4.42
C THR A 6 19.97 -1.66 4.94
N ARG A 7 18.75 -1.67 4.43
CA ARG A 7 17.76 -2.66 4.84
C ARG A 7 16.43 -2.44 4.11
N LEU A 8 16.02 -3.44 3.34
CA LEU A 8 14.77 -3.35 2.59
C LEU A 8 13.83 -4.50 2.96
N PHE A 9 12.62 -4.15 3.38
CA PHE A 9 11.63 -5.15 3.76
C PHE A 9 10.73 -5.51 2.59
N VAL A 10 10.68 -6.79 2.24
CA VAL A 10 9.86 -7.26 1.14
C VAL A 10 8.59 -7.95 1.64
N ARG A 11 7.64 -8.15 0.75
CA ARG A 11 6.38 -8.78 1.10
C ARG A 11 6.56 -10.29 1.24
N PRO A 12 5.52 -10.97 1.77
CA PRO A 12 5.55 -12.42 1.98
C PRO A 12 5.49 -13.19 0.66
N PHE A 13 6.49 -14.04 0.44
CA PHE A 13 6.55 -14.83 -0.79
C PHE A 13 5.92 -16.21 -0.58
N PRO A 14 5.50 -16.84 -1.69
CA PRO A 14 4.87 -18.16 -1.65
C PRO A 14 5.86 -19.26 -1.28
N LEU A 15 5.51 -20.50 -1.58
CA LEU A 15 6.35 -21.64 -1.28
C LEU A 15 7.75 -21.45 -1.85
N ASP A 16 7.87 -20.55 -2.82
CA ASP A 16 9.15 -20.24 -3.46
C ASP A 16 9.88 -19.15 -2.71
N VAL A 17 9.55 -18.98 -1.43
CA VAL A 17 10.18 -17.97 -0.60
C VAL A 17 11.57 -18.40 -0.16
N GLN A 18 12.58 -18.06 -0.96
CA GLN A 18 13.96 -18.43 -0.64
C GLN A 18 14.92 -17.35 -1.11
N GLU A 19 16.18 -17.45 -0.68
CA GLU A 19 17.20 -16.49 -1.06
C GLU A 19 17.50 -16.56 -2.55
N SER A 20 17.23 -17.72 -3.14
CA SER A 20 17.47 -17.94 -4.56
C SER A 20 16.82 -16.83 -5.39
N GLU A 21 15.53 -16.62 -5.17
CA GLU A 21 14.79 -15.59 -5.90
C GLU A 21 15.25 -14.20 -5.50
N LEU A 22 15.52 -14.02 -4.21
CA LEU A 22 15.97 -12.73 -3.69
C LEU A 22 17.27 -12.30 -4.37
N ASN A 23 18.16 -13.26 -4.60
CA ASN A 23 19.45 -12.98 -5.23
C ASN A 23 19.27 -12.76 -6.73
N GLU A 24 18.41 -13.57 -7.34
CA GLU A 24 18.16 -13.47 -8.78
C GLU A 24 17.35 -12.21 -9.10
N ILE A 25 16.71 -11.66 -8.07
CA ILE A 25 15.90 -10.45 -8.24
C ILE A 25 16.67 -9.21 -7.80
N PHE A 26 17.12 -9.22 -6.55
CA PHE A 26 17.88 -8.09 -6.01
C PHE A 26 19.34 -8.15 -6.44
N GLY A 27 19.69 -9.18 -7.20
CA GLY A 27 21.05 -9.34 -7.67
C GLY A 27 21.54 -8.13 -8.42
N PRO A 28 20.87 -7.80 -9.54
CA PRO A 28 21.23 -6.66 -10.37
C PRO A 28 20.93 -5.33 -9.70
N PHE A 29 21.57 -5.10 -8.55
CA PHE A 29 21.36 -3.86 -7.79
C PHE A 29 22.63 -3.48 -7.03
N GLY A 30 23.28 -4.48 -6.43
CA GLY A 30 24.49 -4.23 -5.68
C GLY A 30 24.89 -5.40 -4.80
N PRO A 31 26.03 -5.28 -4.12
CA PRO A 31 26.54 -6.33 -3.23
C PRO A 31 25.69 -6.48 -1.97
N MET A 32 24.70 -7.36 -2.05
CA MET A 32 23.82 -7.61 -0.90
C MET A 32 24.62 -8.10 0.30
N LYS A 33 24.72 -7.26 1.32
CA LYS A 33 25.46 -7.61 2.53
C LYS A 33 24.85 -8.84 3.19
N GLU A 34 23.54 -8.95 3.14
CA GLU A 34 22.83 -10.08 3.74
C GLU A 34 21.40 -10.16 3.24
N VAL A 35 20.75 -11.29 3.48
CA VAL A 35 19.36 -11.50 3.07
C VAL A 35 18.61 -12.37 4.06
N LYS A 36 17.32 -12.12 4.19
CA LYS A 36 16.48 -12.87 5.11
C LYS A 36 15.13 -13.21 4.47
N ILE A 37 14.72 -14.47 4.58
CA ILE A 37 13.45 -14.91 4.02
C ILE A 37 12.66 -15.74 5.03
N LEU A 38 11.57 -15.19 5.52
CA LEU A 38 10.73 -15.87 6.49
C LEU A 38 9.28 -15.96 5.99
N ASN A 39 8.62 -17.06 6.32
CA ASN A 39 7.23 -17.27 5.90
C ASN A 39 6.33 -16.18 6.48
N GLY A 40 6.11 -15.13 5.70
CA GLY A 40 5.26 -14.04 6.14
C GLY A 40 5.86 -12.68 5.86
N PHE A 41 7.19 -12.64 5.69
CA PHE A 41 7.89 -11.40 5.42
C PHE A 41 9.32 -11.66 4.98
N ALA A 42 9.87 -10.75 4.19
CA ALA A 42 11.24 -10.89 3.70
C ALA A 42 12.05 -9.62 3.97
N PHE A 43 13.38 -9.78 4.02
CA PHE A 43 14.27 -8.65 4.28
C PHE A 43 15.57 -8.79 3.50
N VAL A 44 16.14 -7.67 3.09
CA VAL A 44 17.38 -7.67 2.34
C VAL A 44 18.25 -6.46 2.70
N GLU A 45 19.46 -6.73 3.19
CA GLU A 45 20.39 -5.67 3.57
C GLU A 45 21.53 -5.56 2.58
N PHE A 46 21.57 -4.46 1.84
CA PHE A 46 22.62 -4.24 0.85
C PHE A 46 23.87 -3.67 1.51
N GLU A 47 25.02 -3.95 0.91
CA GLU A 47 26.30 -3.47 1.44
C GLU A 47 26.52 -2.01 1.07
N GLU A 48 25.56 -1.43 0.36
CA GLU A 48 25.65 -0.04 -0.06
C GLU A 48 24.29 0.65 0.03
N ALA A 49 24.24 1.76 0.77
CA ALA A 49 23.00 2.51 0.93
C ALA A 49 22.36 2.81 -0.42
N GLU A 50 23.18 3.20 -1.39
CA GLU A 50 22.69 3.51 -2.72
C GLU A 50 21.95 2.33 -3.33
N SER A 51 22.60 1.17 -3.33
CA SER A 51 22.01 -0.04 -3.90
C SER A 51 20.65 -0.33 -3.23
N ALA A 52 20.57 -0.10 -1.93
CA ALA A 52 19.34 -0.33 -1.19
C ALA A 52 18.27 0.68 -1.57
N ALA A 53 18.63 1.96 -1.48
CA ALA A 53 17.71 3.04 -1.82
C ALA A 53 17.12 2.84 -3.22
N LYS A 54 17.92 2.28 -4.12
CA LYS A 54 17.49 2.04 -5.49
C LYS A 54 16.55 0.84 -5.56
N ALA A 55 17.00 -0.29 -5.02
CA ALA A 55 16.21 -1.51 -5.03
C ALA A 55 14.82 -1.26 -4.43
N ILE A 56 14.76 -0.35 -3.47
CA ILE A 56 13.50 -0.03 -2.81
C ILE A 56 12.53 0.64 -3.78
N GLU A 57 13.06 1.46 -4.68
CA GLU A 57 12.24 2.14 -5.67
C GLU A 57 12.16 1.35 -6.95
N GLU A 58 12.98 0.30 -7.06
CA GLU A 58 12.99 -0.55 -8.24
C GLU A 58 12.11 -1.77 -8.05
N VAL A 59 12.44 -2.60 -7.06
CA VAL A 59 11.68 -3.80 -6.77
C VAL A 59 10.22 -3.46 -6.45
N HIS A 60 10.03 -2.38 -5.68
CA HIS A 60 8.69 -1.96 -5.30
C HIS A 60 7.82 -1.71 -6.54
N GLY A 61 6.72 -2.44 -6.64
CA GLY A 61 5.83 -2.29 -7.77
C GLY A 61 6.08 -3.32 -8.86
N LYS A 62 6.96 -4.29 -8.56
CA LYS A 62 7.29 -5.34 -9.51
C LYS A 62 6.27 -6.47 -9.45
N SER A 63 6.53 -7.54 -10.21
CA SER A 63 5.63 -8.67 -10.24
C SER A 63 6.38 -9.96 -9.90
N PHE A 64 5.70 -10.89 -9.25
CA PHE A 64 6.30 -12.16 -8.87
C PHE A 64 5.24 -13.12 -8.30
N ALA A 65 5.25 -14.35 -8.79
CA ALA A 65 4.31 -15.36 -8.33
C ALA A 65 2.88 -14.95 -8.65
N ASN A 66 2.68 -14.31 -9.81
CA ASN A 66 1.36 -13.84 -10.22
C ASN A 66 0.79 -12.89 -9.21
N GLN A 67 1.65 -12.10 -8.57
CA GLN A 67 1.22 -11.13 -7.58
C GLN A 67 2.16 -9.93 -7.54
N PRO A 68 1.62 -8.75 -7.23
CA PRO A 68 2.39 -7.51 -7.16
C PRO A 68 3.33 -7.49 -5.96
N LEU A 69 4.62 -7.29 -6.22
CA LEU A 69 5.62 -7.24 -5.16
C LEU A 69 5.63 -5.89 -4.48
N GLU A 70 6.24 -5.83 -3.29
CA GLU A 70 6.31 -4.59 -2.53
C GLU A 70 7.55 -4.58 -1.63
N VAL A 71 8.34 -3.51 -1.74
CA VAL A 71 9.56 -3.38 -0.95
C VAL A 71 9.70 -1.96 -0.40
N VAL A 72 10.15 -1.85 0.84
CA VAL A 72 10.33 -0.56 1.48
C VAL A 72 11.55 -0.56 2.39
N TYR A 73 11.91 0.61 2.90
CA TYR A 73 13.06 0.74 3.79
C TYR A 73 12.78 0.10 5.14
N SER A 74 13.19 -1.13 5.38
CA SER A 74 12.90 -1.76 6.67
C SER A 74 11.43 -1.50 7.10
N LYS A 75 11.19 -0.43 7.89
CA LYS A 75 9.84 -0.08 8.35
C LYS A 75 9.82 1.26 9.13
N LEU A 76 8.72 2.03 8.99
CA LEU A 76 8.57 3.34 9.68
C LEU A 76 7.14 3.93 9.52
N PRO A 77 6.63 4.69 10.54
CA PRO A 77 5.28 5.28 10.52
C PRO A 77 5.19 6.76 10.09
N ALA A 78 3.94 7.29 10.06
CA ALA A 78 3.66 8.69 9.68
C ALA A 78 2.14 8.97 9.52
N LYS A 79 1.74 10.24 9.67
CA LYS A 79 0.31 10.63 9.52
C LYS A 79 -0.09 10.50 8.05
N ARG A 80 -1.40 10.59 7.68
CA ARG A 80 -1.73 10.38 6.28
C ARG A 80 -3.01 11.09 5.89
N TYR A 81 -3.41 10.95 4.64
CA TYR A 81 -4.63 11.57 4.14
C TYR A 81 -5.46 10.59 3.32
N ARG A 82 -5.58 9.37 3.82
CA ARG A 82 -6.35 8.34 3.13
C ARG A 82 -7.40 7.74 4.05
N ILE A 83 -8.48 7.23 3.46
CA ILE A 83 -9.57 6.63 4.23
C ILE A 83 -10.17 5.44 3.49
N THR A 84 -10.85 4.57 4.23
CA THR A 84 -11.48 3.40 3.64
C THR A 84 -13.01 3.46 3.80
N MET A 85 -13.72 2.98 2.79
CA MET A 85 -15.18 2.98 2.81
C MET A 85 -15.71 1.60 3.20
N LYS A 86 -16.94 1.56 3.70
CA LYS A 86 -17.56 0.31 4.11
C LYS A 86 -19.07 0.35 3.86
N ASN A 87 -19.66 -0.83 3.64
CA ASN A 87 -21.08 -0.92 3.39
C ASN A 87 -21.45 -0.30 2.05
N LEU A 88 -20.59 -0.52 1.05
CA LEU A 88 -20.82 0.02 -0.28
C LEU A 88 -20.89 -1.10 -1.32
N PRO A 89 -21.91 -1.96 -1.21
CA PRO A 89 -22.10 -3.09 -2.13
C PRO A 89 -22.52 -2.63 -3.52
N GLU A 90 -21.61 -1.94 -4.21
CA GLU A 90 -21.88 -1.44 -5.55
C GLU A 90 -20.67 -1.63 -6.46
N GLY A 91 -20.90 -1.55 -7.76
CA GLY A 91 -19.81 -1.71 -8.70
C GLY A 91 -18.95 -0.46 -8.86
N CYS A 92 -19.39 0.71 -8.49
CA CYS A 92 -18.64 1.92 -8.84
C CYS A 92 -17.46 1.58 -9.72
N SER A 93 -16.30 1.69 -9.09
CA SER A 93 -14.88 1.45 -9.32
C SER A 93 -14.09 2.73 -9.07
N TRP A 94 -12.76 2.62 -9.14
CA TRP A 94 -11.88 3.77 -8.94
C TRP A 94 -12.39 4.98 -9.73
N GLN A 95 -12.80 4.74 -10.97
CA GLN A 95 -13.30 5.81 -11.83
C GLN A 95 -14.57 6.43 -11.24
N ASP A 96 -15.47 5.58 -10.77
CA ASP A 96 -16.73 6.04 -10.18
C ASP A 96 -16.46 6.89 -8.94
N LEU A 97 -15.87 6.28 -7.93
CA LEU A 97 -15.56 6.99 -6.68
C LEU A 97 -14.77 8.26 -6.96
N LYS A 98 -13.90 8.21 -7.95
CA LYS A 98 -13.08 9.35 -8.32
C LYS A 98 -13.95 10.46 -8.94
N ASP A 99 -14.94 10.05 -9.72
CA ASP A 99 -15.83 11.00 -10.37
C ASP A 99 -16.68 11.75 -9.34
N LEU A 100 -17.34 10.99 -8.46
CA LEU A 100 -18.19 11.59 -7.44
C LEU A 100 -17.35 12.37 -6.43
N ALA A 101 -16.15 11.87 -6.15
CA ALA A 101 -15.24 12.52 -5.21
C ALA A 101 -14.84 13.90 -5.71
N ARG A 102 -14.38 13.96 -6.96
CA ARG A 102 -13.96 15.23 -7.55
C ARG A 102 -15.16 16.15 -7.77
N GLU A 103 -16.32 15.56 -8.01
CA GLU A 103 -17.53 16.34 -8.24
C GLU A 103 -18.11 16.83 -6.92
N ASN A 104 -17.78 16.14 -5.83
CA ASN A 104 -18.26 16.51 -4.51
C ASN A 104 -17.28 17.45 -3.81
N SER A 105 -16.43 18.11 -4.60
CA SER A 105 -15.44 19.03 -4.05
C SER A 105 -14.38 18.27 -3.25
N LEU A 106 -13.97 17.12 -3.77
CA LEU A 106 -12.96 16.31 -3.10
C LEU A 106 -11.99 15.71 -4.11
N GLU A 107 -10.80 16.28 -4.20
CA GLU A 107 -9.77 15.80 -5.12
C GLU A 107 -8.92 14.73 -4.48
N THR A 108 -8.73 13.62 -5.19
CA THR A 108 -7.93 12.50 -4.69
C THR A 108 -6.77 12.19 -5.62
N THR A 109 -5.69 11.67 -5.06
CA THR A 109 -4.51 11.32 -5.84
C THR A 109 -4.37 9.82 -5.99
N PHE A 110 -5.11 9.07 -5.17
CA PHE A 110 -5.07 7.61 -5.23
C PHE A 110 -6.42 7.02 -4.85
N SER A 111 -6.78 5.92 -5.51
CA SER A 111 -8.05 5.26 -5.24
C SER A 111 -7.91 3.74 -5.38
N SER A 112 -8.82 3.02 -4.75
CA SER A 112 -8.81 1.56 -4.80
C SER A 112 -10.13 0.98 -4.32
N VAL A 113 -10.51 -0.16 -4.90
CA VAL A 113 -11.77 -0.82 -4.52
C VAL A 113 -11.59 -2.32 -4.44
N ASN A 114 -12.60 -3.02 -3.92
CA ASN A 114 -12.56 -4.47 -3.81
C ASN A 114 -13.75 -5.11 -4.49
N THR A 115 -13.56 -5.58 -5.71
CA THR A 115 -14.61 -6.22 -6.48
C THR A 115 -14.49 -7.74 -6.43
N ARG A 116 -13.29 -8.22 -6.14
CA ARG A 116 -13.05 -9.66 -6.06
C ARG A 116 -14.06 -10.33 -5.14
N ASP A 117 -14.40 -9.65 -4.05
CA ASP A 117 -15.37 -10.19 -3.10
C ASP A 117 -16.57 -9.29 -2.98
N PHE A 118 -17.56 -9.72 -2.19
CA PHE A 118 -18.79 -8.95 -2.00
C PHE A 118 -18.76 -8.19 -0.68
N ASP A 119 -17.55 -7.89 -0.20
CA ASP A 119 -17.39 -7.17 1.05
C ASP A 119 -17.88 -5.73 0.91
N GLY A 120 -17.85 -5.22 -0.31
CA GLY A 120 -18.29 -3.85 -0.56
C GLY A 120 -17.50 -2.84 0.24
N THR A 121 -16.20 -2.78 -0.01
CA THR A 121 -15.33 -1.84 0.70
C THR A 121 -14.28 -1.25 -0.23
N GLY A 122 -14.05 0.05 -0.10
CA GLY A 122 -13.07 0.72 -0.94
C GLY A 122 -12.10 1.55 -0.15
N ALA A 123 -11.22 2.26 -0.85
CA ALA A 123 -10.22 3.10 -0.19
C ALA A 123 -9.78 4.24 -1.10
N LEU A 124 -9.73 5.45 -0.55
CA LEU A 124 -9.32 6.62 -1.31
C LEU A 124 -8.31 7.45 -0.53
N GLU A 125 -7.56 8.29 -1.25
CA GLU A 125 -6.56 9.14 -0.62
C GLU A 125 -6.53 10.52 -1.28
N PHE A 126 -6.35 11.55 -0.46
CA PHE A 126 -6.31 12.92 -0.96
C PHE A 126 -4.93 13.52 -0.78
N PRO A 127 -4.60 14.52 -1.60
CA PRO A 127 -3.30 15.21 -1.55
C PRO A 127 -3.15 16.06 -0.31
N SER A 128 -4.27 16.49 0.26
CA SER A 128 -4.26 17.31 1.46
C SER A 128 -5.18 16.74 2.53
N GLU A 129 -4.93 17.11 3.78
CA GLU A 129 -5.73 16.63 4.89
C GLU A 129 -7.10 17.30 4.91
N GLU A 130 -7.14 18.56 4.48
CA GLU A 130 -8.39 19.32 4.44
C GLU A 130 -9.48 18.54 3.69
N ILE A 131 -9.11 18.02 2.52
CA ILE A 131 -10.05 17.25 1.71
C ILE A 131 -10.38 15.92 2.36
N LEU A 132 -9.41 15.36 3.08
CA LEU A 132 -9.61 14.08 3.76
C LEU A 132 -10.66 14.20 4.86
N VAL A 133 -10.41 15.10 5.80
CA VAL A 133 -11.34 15.31 6.92
C VAL A 133 -12.70 15.77 6.41
N GLU A 134 -12.69 16.65 5.42
CA GLU A 134 -13.92 17.16 4.85
C GLU A 134 -14.71 16.05 4.14
N ALA A 135 -14.03 15.34 3.25
CA ALA A 135 -14.66 14.26 2.50
C ALA A 135 -15.09 13.14 3.44
N LEU A 136 -14.34 12.94 4.52
CA LEU A 136 -14.65 11.90 5.49
C LEU A 136 -15.90 12.24 6.28
N GLU A 137 -16.04 13.52 6.63
CA GLU A 137 -17.19 13.98 7.39
C GLU A 137 -18.40 14.20 6.47
N ARG A 138 -18.12 14.36 5.17
CA ARG A 138 -19.18 14.57 4.19
C ARG A 138 -19.64 13.24 3.60
N LEU A 139 -18.78 12.23 3.67
CA LEU A 139 -19.11 10.91 3.14
C LEU A 139 -19.59 9.98 4.25
N ASN A 140 -19.08 10.21 5.46
CA ASN A 140 -19.45 9.39 6.61
C ASN A 140 -20.97 9.30 6.74
N ASN A 141 -21.49 8.07 6.70
CA ASN A 141 -22.93 7.86 6.82
C ASN A 141 -23.68 8.55 5.69
N ILE A 142 -23.81 7.87 4.56
CA ILE A 142 -24.51 8.43 3.41
C ILE A 142 -25.33 7.36 2.69
N GLU A 143 -26.53 7.75 2.26
CA GLU A 143 -27.41 6.82 1.57
C GLU A 143 -27.12 6.81 0.06
N PHE A 144 -26.94 5.62 -0.49
CA PHE A 144 -26.65 5.47 -1.91
C PHE A 144 -27.07 4.09 -2.41
N ARG A 145 -27.95 4.08 -3.40
CA ARG A 145 -28.44 2.82 -3.97
C ARG A 145 -29.15 1.99 -2.91
N GLY A 146 -29.79 2.66 -1.97
CA GLY A 146 -30.51 1.96 -0.91
C GLY A 146 -29.57 1.40 0.14
N SER A 147 -28.30 1.77 0.05
CA SER A 147 -27.30 1.29 1.00
C SER A 147 -26.60 2.46 1.70
N VAL A 148 -26.38 2.32 3.00
CA VAL A 148 -25.72 3.36 3.78
C VAL A 148 -24.21 3.13 3.84
N ILE A 149 -23.47 3.88 3.05
CA ILE A 149 -22.02 3.76 3.01
C ILE A 149 -21.36 4.65 4.07
N THR A 150 -20.25 4.17 4.63
CA THR A 150 -19.54 4.91 5.65
C THR A 150 -18.04 4.94 5.36
N VAL A 151 -17.38 6.03 5.77
CA VAL A 151 -15.94 6.18 5.56
C VAL A 151 -15.21 6.30 6.88
N GLU A 152 -14.07 5.61 6.98
CA GLU A 152 -13.28 5.65 8.21
C GLU A 152 -11.78 5.51 7.89
N ARG A 153 -10.98 6.42 8.43
CA ARG A 153 -9.54 6.39 8.20
C ARG A 153 -8.90 5.16 8.83
N ASP A 154 -7.88 4.63 8.17
CA ASP A 154 -7.18 3.44 8.68
C ASP A 154 -5.68 3.55 8.44
N ASP A 155 -4.95 3.87 9.50
CA ASP A 155 -3.49 4.00 9.41
C ASP A 155 -2.80 2.71 9.81
N ASN A 156 -1.99 2.17 8.90
CA ASN A 156 -1.27 0.93 9.16
C ASN A 156 0.21 1.08 8.82
N PRO A 157 0.92 1.87 9.66
CA PRO A 157 2.34 2.12 9.51
C PRO A 157 3.17 0.84 9.41
N PRO A 158 3.06 -0.12 10.37
CA PRO A 158 3.82 -1.35 10.28
C PRO A 158 3.43 -2.09 9.00
N PRO A 159 4.35 -2.16 8.02
CA PRO A 159 4.08 -2.81 6.74
C PRO A 159 3.05 -3.93 6.81
N ILE A 160 3.12 -4.78 7.83
CA ILE A 160 2.16 -5.87 7.98
C ILE A 160 0.76 -5.36 8.26
N ARG A 161 -0.13 -6.28 8.61
CA ARG A 161 -1.52 -5.95 8.92
C ARG A 161 -1.75 -5.95 10.42
N GLY A 1 15.28 11.74 10.00
CA GLY A 1 16.54 11.83 9.21
C GLY A 1 17.29 10.52 9.16
N GLU A 2 17.45 9.90 10.33
CA GLU A 2 18.15 8.63 10.43
C GLU A 2 17.18 7.45 10.29
N LEU A 3 16.10 7.66 9.54
CA LEU A 3 15.10 6.63 9.31
C LEU A 3 15.69 5.47 8.51
N SER A 4 16.33 4.54 9.23
CA SER A 4 16.96 3.38 8.60
C SER A 4 17.99 3.84 7.56
N ASN A 5 18.74 2.91 7.01
CA ASN A 5 19.73 3.24 5.99
C ASN A 5 19.87 2.09 4.98
N THR A 6 19.78 0.86 5.48
CA THR A 6 19.91 -0.32 4.63
C THR A 6 18.98 -1.43 5.10
N ARG A 7 17.76 -1.45 4.58
CA ARG A 7 16.78 -2.47 4.95
C ARG A 7 15.46 -2.23 4.23
N LEU A 8 15.06 -3.20 3.42
CA LEU A 8 13.80 -3.10 2.68
C LEU A 8 12.88 -4.28 3.00
N PHE A 9 11.67 -3.97 3.42
CA PHE A 9 10.69 -5.00 3.76
C PHE A 9 9.80 -5.31 2.56
N VAL A 10 9.76 -6.58 2.17
CA VAL A 10 8.95 -7.02 1.04
C VAL A 10 7.70 -7.74 1.52
N ARG A 11 6.75 -7.92 0.60
CA ARG A 11 5.50 -8.59 0.93
C ARG A 11 5.70 -10.11 1.01
N PRO A 12 4.68 -10.82 1.51
CA PRO A 12 4.72 -12.27 1.65
C PRO A 12 4.68 -12.98 0.31
N PHE A 13 5.69 -13.81 0.04
CA PHE A 13 5.76 -14.55 -1.20
C PHE A 13 5.15 -15.94 -1.05
N PRO A 14 4.74 -16.54 -2.19
CA PRO A 14 4.13 -17.87 -2.21
C PRO A 14 5.13 -18.97 -1.88
N LEU A 15 4.79 -20.21 -2.23
CA LEU A 15 5.66 -21.34 -1.98
C LEU A 15 7.06 -21.09 -2.53
N ASP A 16 7.16 -20.16 -3.47
CA ASP A 16 8.44 -19.81 -4.09
C ASP A 16 9.16 -18.75 -3.29
N VAL A 17 8.82 -18.62 -2.01
CA VAL A 17 9.43 -17.64 -1.14
C VAL A 17 10.83 -18.07 -0.71
N GLN A 18 11.84 -17.69 -1.49
CA GLN A 18 13.22 -18.05 -1.18
C GLN A 18 14.17 -16.94 -1.60
N GLU A 19 15.42 -17.04 -1.17
CA GLU A 19 16.43 -16.04 -1.51
C GLU A 19 16.73 -16.05 -3.01
N SER A 20 16.49 -17.19 -3.64
CA SER A 20 16.74 -17.34 -5.07
C SER A 20 16.07 -16.22 -5.86
N GLU A 21 14.77 -16.02 -5.63
CA GLU A 21 14.02 -14.99 -6.32
C GLU A 21 14.47 -13.60 -5.86
N LEU A 22 14.72 -13.46 -4.56
CA LEU A 22 15.16 -12.20 -3.99
C LEU A 22 16.46 -11.73 -4.65
N ASN A 23 17.36 -12.66 -4.91
CA ASN A 23 18.63 -12.33 -5.53
C ASN A 23 18.46 -12.06 -7.02
N GLU A 24 17.62 -12.86 -7.67
CA GLU A 24 17.36 -12.69 -9.10
C GLU A 24 16.54 -11.44 -9.36
N ILE A 25 15.89 -10.93 -8.32
CA ILE A 25 15.06 -9.73 -8.44
C ILE A 25 15.81 -8.50 -7.95
N PHE A 26 16.26 -8.56 -6.70
CA PHE A 26 17.00 -7.44 -6.11
C PHE A 26 18.46 -7.46 -6.54
N GLY A 27 18.83 -8.46 -7.34
CA GLY A 27 20.19 -8.58 -7.81
C GLY A 27 20.67 -7.33 -8.52
N PRO A 28 20.00 -6.97 -9.62
CA PRO A 28 20.35 -5.79 -10.40
C PRO A 28 20.03 -4.49 -9.67
N PHE A 29 20.66 -4.30 -8.51
CA PHE A 29 20.44 -3.10 -7.72
C PHE A 29 21.69 -2.73 -6.93
N GLY A 30 22.35 -3.74 -6.37
CA GLY A 30 23.56 -3.50 -5.61
C GLY A 30 23.96 -4.70 -4.78
N PRO A 31 25.11 -4.60 -4.08
CA PRO A 31 25.64 -5.67 -3.24
C PRO A 31 24.79 -5.90 -1.99
N MET A 32 23.81 -6.78 -2.10
CA MET A 32 22.93 -7.09 -0.97
C MET A 32 23.73 -7.62 0.22
N LYS A 33 23.82 -6.81 1.26
CA LYS A 33 24.56 -7.20 2.47
C LYS A 33 23.97 -8.48 3.07
N GLU A 34 22.64 -8.60 3.02
CA GLU A 34 21.97 -9.77 3.56
C GLU A 34 20.53 -9.84 3.06
N VAL A 35 19.90 -10.99 3.25
CA VAL A 35 18.52 -11.20 2.82
C VAL A 35 17.78 -12.12 3.78
N LYS A 36 16.47 -11.90 3.91
CA LYS A 36 15.65 -12.70 4.80
C LYS A 36 14.31 -13.03 4.14
N ILE A 37 13.91 -14.30 4.20
CA ILE A 37 12.65 -14.73 3.62
C ILE A 37 11.87 -15.62 4.58
N LEU A 38 10.77 -15.09 5.10
CA LEU A 38 9.93 -15.83 6.04
C LEU A 38 8.49 -15.91 5.54
N ASN A 39 7.84 -17.03 5.81
CA ASN A 39 6.46 -17.25 5.39
C ASN A 39 5.54 -16.19 6.00
N GLY A 40 5.31 -15.12 5.26
CA GLY A 40 4.44 -14.06 5.76
C GLY A 40 5.03 -12.68 5.53
N PHE A 41 6.35 -12.62 5.37
CA PHE A 41 7.04 -11.35 5.14
C PHE A 41 8.48 -11.58 4.69
N ALA A 42 9.02 -10.63 3.94
CA ALA A 42 10.39 -10.73 3.45
C ALA A 42 11.18 -9.47 3.78
N PHE A 43 12.50 -9.60 3.83
CA PHE A 43 13.37 -8.47 4.13
C PHE A 43 14.68 -8.57 3.35
N VAL A 44 15.24 -7.42 3.00
CA VAL A 44 16.50 -7.37 2.25
C VAL A 44 17.34 -6.17 2.67
N GLU A 45 18.54 -6.44 3.14
CA GLU A 45 19.45 -5.38 3.58
C GLU A 45 20.60 -5.21 2.59
N PHE A 46 20.62 -4.09 1.89
CA PHE A 46 21.67 -3.81 0.91
C PHE A 46 22.91 -3.25 1.59
N GLU A 47 24.07 -3.48 1.00
CA GLU A 47 25.34 -3.01 1.54
C GLU A 47 25.54 -1.53 1.24
N GLU A 48 24.58 -0.93 0.54
CA GLU A 48 24.64 0.47 0.18
C GLU A 48 23.28 1.13 0.30
N ALA A 49 23.20 2.21 1.08
CA ALA A 49 21.97 2.94 1.28
C ALA A 49 21.32 3.28 -0.06
N GLU A 50 22.13 3.72 -1.01
CA GLU A 50 21.64 4.09 -2.34
C GLU A 50 20.92 2.91 -3.00
N SER A 51 21.59 1.77 -3.04
CA SER A 51 21.01 0.57 -3.65
C SER A 51 19.66 0.24 -3.02
N ALA A 52 19.58 0.41 -1.70
CA ALA A 52 18.34 0.13 -0.97
C ALA A 52 17.27 1.15 -1.32
N ALA A 53 17.60 2.42 -1.18
CA ALA A 53 16.67 3.50 -1.47
C ALA A 53 16.08 3.36 -2.88
N LYS A 54 16.89 2.84 -3.79
CA LYS A 54 16.46 2.65 -5.17
C LYS A 54 15.54 1.45 -5.30
N ALA A 55 16.02 0.29 -4.82
CA ALA A 55 15.24 -0.94 -4.86
C ALA A 55 13.85 -0.73 -4.26
N ILE A 56 13.77 0.14 -3.26
CA ILE A 56 12.50 0.42 -2.59
C ILE A 56 11.52 1.11 -3.54
N GLU A 57 12.04 1.98 -4.41
CA GLU A 57 11.22 2.69 -5.37
C GLU A 57 11.15 1.94 -6.68
N GLU A 58 11.99 0.92 -6.83
CA GLU A 58 12.02 0.11 -8.05
C GLU A 58 11.14 -1.12 -7.90
N VAL A 59 11.50 -1.99 -6.95
CA VAL A 59 10.74 -3.21 -6.71
C VAL A 59 9.29 -2.91 -6.38
N HIS A 60 9.07 -1.87 -5.57
CA HIS A 60 7.73 -1.47 -5.18
C HIS A 60 6.87 -1.19 -6.41
N GLY A 61 5.77 -1.94 -6.54
CA GLY A 61 4.87 -1.75 -7.67
C GLY A 61 5.15 -2.74 -8.80
N LYS A 62 6.04 -3.69 -8.53
CA LYS A 62 6.39 -4.69 -9.53
C LYS A 62 5.39 -5.84 -9.52
N SER A 63 5.66 -6.87 -10.32
CA SER A 63 4.78 -8.03 -10.41
C SER A 63 5.54 -9.32 -10.12
N PHE A 64 4.87 -10.28 -9.50
CA PHE A 64 5.49 -11.55 -9.16
C PHE A 64 4.45 -12.55 -8.65
N ALA A 65 4.48 -13.76 -9.18
CA ALA A 65 3.54 -14.80 -8.77
C ALA A 65 2.11 -14.39 -9.08
N ASN A 66 1.91 -13.72 -10.20
CA ASN A 66 0.58 -13.25 -10.61
C ASN A 66 -0.01 -12.36 -9.55
N GLN A 67 0.84 -11.57 -8.88
CA GLN A 67 0.40 -10.65 -7.85
C GLN A 67 1.32 -9.44 -7.76
N PRO A 68 0.75 -8.28 -7.40
CA PRO A 68 1.51 -7.03 -7.28
C PRO A 68 2.45 -7.05 -6.08
N LEU A 69 3.73 -6.82 -6.33
CA LEU A 69 4.73 -6.81 -5.27
C LEU A 69 4.72 -5.47 -4.53
N GLU A 70 5.32 -5.47 -3.34
CA GLU A 70 5.38 -4.25 -2.52
C GLU A 70 6.62 -4.25 -1.64
N VAL A 71 7.39 -3.18 -1.69
CA VAL A 71 8.60 -3.05 -0.88
C VAL A 71 8.73 -1.66 -0.28
N VAL A 72 9.17 -1.61 0.97
CA VAL A 72 9.33 -0.33 1.67
C VAL A 72 10.55 -0.36 2.58
N TYR A 73 10.89 0.80 3.13
CA TYR A 73 12.04 0.91 4.01
C TYR A 73 11.77 0.21 5.36
N SER A 74 12.32 -0.96 5.63
CA SER A 74 12.06 -1.61 6.93
C SER A 74 12.11 -0.57 8.07
N LYS A 75 10.96 0.10 8.34
CA LYS A 75 10.88 1.15 9.36
C LYS A 75 9.45 1.72 9.46
N LEU A 76 9.31 3.04 9.72
CA LEU A 76 7.98 3.65 9.87
C LEU A 76 7.96 5.18 9.63
N PRO A 77 6.80 5.75 9.19
CA PRO A 77 6.64 7.18 8.92
C PRO A 77 5.86 7.91 10.03
N ALA A 78 4.97 8.83 9.63
CA ALA A 78 4.15 9.62 10.57
C ALA A 78 2.67 9.59 10.18
N LYS A 79 1.95 10.69 10.45
CA LYS A 79 0.52 10.78 10.11
C LYS A 79 0.28 10.51 8.63
N ARG A 80 -0.98 10.49 8.20
CA ARG A 80 -1.25 10.19 6.79
C ARG A 80 -2.50 10.90 6.30
N TYR A 81 -2.83 10.68 5.03
CA TYR A 81 -4.02 11.30 4.44
C TYR A 81 -4.82 10.28 3.64
N ARG A 82 -4.99 9.10 4.20
CA ARG A 82 -5.74 8.03 3.53
C ARG A 82 -6.85 7.51 4.43
N ILE A 83 -7.90 6.97 3.82
CA ILE A 83 -9.03 6.44 4.56
C ILE A 83 -9.62 5.22 3.86
N THR A 84 -10.35 4.41 4.61
CA THR A 84 -10.98 3.21 4.07
C THR A 84 -12.50 3.29 4.14
N MET A 85 -13.17 2.77 3.12
CA MET A 85 -14.62 2.78 3.07
C MET A 85 -15.19 1.44 3.51
N LYS A 86 -16.45 1.45 3.95
CA LYS A 86 -17.12 0.23 4.40
C LYS A 86 -18.60 0.27 4.07
N ASN A 87 -19.20 -0.90 3.89
CA ASN A 87 -20.62 -1.00 3.58
C ASN A 87 -20.91 -0.45 2.18
N LEU A 88 -20.01 -0.73 1.24
CA LEU A 88 -20.16 -0.27 -0.13
C LEU A 88 -20.18 -1.45 -1.11
N PRO A 89 -21.22 -2.29 -0.99
CA PRO A 89 -21.39 -3.46 -1.85
C PRO A 89 -21.73 -3.08 -3.29
N GLU A 90 -20.77 -2.45 -3.97
CA GLU A 90 -20.98 -2.03 -5.35
C GLU A 90 -19.72 -2.28 -6.18
N GLY A 91 -19.87 -2.28 -7.50
CA GLY A 91 -18.74 -2.51 -8.37
C GLY A 91 -17.87 -1.29 -8.56
N CYS A 92 -18.30 -0.09 -8.29
CA CYS A 92 -17.51 1.09 -8.65
C CYS A 92 -16.30 0.68 -9.46
N SER A 93 -15.17 0.81 -8.77
CA SER A 93 -13.74 0.54 -8.91
C SER A 93 -12.94 1.82 -8.70
N TRP A 94 -11.62 1.69 -8.70
CA TRP A 94 -10.73 2.84 -8.52
C TRP A 94 -11.17 4.00 -9.41
N GLN A 95 -11.53 3.69 -10.64
CA GLN A 95 -11.96 4.72 -11.59
C GLN A 95 -13.25 5.39 -11.11
N ASP A 96 -14.19 4.58 -10.63
CA ASP A 96 -15.46 5.10 -10.15
C ASP A 96 -15.24 6.01 -8.94
N LEU A 97 -14.72 5.45 -7.87
CA LEU A 97 -14.46 6.22 -6.65
C LEU A 97 -13.64 7.47 -6.95
N LYS A 98 -12.72 7.35 -7.90
CA LYS A 98 -11.87 8.47 -8.29
C LYS A 98 -12.67 9.53 -9.02
N ASP A 99 -13.64 9.10 -9.83
CA ASP A 99 -14.48 10.02 -10.58
C ASP A 99 -15.36 10.84 -9.63
N LEU A 100 -16.08 10.15 -8.75
CA LEU A 100 -16.97 10.81 -7.80
C LEU A 100 -16.16 11.64 -6.80
N ALA A 101 -14.99 11.14 -6.43
CA ALA A 101 -14.13 11.83 -5.49
C ALA A 101 -13.67 13.18 -6.05
N ARG A 102 -13.16 13.16 -7.27
CA ARG A 102 -12.68 14.38 -7.92
C ARG A 102 -13.84 15.31 -8.25
N GLU A 103 -15.00 14.72 -8.52
CA GLU A 103 -16.20 15.50 -8.85
C GLU A 103 -16.83 16.08 -7.59
N ASN A 104 -16.56 15.45 -6.45
CA ASN A 104 -17.10 15.90 -5.18
C ASN A 104 -16.14 16.86 -4.48
N SER A 105 -15.25 17.46 -5.27
CA SER A 105 -14.27 18.39 -4.72
C SER A 105 -13.27 17.68 -3.83
N LEU A 106 -12.86 16.50 -4.26
CA LEU A 106 -11.89 15.71 -3.49
C LEU A 106 -10.88 15.03 -4.42
N GLU A 107 -9.67 15.59 -4.46
CA GLU A 107 -8.61 15.04 -5.31
C GLU A 107 -7.81 14.00 -4.56
N THR A 108 -7.61 12.84 -5.19
CA THR A 108 -6.86 11.75 -4.58
C THR A 108 -5.65 11.37 -5.44
N THR A 109 -4.61 10.87 -4.78
CA THR A 109 -3.40 10.46 -5.49
C THR A 109 -3.28 8.94 -5.55
N PHE A 110 -4.06 8.25 -4.73
CA PHE A 110 -4.04 6.80 -4.69
C PHE A 110 -5.42 6.24 -4.35
N SER A 111 -5.77 5.11 -4.96
CA SER A 111 -7.06 4.49 -4.73
C SER A 111 -6.94 2.97 -4.77
N SER A 112 -7.90 2.29 -4.15
CA SER A 112 -7.90 0.83 -4.11
C SER A 112 -9.26 0.30 -3.66
N VAL A 113 -9.63 -0.86 -4.19
CA VAL A 113 -10.91 -1.49 -3.83
C VAL A 113 -10.76 -2.99 -3.67
N ASN A 114 -11.81 -3.63 -3.17
CA ASN A 114 -11.80 -5.07 -2.96
C ASN A 114 -12.97 -5.74 -3.66
N THR A 115 -12.72 -6.28 -4.84
CA THR A 115 -13.75 -6.95 -5.62
C THR A 115 -13.66 -8.47 -5.47
N ARG A 116 -12.48 -8.95 -5.10
CA ARG A 116 -12.26 -10.38 -4.92
C ARG A 116 -13.32 -10.99 -4.02
N ASP A 117 -13.71 -10.24 -2.98
CA ASP A 117 -14.74 -10.71 -2.05
C ASP A 117 -15.93 -9.79 -2.05
N PHE A 118 -16.96 -10.15 -1.29
CA PHE A 118 -18.18 -9.36 -1.22
C PHE A 118 -18.21 -8.52 0.06
N ASP A 119 -17.03 -8.22 0.57
CA ASP A 119 -16.91 -7.42 1.79
C ASP A 119 -17.36 -5.98 1.55
N GLY A 120 -17.27 -5.55 0.30
CA GLY A 120 -17.68 -4.19 -0.05
C GLY A 120 -16.92 -3.14 0.73
N THR A 121 -15.60 -3.12 0.55
CA THR A 121 -14.75 -2.15 1.25
C THR A 121 -13.65 -1.63 0.33
N GLY A 122 -13.41 -0.32 0.40
CA GLY A 122 -12.38 0.28 -0.43
C GLY A 122 -11.42 1.15 0.37
N ALA A 123 -10.50 1.80 -0.32
CA ALA A 123 -9.52 2.66 0.33
C ALA A 123 -9.02 3.74 -0.63
N LEU A 124 -8.98 4.98 -0.14
CA LEU A 124 -8.51 6.10 -0.95
C LEU A 124 -7.53 6.96 -0.17
N GLU A 125 -6.73 7.74 -0.89
CA GLU A 125 -5.74 8.62 -0.27
C GLU A 125 -5.66 9.95 -1.00
N PHE A 126 -5.51 11.02 -0.23
CA PHE A 126 -5.42 12.37 -0.81
C PHE A 126 -4.03 12.96 -0.59
N PRO A 127 -3.65 13.90 -1.46
CA PRO A 127 -2.34 14.56 -1.38
C PRO A 127 -2.23 15.49 -0.18
N SER A 128 -3.38 15.97 0.30
CA SER A 128 -3.42 16.87 1.44
C SER A 128 -4.40 16.36 2.51
N GLU A 129 -4.20 16.81 3.74
CA GLU A 129 -5.07 16.41 4.84
C GLU A 129 -6.43 17.10 4.73
N GLU A 130 -6.43 18.33 4.24
CA GLU A 130 -7.66 19.10 4.09
C GLU A 130 -8.72 18.29 3.34
N ILE A 131 -8.30 17.69 2.22
CA ILE A 131 -9.21 16.90 1.40
C ILE A 131 -9.60 15.61 2.12
N LEU A 132 -8.68 15.08 2.91
CA LEU A 132 -8.93 13.85 3.65
C LEU A 132 -10.03 14.05 4.70
N VAL A 133 -9.81 15.00 5.59
CA VAL A 133 -10.78 15.29 6.64
C VAL A 133 -12.12 15.73 6.04
N GLU A 134 -12.05 16.55 4.99
CA GLU A 134 -13.25 17.05 4.33
C GLU A 134 -14.01 15.91 3.66
N ALA A 135 -13.30 15.14 2.84
CA ALA A 135 -13.90 14.02 2.13
C ALA A 135 -14.41 12.96 3.12
N LEU A 136 -13.70 12.82 4.23
CA LEU A 136 -14.08 11.83 5.24
C LEU A 136 -15.37 12.25 5.95
N GLU A 137 -15.50 13.54 6.21
CA GLU A 137 -16.69 14.07 6.89
C GLU A 137 -17.84 14.25 5.89
N ARG A 138 -17.50 14.33 4.61
CA ARG A 138 -18.49 14.50 3.57
C ARG A 138 -18.95 13.14 3.03
N LEU A 139 -18.12 12.12 3.20
CA LEU A 139 -18.44 10.78 2.73
C LEU A 139 -19.00 9.93 3.87
N ASN A 140 -18.54 10.21 5.08
CA ASN A 140 -18.98 9.46 6.25
C ASN A 140 -20.51 9.41 6.31
N ASN A 141 -21.05 8.19 6.32
CA ASN A 141 -22.49 8.00 6.39
C ASN A 141 -23.18 8.64 5.17
N ILE A 142 -23.25 7.89 4.08
CA ILE A 142 -23.88 8.39 2.86
C ILE A 142 -24.69 7.30 2.17
N GLU A 143 -25.85 7.67 1.65
CA GLU A 143 -26.72 6.71 0.97
C GLU A 143 -26.35 6.61 -0.51
N PHE A 144 -26.15 5.39 -0.97
CA PHE A 144 -25.80 5.15 -2.37
C PHE A 144 -26.22 3.75 -2.81
N ARG A 145 -27.04 3.69 -3.85
CA ARG A 145 -27.53 2.41 -4.37
C ARG A 145 -28.31 1.64 -3.30
N GLY A 146 -28.99 2.39 -2.42
CA GLY A 146 -29.76 1.76 -1.37
C GLY A 146 -28.88 1.25 -0.24
N SER A 147 -27.60 1.60 -0.28
CA SER A 147 -26.67 1.16 0.74
C SER A 147 -25.99 2.36 1.40
N VAL A 148 -25.83 2.29 2.72
CA VAL A 148 -25.20 3.37 3.47
C VAL A 148 -23.70 3.12 3.62
N ILE A 149 -22.90 3.82 2.82
CA ILE A 149 -21.46 3.67 2.88
C ILE A 149 -20.84 4.61 3.91
N THR A 150 -19.77 4.15 4.55
CA THR A 150 -19.09 4.94 5.57
C THR A 150 -17.58 4.93 5.36
N VAL A 151 -16.93 6.03 5.73
CA VAL A 151 -15.49 6.15 5.58
C VAL A 151 -14.80 6.35 6.93
N GLU A 152 -13.70 5.65 7.14
CA GLU A 152 -12.95 5.75 8.39
C GLU A 152 -11.46 5.57 8.16
N ARG A 153 -10.67 6.49 8.69
CA ARG A 153 -9.22 6.43 8.53
C ARG A 153 -8.64 5.23 9.27
N ASP A 154 -7.58 4.65 8.70
CA ASP A 154 -6.94 3.49 9.31
C ASP A 154 -5.42 3.57 9.14
N ASP A 155 -4.73 3.94 10.22
CA ASP A 155 -3.28 4.04 10.19
C ASP A 155 -2.63 2.76 10.71
N ASN A 156 -1.79 2.17 9.87
CA ASN A 156 -1.10 0.93 10.24
C ASN A 156 0.40 1.04 9.98
N PRO A 157 1.15 1.67 10.91
CA PRO A 157 2.60 1.80 10.79
C PRO A 157 3.26 0.41 10.70
N PRO A 158 4.19 0.20 9.75
CA PRO A 158 4.88 -1.09 9.53
C PRO A 158 5.34 -1.83 10.82
N PRO A 159 5.94 -1.13 11.82
CA PRO A 159 6.45 -1.74 13.07
C PRO A 159 5.59 -2.85 13.68
N ILE A 160 6.19 -3.54 14.66
CA ILE A 160 5.53 -4.64 15.37
C ILE A 160 4.68 -4.11 16.52
N ARG A 161 3.47 -3.71 16.20
CA ARG A 161 2.52 -3.17 17.19
C ARG A 161 1.88 -4.29 18.01
N GLY A 1 22.89 -1.89 13.02
CA GLY A 1 23.36 -1.68 11.63
C GLY A 1 22.21 -1.58 10.64
N GLU A 2 21.04 -1.15 11.12
CA GLU A 2 19.87 -1.01 10.27
C GLU A 2 19.07 0.23 10.66
N LEU A 3 19.76 1.35 10.83
CA LEU A 3 19.10 2.58 11.23
C LEU A 3 18.76 3.47 10.04
N SER A 4 17.56 3.24 9.48
CA SER A 4 17.07 4.03 8.35
C SER A 4 18.16 4.47 7.39
N ASN A 5 18.46 3.62 6.41
CA ASN A 5 19.48 3.91 5.40
C ASN A 5 19.67 2.72 4.47
N THR A 6 19.59 1.52 5.04
CA THR A 6 19.76 0.29 4.26
C THR A 6 18.85 -0.81 4.77
N ARG A 7 17.64 -0.89 4.22
CA ARG A 7 16.66 -1.89 4.62
C ARG A 7 15.36 -1.72 3.85
N LEU A 8 15.00 -2.75 3.09
CA LEU A 8 13.77 -2.72 2.30
C LEU A 8 12.86 -3.89 2.65
N PHE A 9 11.62 -3.58 3.03
CA PHE A 9 10.65 -4.61 3.39
C PHE A 9 9.81 -5.01 2.20
N VAL A 10 9.81 -6.31 1.88
CA VAL A 10 9.04 -6.82 0.76
C VAL A 10 7.78 -7.54 1.24
N ARG A 11 6.87 -7.79 0.31
CA ARG A 11 5.62 -8.46 0.64
C ARG A 11 5.84 -9.96 0.82
N PRO A 12 4.82 -10.66 1.32
CA PRO A 12 4.87 -12.10 1.56
C PRO A 12 4.89 -12.90 0.26
N PHE A 13 5.92 -13.73 0.08
CA PHE A 13 6.06 -14.54 -1.12
C PHE A 13 5.46 -15.92 -0.91
N PRO A 14 5.09 -16.59 -2.01
CA PRO A 14 4.51 -17.94 -1.97
C PRO A 14 5.52 -19.00 -1.55
N LEU A 15 5.21 -20.25 -1.84
CA LEU A 15 6.09 -21.36 -1.49
C LEU A 15 7.50 -21.12 -2.02
N ASP A 16 7.62 -20.24 -3.00
CA ASP A 16 8.91 -19.91 -3.60
C ASP A 16 9.58 -18.78 -2.86
N VAL A 17 9.20 -18.60 -1.58
CA VAL A 17 9.77 -17.54 -0.76
C VAL A 17 11.16 -17.93 -0.26
N GLN A 18 12.18 -17.58 -1.03
CA GLN A 18 13.56 -17.88 -0.67
C GLN A 18 14.50 -16.78 -1.13
N GLU A 19 15.74 -16.83 -0.65
CA GLU A 19 16.74 -15.84 -1.02
C GLU A 19 17.09 -15.93 -2.50
N SER A 20 16.88 -17.11 -3.07
CA SER A 20 17.19 -17.34 -4.49
C SER A 20 16.53 -16.28 -5.35
N GLU A 21 15.22 -16.11 -5.19
CA GLU A 21 14.47 -15.12 -5.95
C GLU A 21 14.87 -13.70 -5.56
N LEU A 22 15.09 -13.48 -4.27
CA LEU A 22 15.49 -12.18 -3.77
C LEU A 22 16.79 -11.72 -4.41
N ASN A 23 17.72 -12.64 -4.58
CA ASN A 23 19.01 -12.34 -5.19
C ASN A 23 18.87 -12.15 -6.69
N GLU A 24 18.07 -13.00 -7.32
CA GLU A 24 17.86 -12.93 -8.76
C GLU A 24 17.02 -11.71 -9.13
N ILE A 25 16.32 -11.16 -8.14
CA ILE A 25 15.49 -9.99 -8.35
C ILE A 25 16.20 -8.71 -7.92
N PHE A 26 16.61 -8.68 -6.66
CA PHE A 26 17.31 -7.52 -6.11
C PHE A 26 18.79 -7.53 -6.49
N GLY A 27 19.19 -8.58 -7.22
CA GLY A 27 20.58 -8.70 -7.64
C GLY A 27 21.05 -7.48 -8.41
N PRO A 28 20.41 -7.20 -9.55
CA PRO A 28 20.76 -6.05 -10.40
C PRO A 28 20.39 -4.73 -9.75
N PHE A 29 20.99 -4.45 -8.59
CA PHE A 29 20.72 -3.21 -7.87
C PHE A 29 21.94 -2.78 -7.07
N GLY A 30 22.60 -3.74 -6.44
CA GLY A 30 23.78 -3.44 -5.65
C GLY A 30 24.19 -4.57 -4.74
N PRO A 31 25.31 -4.40 -4.02
CA PRO A 31 25.82 -5.42 -3.09
C PRO A 31 24.94 -5.57 -1.86
N MET A 32 23.97 -6.49 -1.94
CA MET A 32 23.07 -6.75 -0.83
C MET A 32 23.84 -7.19 0.41
N LYS A 33 23.88 -6.32 1.41
CA LYS A 33 24.59 -6.63 2.65
C LYS A 33 24.01 -7.87 3.32
N GLU A 34 22.69 -8.02 3.23
CA GLU A 34 22.01 -9.16 3.83
C GLU A 34 20.60 -9.30 3.29
N VAL A 35 19.98 -10.45 3.53
CA VAL A 35 18.62 -10.70 3.07
C VAL A 35 17.86 -11.59 4.06
N LYS A 36 16.55 -11.38 4.14
CA LYS A 36 15.72 -12.14 5.05
C LYS A 36 14.40 -12.53 4.38
N ILE A 37 14.03 -13.80 4.50
CA ILE A 37 12.79 -14.30 3.91
C ILE A 37 12.00 -15.14 4.90
N LEU A 38 10.87 -14.60 5.35
CA LEU A 38 10.02 -15.30 6.30
C LEU A 38 8.59 -15.44 5.77
N ASN A 39 7.95 -16.56 6.10
CA ASN A 39 6.59 -16.82 5.64
C ASN A 39 5.64 -15.75 6.17
N GLY A 40 5.40 -14.72 5.36
CA GLY A 40 4.51 -13.66 5.76
C GLY A 40 5.08 -12.28 5.45
N PHE A 41 6.41 -12.20 5.34
CA PHE A 41 7.07 -10.94 5.06
C PHE A 41 8.52 -11.17 4.67
N ALA A 42 9.08 -10.25 3.88
CA ALA A 42 10.46 -10.36 3.43
C ALA A 42 11.22 -9.06 3.71
N PHE A 43 12.54 -9.17 3.80
CA PHE A 43 13.39 -8.00 4.06
C PHE A 43 14.72 -8.13 3.32
N VAL A 44 15.27 -6.98 2.93
CA VAL A 44 16.54 -6.95 2.21
C VAL A 44 17.35 -5.72 2.58
N GLU A 45 18.54 -5.94 3.11
CA GLU A 45 19.42 -4.84 3.50
C GLU A 45 20.61 -4.71 2.54
N PHE A 46 20.62 -3.62 1.77
CA PHE A 46 21.69 -3.38 0.82
C PHE A 46 22.91 -2.77 1.51
N GLU A 47 24.09 -3.02 0.95
CA GLU A 47 25.33 -2.48 1.51
C GLU A 47 25.51 -1.01 1.12
N GLU A 48 24.56 -0.49 0.36
CA GLU A 48 24.62 0.90 -0.07
C GLU A 48 23.24 1.54 -0.04
N ALA A 49 23.13 2.66 0.67
CA ALA A 49 21.86 3.37 0.78
C ALA A 49 21.25 3.62 -0.59
N GLU A 50 22.09 4.02 -1.55
CA GLU A 50 21.63 4.30 -2.90
C GLU A 50 20.95 3.08 -3.50
N SER A 51 21.65 1.94 -3.47
CA SER A 51 21.11 0.71 -4.02
C SER A 51 19.74 0.38 -3.41
N ALA A 52 19.62 0.63 -2.11
CA ALA A 52 18.37 0.37 -1.41
C ALA A 52 17.28 1.35 -1.83
N ALA A 53 17.59 2.64 -1.77
CA ALA A 53 16.64 3.68 -2.15
C ALA A 53 16.11 3.44 -3.56
N LYS A 54 16.96 2.88 -4.42
CA LYS A 54 16.56 2.60 -5.80
C LYS A 54 15.68 1.37 -5.88
N ALA A 55 16.15 0.26 -5.31
CA ALA A 55 15.39 -0.98 -5.31
C ALA A 55 13.99 -0.77 -4.76
N ILE A 56 13.86 0.16 -3.82
CA ILE A 56 12.57 0.46 -3.21
C ILE A 56 11.61 1.06 -4.23
N GLU A 57 12.15 1.89 -5.12
CA GLU A 57 11.33 2.52 -6.15
C GLU A 57 11.32 1.70 -7.42
N GLU A 58 12.18 0.69 -7.48
CA GLU A 58 12.26 -0.19 -8.65
C GLU A 58 11.40 -1.44 -8.46
N VAL A 59 11.74 -2.23 -7.45
CA VAL A 59 11.01 -3.45 -7.15
C VAL A 59 9.53 -3.16 -6.88
N HIS A 60 9.27 -2.08 -6.14
CA HIS A 60 7.91 -1.68 -5.82
C HIS A 60 7.08 -1.49 -7.09
N GLY A 61 6.00 -2.27 -7.21
CA GLY A 61 5.14 -2.15 -8.37
C GLY A 61 5.46 -3.20 -9.42
N LYS A 62 6.37 -4.12 -9.08
CA LYS A 62 6.76 -5.19 -10.00
C LYS A 62 5.78 -6.35 -9.95
N SER A 63 6.10 -7.42 -10.68
CA SER A 63 5.23 -8.59 -10.72
C SER A 63 6.02 -9.85 -10.34
N PHE A 64 5.34 -10.78 -9.68
CA PHE A 64 5.96 -12.02 -9.25
C PHE A 64 4.93 -13.00 -8.71
N ALA A 65 5.00 -14.24 -9.17
CA ALA A 65 4.07 -15.28 -8.73
C ALA A 65 2.63 -14.91 -9.09
N ASN A 66 2.46 -14.31 -10.27
CA ASN A 66 1.15 -13.89 -10.73
C ASN A 66 0.50 -12.95 -9.75
N GLN A 67 1.32 -12.12 -9.11
CA GLN A 67 0.82 -11.14 -8.15
C GLN A 67 1.72 -9.91 -8.10
N PRO A 68 1.13 -8.74 -7.84
CA PRO A 68 1.86 -7.47 -7.76
C PRO A 68 2.76 -7.40 -6.53
N LEU A 69 4.05 -7.16 -6.76
CA LEU A 69 5.02 -7.07 -5.68
C LEU A 69 4.96 -5.70 -5.01
N GLU A 70 5.51 -5.60 -3.80
CA GLU A 70 5.54 -4.34 -3.07
C GLU A 70 6.75 -4.27 -2.14
N VAL A 71 7.50 -3.18 -2.24
CA VAL A 71 8.68 -2.99 -1.41
C VAL A 71 8.76 -1.56 -0.89
N VAL A 72 9.16 -1.42 0.37
CA VAL A 72 9.28 -0.11 1.00
C VAL A 72 10.47 -0.05 1.94
N TYR A 73 10.78 1.14 2.43
CA TYR A 73 11.90 1.33 3.35
C TYR A 73 11.59 0.70 4.70
N SER A 74 12.13 -0.49 4.99
CA SER A 74 11.88 -1.20 6.26
C SER A 74 11.35 -0.29 7.36
N LYS A 75 11.96 0.89 7.51
CA LYS A 75 11.54 1.87 8.51
C LYS A 75 10.02 2.06 8.52
N LEU A 76 9.50 2.66 9.60
CA LEU A 76 8.07 2.91 9.74
C LEU A 76 7.75 4.41 9.71
N PRO A 77 6.49 4.79 9.37
CA PRO A 77 6.06 6.17 9.28
C PRO A 77 5.24 6.61 10.50
N ALA A 78 4.51 7.73 10.37
CA ALA A 78 3.69 8.23 11.47
C ALA A 78 2.21 8.34 11.07
N LYS A 79 1.69 9.57 11.01
CA LYS A 79 0.28 9.81 10.63
C LYS A 79 0.08 9.54 9.15
N ARG A 80 -1.18 9.59 8.68
CA ARG A 80 -1.42 9.32 7.26
C ARG A 80 -2.62 10.11 6.74
N TYR A 81 -2.94 9.92 5.46
CA TYR A 81 -4.06 10.62 4.85
C TYR A 81 -4.90 9.65 4.02
N ARG A 82 -5.15 8.47 4.56
CA ARG A 82 -5.94 7.46 3.86
C ARG A 82 -7.10 6.99 4.73
N ILE A 83 -8.17 6.53 4.09
CA ILE A 83 -9.35 6.05 4.80
C ILE A 83 -10.00 4.88 4.07
N THR A 84 -10.79 4.10 4.79
CA THR A 84 -11.47 2.94 4.21
C THR A 84 -12.98 3.12 4.25
N MET A 85 -13.65 2.64 3.20
CA MET A 85 -15.11 2.74 3.12
C MET A 85 -15.77 1.42 3.53
N LYS A 86 -17.03 1.51 3.94
CA LYS A 86 -17.78 0.33 4.36
C LYS A 86 -19.25 0.46 3.99
N ASN A 87 -19.91 -0.67 3.79
CA ASN A 87 -21.33 -0.68 3.43
C ASN A 87 -21.54 -0.11 2.03
N LEU A 88 -20.64 -0.44 1.11
CA LEU A 88 -20.73 0.05 -0.26
C LEU A 88 -20.80 -1.12 -1.24
N PRO A 89 -21.89 -1.90 -1.16
CA PRO A 89 -22.10 -3.05 -2.04
C PRO A 89 -22.38 -2.64 -3.48
N GLU A 90 -21.36 -2.05 -4.13
CA GLU A 90 -21.50 -1.62 -5.51
C GLU A 90 -20.24 -1.93 -6.31
N GLY A 91 -20.37 -1.91 -7.64
CA GLY A 91 -19.23 -2.20 -8.47
C GLY A 91 -18.28 -1.02 -8.63
N CYS A 92 -18.64 0.19 -8.35
CA CYS A 92 -17.79 1.32 -8.70
C CYS A 92 -16.57 0.85 -9.47
N SER A 93 -15.46 0.91 -8.76
CA SER A 93 -14.04 0.56 -8.86
C SER A 93 -13.17 1.79 -8.62
N TRP A 94 -11.86 1.58 -8.58
CA TRP A 94 -10.91 2.67 -8.36
C TRP A 94 -11.25 3.87 -9.25
N GLN A 95 -11.60 3.59 -10.51
CA GLN A 95 -11.96 4.64 -11.45
C GLN A 95 -13.21 5.39 -11.00
N ASP A 96 -14.21 4.63 -10.55
CA ASP A 96 -15.46 5.22 -10.09
C ASP A 96 -15.23 6.12 -8.87
N LEU A 97 -14.76 5.51 -7.79
CA LEU A 97 -14.49 6.26 -6.56
C LEU A 97 -13.59 7.46 -6.83
N LYS A 98 -12.65 7.28 -7.75
CA LYS A 98 -11.73 8.36 -8.11
C LYS A 98 -12.45 9.48 -8.84
N ASP A 99 -13.42 9.11 -9.68
CA ASP A 99 -14.19 10.08 -10.44
C ASP A 99 -15.04 10.94 -9.51
N LEU A 100 -15.82 10.28 -8.66
CA LEU A 100 -16.69 10.99 -7.73
C LEU A 100 -15.87 11.76 -6.69
N ALA A 101 -14.74 11.18 -6.31
CA ALA A 101 -13.85 11.82 -5.33
C ALA A 101 -13.31 13.15 -5.87
N ARG A 102 -12.76 13.11 -7.07
CA ARG A 102 -12.21 14.31 -7.70
C ARG A 102 -13.31 15.31 -8.04
N GLU A 103 -14.49 14.78 -8.35
CA GLU A 103 -15.63 15.63 -8.70
C GLU A 103 -16.25 16.24 -7.45
N ASN A 104 -16.05 15.59 -6.32
CA ASN A 104 -16.60 16.06 -5.05
C ASN A 104 -15.61 16.96 -4.32
N SER A 105 -14.66 17.50 -5.08
CA SER A 105 -13.64 18.38 -4.50
C SER A 105 -12.71 17.60 -3.59
N LEU A 106 -12.35 16.39 -4.01
CA LEU A 106 -11.45 15.55 -3.23
C LEU A 106 -10.46 14.82 -4.14
N GLU A 107 -9.22 15.30 -4.15
CA GLU A 107 -8.16 14.70 -4.97
C GLU A 107 -7.46 13.61 -4.22
N THR A 108 -7.31 12.44 -4.86
CA THR A 108 -6.63 11.31 -4.24
C THR A 108 -5.43 10.87 -5.07
N THR A 109 -4.44 10.29 -4.39
CA THR A 109 -3.23 9.82 -5.07
C THR A 109 -3.19 8.30 -5.15
N PHE A 110 -4.04 7.65 -4.35
CA PHE A 110 -4.10 6.20 -4.32
C PHE A 110 -5.53 5.73 -4.02
N SER A 111 -5.92 4.62 -4.65
CA SER A 111 -7.26 4.07 -4.46
C SER A 111 -7.23 2.55 -4.52
N SER A 112 -8.24 1.91 -3.93
CA SER A 112 -8.33 0.46 -3.91
C SER A 112 -9.72 0.01 -3.50
N VAL A 113 -10.15 -1.12 -4.05
CA VAL A 113 -11.47 -1.67 -3.73
C VAL A 113 -11.41 -3.18 -3.58
N ASN A 114 -12.51 -3.77 -3.11
CA ASN A 114 -12.59 -5.21 -2.90
C ASN A 114 -13.78 -5.80 -3.65
N THR A 115 -13.52 -6.34 -4.83
CA THR A 115 -14.57 -6.94 -5.64
C THR A 115 -14.58 -8.47 -5.51
N ARG A 116 -13.43 -9.02 -5.12
CA ARG A 116 -13.30 -10.46 -4.95
C ARG A 116 -14.43 -11.02 -4.08
N ASP A 117 -14.80 -10.26 -3.05
CA ASP A 117 -15.87 -10.66 -2.14
C ASP A 117 -17.01 -9.68 -2.16
N PHE A 118 -18.08 -10.00 -1.43
CA PHE A 118 -19.26 -9.13 -1.38
C PHE A 118 -19.27 -8.31 -0.10
N ASP A 119 -18.08 -8.07 0.46
CA ASP A 119 -17.96 -7.29 1.68
C ASP A 119 -18.32 -5.83 1.43
N GLY A 120 -18.17 -5.39 0.19
CA GLY A 120 -18.49 -4.02 -0.15
C GLY A 120 -17.68 -3.01 0.66
N THR A 121 -16.36 -3.06 0.52
CA THR A 121 -15.48 -2.15 1.24
C THR A 121 -14.33 -1.69 0.36
N GLY A 122 -14.01 -0.40 0.45
CA GLY A 122 -12.92 0.14 -0.35
C GLY A 122 -11.94 0.95 0.48
N ALA A 123 -10.96 1.55 -0.18
CA ALA A 123 -9.95 2.34 0.51
C ALA A 123 -9.36 3.40 -0.42
N LEU A 124 -9.25 4.63 0.08
CA LEU A 124 -8.71 5.74 -0.70
C LEU A 124 -7.70 6.53 0.10
N GLU A 125 -6.84 7.26 -0.58
CA GLU A 125 -5.82 8.08 0.07
C GLU A 125 -5.64 9.41 -0.64
N PHE A 126 -5.44 10.46 0.14
CA PHE A 126 -5.26 11.80 -0.41
C PHE A 126 -3.84 12.31 -0.16
N PRO A 127 -3.38 13.24 -1.02
CA PRO A 127 -2.05 13.82 -0.89
C PRO A 127 -1.91 14.74 0.32
N SER A 128 -3.04 15.27 0.78
CA SER A 128 -3.06 16.16 1.94
C SER A 128 -4.09 15.71 2.96
N GLU A 129 -3.90 16.13 4.20
CA GLU A 129 -4.83 15.77 5.28
C GLU A 129 -6.14 16.54 5.15
N GLU A 130 -6.05 17.77 4.66
CA GLU A 130 -7.23 18.61 4.49
C GLU A 130 -8.31 17.88 3.70
N ILE A 131 -7.91 17.27 2.59
CA ILE A 131 -8.84 16.53 1.74
C ILE A 131 -9.32 15.27 2.43
N LEU A 132 -8.45 14.67 3.24
CA LEU A 132 -8.78 13.44 3.97
C LEU A 132 -9.90 13.69 4.97
N VAL A 133 -9.65 14.63 5.90
CA VAL A 133 -10.64 14.98 6.92
C VAL A 133 -11.92 15.50 6.29
N GLU A 134 -11.78 16.32 5.26
CA GLU A 134 -12.93 16.89 4.57
C GLU A 134 -13.74 15.81 3.86
N ALA A 135 -13.05 15.00 3.06
CA ALA A 135 -13.71 13.93 2.32
C ALA A 135 -14.30 12.89 3.27
N LEU A 136 -13.64 12.69 4.41
CA LEU A 136 -14.09 11.73 5.40
C LEU A 136 -15.37 12.21 6.07
N GLU A 137 -15.43 13.51 6.36
CA GLU A 137 -16.61 14.10 6.99
C GLU A 137 -17.71 14.35 5.98
N ARG A 138 -17.33 14.42 4.71
CA ARG A 138 -18.30 14.66 3.63
C ARG A 138 -18.83 13.34 3.08
N LEU A 139 -18.05 12.28 3.25
CA LEU A 139 -18.44 10.96 2.77
C LEU A 139 -19.06 10.12 3.88
N ASN A 140 -18.63 10.37 5.11
CA ASN A 140 -19.15 9.64 6.27
C ASN A 140 -20.68 9.67 6.29
N ASN A 141 -21.29 8.49 6.27
CA ASN A 141 -22.73 8.38 6.28
C ASN A 141 -23.35 9.08 5.06
N ILE A 142 -23.44 8.34 3.97
CA ILE A 142 -24.01 8.89 2.73
C ILE A 142 -24.86 7.85 2.02
N GLU A 143 -25.99 8.29 1.47
CA GLU A 143 -26.89 7.40 0.75
C GLU A 143 -26.50 7.29 -0.71
N PHE A 144 -26.36 6.06 -1.20
CA PHE A 144 -25.98 5.81 -2.58
C PHE A 144 -26.47 4.44 -3.04
N ARG A 145 -27.27 4.43 -4.10
CA ARG A 145 -27.81 3.20 -4.65
C ARG A 145 -28.66 2.47 -3.61
N GLY A 146 -29.32 3.24 -2.76
CA GLY A 146 -30.15 2.65 -1.71
C GLY A 146 -29.34 2.07 -0.58
N SER A 147 -28.05 2.36 -0.57
CA SER A 147 -27.16 1.85 0.47
C SER A 147 -26.43 3.00 1.16
N VAL A 148 -26.31 2.92 2.47
CA VAL A 148 -25.63 3.95 3.25
C VAL A 148 -24.15 3.60 3.45
N ILE A 149 -23.31 4.26 2.67
CA ILE A 149 -21.87 4.04 2.76
C ILE A 149 -21.22 4.92 3.82
N THR A 150 -20.20 4.39 4.48
CA THR A 150 -19.50 5.14 5.53
C THR A 150 -17.99 5.04 5.35
N VAL A 151 -17.29 6.09 5.75
CA VAL A 151 -15.83 6.13 5.64
C VAL A 151 -15.18 6.27 7.01
N GLU A 152 -14.12 5.51 7.24
CA GLU A 152 -13.40 5.55 8.51
C GLU A 152 -11.91 5.29 8.31
N ARG A 153 -11.09 6.16 8.88
CA ARG A 153 -9.64 6.02 8.75
C ARG A 153 -9.15 4.78 9.49
N ASP A 154 -8.12 4.14 8.95
CA ASP A 154 -7.56 2.94 9.55
C ASP A 154 -6.04 2.93 9.43
N ASP A 155 -5.35 3.25 10.53
CA ASP A 155 -3.90 3.28 10.54
C ASP A 155 -3.33 1.95 11.06
N ASN A 156 -2.52 1.31 10.24
CA ASN A 156 -1.90 0.03 10.61
C ASN A 156 -0.39 0.06 10.38
N PRO A 157 0.36 0.75 11.25
CA PRO A 157 1.82 0.78 11.13
C PRO A 157 2.41 -0.59 11.49
N PRO A 158 3.01 -1.31 10.51
CA PRO A 158 3.58 -2.64 10.70
C PRO A 158 4.05 -2.92 12.14
N PRO A 159 3.34 -3.81 12.85
CA PRO A 159 3.67 -4.17 14.23
C PRO A 159 5.02 -4.91 14.33
N ILE A 160 4.97 -6.19 14.72
CA ILE A 160 6.18 -6.99 14.85
C ILE A 160 5.84 -8.46 15.10
N ARG A 161 6.80 -9.35 14.89
CA ARG A 161 6.56 -10.78 15.11
C ARG A 161 6.27 -11.05 16.58
N GLY A 1 20.71 -0.21 13.20
CA GLY A 1 19.45 0.48 13.59
C GLY A 1 19.68 1.93 13.99
N GLU A 2 19.70 2.80 12.99
CA GLU A 2 19.88 4.23 13.21
C GLU A 2 19.05 5.02 12.21
N LEU A 3 19.58 5.19 11.01
CA LEU A 3 18.87 5.89 9.95
C LEU A 3 18.70 5.01 8.72
N SER A 4 17.68 5.30 7.92
CA SER A 4 17.40 4.52 6.72
C SER A 4 18.39 4.82 5.60
N ASN A 5 19.34 3.90 5.40
CA ASN A 5 20.35 4.03 4.37
C ASN A 5 20.45 2.75 3.55
N THR A 6 20.30 1.61 4.21
CA THR A 6 20.37 0.32 3.53
C THR A 6 19.39 -0.67 4.13
N ARG A 7 18.18 -0.71 3.60
CA ARG A 7 17.14 -1.61 4.08
C ARG A 7 15.84 -1.42 3.31
N LEU A 8 15.40 -2.47 2.64
CA LEU A 8 14.17 -2.42 1.86
C LEU A 8 13.18 -3.49 2.32
N PHE A 9 11.97 -3.06 2.67
CA PHE A 9 10.94 -3.98 3.14
C PHE A 9 10.05 -4.43 1.97
N VAL A 10 9.96 -5.74 1.77
CA VAL A 10 9.15 -6.29 0.70
C VAL A 10 7.84 -6.87 1.25
N ARG A 11 6.91 -7.15 0.35
CA ARG A 11 5.62 -7.69 0.74
C ARG A 11 5.73 -9.19 1.03
N PRO A 12 4.67 -9.76 1.61
CA PRO A 12 4.63 -11.19 1.96
C PRO A 12 4.57 -12.09 0.73
N PHE A 13 5.55 -12.99 0.61
CA PHE A 13 5.60 -13.91 -0.51
C PHE A 13 4.92 -15.23 -0.18
N PRO A 14 4.50 -15.96 -1.23
CA PRO A 14 3.82 -17.25 -1.07
C PRO A 14 4.76 -18.34 -0.56
N LEU A 15 4.36 -19.59 -0.76
CA LEU A 15 5.17 -20.72 -0.31
C LEU A 15 6.59 -20.63 -0.88
N ASP A 16 6.75 -19.83 -1.93
CA ASP A 16 8.06 -19.65 -2.56
C ASP A 16 8.81 -18.51 -1.92
N VAL A 17 8.46 -18.20 -0.67
CA VAL A 17 9.11 -17.12 0.07
C VAL A 17 10.48 -17.55 0.59
N GLN A 18 11.51 -17.35 -0.22
CA GLN A 18 12.86 -17.72 0.16
C GLN A 18 13.88 -16.72 -0.39
N GLU A 19 15.12 -16.82 0.07
CA GLU A 19 16.18 -15.94 -0.38
C GLU A 19 16.51 -16.18 -1.85
N SER A 20 16.21 -17.38 -2.32
CA SER A 20 16.47 -17.75 -3.71
C SER A 20 15.88 -16.72 -4.67
N GLU A 21 14.59 -16.44 -4.50
CA GLU A 21 13.90 -15.47 -5.34
C GLU A 21 14.41 -14.05 -5.07
N LEU A 22 14.65 -13.76 -3.80
CA LEU A 22 15.14 -12.43 -3.41
C LEU A 22 16.48 -12.12 -4.10
N ASN A 23 17.33 -13.13 -4.21
CA ASN A 23 18.63 -12.96 -4.83
C ASN A 23 18.49 -12.88 -6.35
N GLU A 24 17.63 -13.73 -6.90
CA GLU A 24 17.40 -13.77 -8.35
C GLU A 24 16.65 -12.52 -8.81
N ILE A 25 16.01 -11.84 -7.86
CA ILE A 25 15.24 -10.64 -8.17
C ILE A 25 16.05 -9.38 -7.84
N PHE A 26 16.48 -9.27 -6.58
CA PHE A 26 17.25 -8.13 -6.14
C PHE A 26 18.72 -8.28 -6.53
N GLY A 27 19.04 -9.40 -7.17
CA GLY A 27 20.42 -9.65 -7.59
C GLY A 27 20.97 -8.54 -8.46
N PRO A 28 20.33 -8.31 -9.62
CA PRO A 28 20.75 -7.27 -10.56
C PRO A 28 20.49 -5.87 -10.03
N PHE A 29 21.10 -5.53 -8.89
CA PHE A 29 20.94 -4.23 -8.28
C PHE A 29 22.20 -3.81 -7.53
N GLY A 30 22.80 -4.77 -6.82
CA GLY A 30 24.00 -4.48 -6.06
C GLY A 30 24.34 -5.57 -5.07
N PRO A 31 25.48 -5.41 -4.38
CA PRO A 31 25.93 -6.39 -3.37
C PRO A 31 25.05 -6.38 -2.12
N MET A 32 24.03 -7.23 -2.13
CA MET A 32 23.13 -7.33 -0.98
C MET A 32 23.88 -7.72 0.28
N LYS A 33 24.00 -6.78 1.21
CA LYS A 33 24.69 -7.02 2.47
C LYS A 33 24.03 -8.16 3.24
N GLU A 34 22.71 -8.23 3.17
CA GLU A 34 21.96 -9.28 3.87
C GLU A 34 20.53 -9.36 3.35
N VAL A 35 19.84 -10.44 3.69
CA VAL A 35 18.46 -10.63 3.26
C VAL A 35 17.66 -11.37 4.32
N LYS A 36 16.37 -11.06 4.40
CA LYS A 36 15.49 -11.70 5.37
C LYS A 36 14.14 -12.05 4.74
N ILE A 37 13.68 -13.27 4.97
CA ILE A 37 12.40 -13.73 4.42
C ILE A 37 11.57 -14.43 5.49
N LEU A 38 10.48 -13.78 5.91
CA LEU A 38 9.60 -14.34 6.92
C LEU A 38 8.17 -14.43 6.40
N ASN A 39 7.45 -15.46 6.84
CA ASN A 39 6.07 -15.66 6.40
C ASN A 39 5.19 -14.49 6.85
N GLY A 40 5.02 -13.52 5.95
CA GLY A 40 4.22 -12.35 6.28
C GLY A 40 4.87 -11.05 5.86
N PHE A 41 6.19 -11.08 5.72
CA PHE A 41 6.95 -9.89 5.34
C PHE A 41 8.37 -10.26 4.96
N ALA A 42 8.98 -9.45 4.09
CA ALA A 42 10.35 -9.69 3.64
C ALA A 42 11.20 -8.43 3.81
N PHE A 43 12.51 -8.62 3.91
CA PHE A 43 13.44 -7.51 4.06
C PHE A 43 14.75 -7.77 3.33
N VAL A 44 15.37 -6.71 2.84
CA VAL A 44 16.64 -6.83 2.10
C VAL A 44 17.53 -5.63 2.36
N GLU A 45 18.73 -5.88 2.91
CA GLU A 45 19.68 -4.82 3.20
C GLU A 45 20.85 -4.85 2.22
N PHE A 46 20.93 -3.84 1.38
CA PHE A 46 22.01 -3.75 0.39
C PHE A 46 23.27 -3.17 1.01
N GLU A 47 24.42 -3.54 0.47
CA GLU A 47 25.71 -3.05 0.98
C GLU A 47 25.98 -1.65 0.47
N GLU A 48 25.06 -1.11 -0.33
CA GLU A 48 25.21 0.22 -0.88
C GLU A 48 23.87 0.96 -0.89
N ALA A 49 23.85 2.14 -0.27
CA ALA A 49 22.64 2.95 -0.21
C ALA A 49 22.03 3.13 -1.59
N GLU A 50 22.88 3.38 -2.59
CA GLU A 50 22.43 3.59 -3.95
C GLU A 50 21.66 2.37 -4.45
N SER A 51 22.27 1.19 -4.33
CA SER A 51 21.64 -0.05 -4.76
C SER A 51 20.27 -0.22 -4.12
N ALA A 52 20.17 0.14 -2.84
CA ALA A 52 18.91 0.03 -2.12
C ALA A 52 17.89 1.04 -2.61
N ALA A 53 18.29 2.30 -2.66
CA ALA A 53 17.42 3.37 -3.12
C ALA A 53 16.85 3.06 -4.51
N LYS A 54 17.65 2.38 -5.32
CA LYS A 54 17.23 2.01 -6.67
C LYS A 54 16.24 0.84 -6.64
N ALA A 55 16.66 -0.24 -5.99
CA ALA A 55 15.81 -1.43 -5.88
C ALA A 55 14.43 -1.07 -5.33
N ILE A 56 14.38 -0.06 -4.47
CA ILE A 56 13.12 0.37 -3.89
C ILE A 56 12.19 0.96 -4.94
N GLU A 57 12.78 1.67 -5.91
CA GLU A 57 11.99 2.27 -6.98
C GLU A 57 11.91 1.35 -8.17
N GLU A 58 12.69 0.28 -8.16
CA GLU A 58 12.69 -0.69 -9.25
C GLU A 58 11.76 -1.86 -8.95
N VAL A 59 12.05 -2.59 -7.88
CA VAL A 59 11.24 -3.73 -7.47
C VAL A 59 9.79 -3.31 -7.23
N HIS A 60 9.62 -2.16 -6.58
CA HIS A 60 8.29 -1.65 -6.27
C HIS A 60 7.46 -1.50 -7.54
N GLY A 61 6.33 -2.20 -7.59
CA GLY A 61 5.46 -2.14 -8.76
C GLY A 61 5.70 -3.28 -9.72
N LYS A 62 6.54 -4.23 -9.31
CA LYS A 62 6.85 -5.39 -10.15
C LYS A 62 5.79 -6.47 -9.99
N SER A 63 6.02 -7.61 -10.63
CA SER A 63 5.08 -8.73 -10.57
C SER A 63 5.78 -10.00 -10.08
N PHE A 64 5.05 -10.83 -9.35
CA PHE A 64 5.60 -12.07 -8.83
C PHE A 64 4.50 -12.92 -8.20
N ALA A 65 4.48 -14.21 -8.55
CA ALA A 65 3.48 -15.13 -8.02
C ALA A 65 2.07 -14.70 -8.40
N ASN A 66 1.93 -14.18 -9.62
CA ASN A 66 0.63 -13.73 -10.11
C ASN A 66 0.07 -12.65 -9.21
N GLN A 67 0.95 -11.82 -8.65
CA GLN A 67 0.54 -10.74 -7.77
C GLN A 67 1.52 -9.58 -7.83
N PRO A 68 1.01 -8.35 -7.65
CA PRO A 68 1.84 -7.14 -7.69
C PRO A 68 2.75 -7.03 -6.48
N LEU A 69 4.05 -6.90 -6.74
CA LEU A 69 5.03 -6.78 -5.66
C LEU A 69 5.08 -5.36 -5.11
N GLU A 70 5.66 -5.20 -3.93
CA GLU A 70 5.77 -3.90 -3.30
C GLU A 70 6.99 -3.84 -2.38
N VAL A 71 7.82 -2.82 -2.59
CA VAL A 71 9.03 -2.63 -1.78
C VAL A 71 9.21 -1.18 -1.38
N VAL A 72 9.63 -0.96 -0.14
CA VAL A 72 9.85 0.39 0.37
C VAL A 72 11.06 0.43 1.31
N TYR A 73 11.45 1.64 1.69
CA TYR A 73 12.59 1.82 2.59
C TYR A 73 12.26 1.34 3.99
N SER A 74 12.75 0.17 4.37
CA SER A 74 12.46 -0.41 5.70
C SER A 74 12.46 0.63 6.83
N LYS A 75 11.25 1.05 7.23
CA LYS A 75 11.04 2.03 8.31
C LYS A 75 9.56 2.35 8.39
N LEU A 76 9.12 2.97 9.49
CA LEU A 76 7.69 3.29 9.66
C LEU A 76 7.49 4.70 10.22
N PRO A 77 6.58 5.49 9.61
CA PRO A 77 6.28 6.84 10.06
C PRO A 77 5.07 6.89 11.00
N ALA A 78 4.31 7.99 10.94
CA ALA A 78 3.13 8.15 11.78
C ALA A 78 2.17 9.16 11.17
N LYS A 79 0.89 9.10 11.58
CA LYS A 79 -0.13 10.00 11.06
C LYS A 79 -0.30 9.79 9.58
N ARG A 80 -1.52 9.60 9.12
CA ARG A 80 -1.73 9.40 7.69
C ARG A 80 -2.95 10.16 7.19
N TYR A 81 -3.22 10.03 5.90
CA TYR A 81 -4.38 10.71 5.30
C TYR A 81 -5.16 9.75 4.40
N ARG A 82 -5.36 8.52 4.87
CA ARG A 82 -6.09 7.53 4.11
C ARG A 82 -7.25 6.96 4.92
N ILE A 83 -8.28 6.49 4.23
CA ILE A 83 -9.45 5.91 4.88
C ILE A 83 -10.03 4.75 4.08
N THR A 84 -10.80 3.90 4.75
CA THR A 84 -11.41 2.75 4.09
C THR A 84 -12.94 2.86 4.11
N MET A 85 -13.57 2.41 3.03
CA MET A 85 -15.02 2.45 2.92
C MET A 85 -15.62 1.09 3.25
N LYS A 86 -16.90 1.10 3.63
CA LYS A 86 -17.60 -0.15 3.97
C LYS A 86 -19.07 -0.05 3.58
N ASN A 87 -19.68 -1.20 3.30
CA ASN A 87 -21.08 -1.26 2.91
C ASN A 87 -21.30 -0.61 1.55
N LEU A 88 -20.36 -0.86 0.64
CA LEU A 88 -20.44 -0.30 -0.71
C LEU A 88 -20.44 -1.41 -1.76
N PRO A 89 -21.50 -2.24 -1.75
CA PRO A 89 -21.65 -3.35 -2.69
C PRO A 89 -21.91 -2.88 -4.11
N GLU A 90 -20.93 -2.21 -4.70
CA GLU A 90 -21.05 -1.70 -6.06
C GLU A 90 -19.77 -1.91 -6.85
N GLY A 91 -19.87 -1.83 -8.17
CA GLY A 91 -18.71 -2.01 -9.01
C GLY A 91 -17.81 -0.79 -9.08
N CYS A 92 -18.23 0.38 -8.74
CA CYS A 92 -17.42 1.57 -9.01
C CYS A 92 -16.17 1.21 -9.78
N SER A 93 -15.07 1.27 -9.04
CA SER A 93 -13.65 0.99 -9.14
C SER A 93 -12.84 2.24 -8.81
N TRP A 94 -11.52 2.09 -8.76
CA TRP A 94 -10.63 3.21 -8.46
C TRP A 94 -11.01 4.44 -9.29
N GLN A 95 -11.33 4.21 -10.56
CA GLN A 95 -11.71 5.30 -11.45
C GLN A 95 -13.00 5.96 -10.98
N ASP A 96 -13.97 5.14 -10.60
CA ASP A 96 -15.26 5.65 -10.13
C ASP A 96 -15.09 6.48 -8.87
N LEU A 97 -14.61 5.84 -7.80
CA LEU A 97 -14.40 6.52 -6.54
C LEU A 97 -13.55 7.78 -6.72
N LYS A 98 -12.58 7.69 -7.63
CA LYS A 98 -11.71 8.83 -7.90
C LYS A 98 -12.47 9.96 -8.60
N ASP A 99 -13.40 9.59 -9.47
CA ASP A 99 -14.20 10.57 -10.19
C ASP A 99 -15.10 11.33 -9.24
N LEU A 100 -15.88 10.60 -8.44
CA LEU A 100 -16.79 11.21 -7.49
C LEU A 100 -16.02 11.96 -6.40
N ALA A 101 -14.87 11.42 -6.01
CA ALA A 101 -14.04 12.04 -4.99
C ALA A 101 -13.55 13.41 -5.45
N ARG A 102 -12.98 13.47 -6.64
CA ARG A 102 -12.46 14.72 -7.18
C ARG A 102 -13.60 15.68 -7.49
N GLU A 103 -14.76 15.14 -7.85
CA GLU A 103 -15.92 15.95 -8.18
C GLU A 103 -16.60 16.45 -6.91
N ASN A 104 -16.39 15.75 -5.81
CA ASN A 104 -16.98 16.12 -4.53
C ASN A 104 -16.04 17.02 -3.73
N SER A 105 -15.11 17.66 -4.44
CA SER A 105 -14.14 18.54 -3.79
C SER A 105 -13.18 17.75 -2.91
N LEU A 106 -12.77 16.59 -3.40
CA LEU A 106 -11.85 15.74 -2.65
C LEU A 106 -10.80 15.12 -3.57
N GLU A 107 -9.58 15.65 -3.53
CA GLU A 107 -8.50 15.14 -4.36
C GLU A 107 -7.75 14.04 -3.66
N THR A 108 -7.53 12.92 -4.35
CA THR A 108 -6.82 11.79 -3.78
C THR A 108 -5.58 11.44 -4.60
N THR A 109 -4.58 10.88 -3.95
CA THR A 109 -3.34 10.51 -4.63
C THR A 109 -3.24 8.99 -4.79
N PHE A 110 -4.06 8.26 -4.04
CA PHE A 110 -4.06 6.81 -4.09
C PHE A 110 -5.46 6.26 -3.86
N SER A 111 -5.80 5.18 -4.56
CA SER A 111 -7.11 4.56 -4.42
C SER A 111 -7.00 3.04 -4.56
N SER A 112 -7.99 2.33 -4.02
CA SER A 112 -8.02 0.87 -4.08
C SER A 112 -9.40 0.33 -3.73
N VAL A 113 -9.77 -0.79 -4.34
CA VAL A 113 -11.06 -1.41 -4.09
C VAL A 113 -10.94 -2.92 -4.01
N ASN A 114 -12.01 -3.58 -3.60
CA ASN A 114 -12.04 -5.03 -3.49
C ASN A 114 -13.18 -5.63 -4.28
N THR A 115 -12.88 -6.10 -5.49
CA THR A 115 -13.89 -6.70 -6.35
C THR A 115 -13.83 -8.23 -6.30
N ARG A 116 -12.67 -8.75 -5.91
CA ARG A 116 -12.47 -10.19 -5.82
C ARG A 116 -13.58 -10.84 -5.01
N ASP A 117 -14.01 -10.15 -3.95
CA ASP A 117 -15.07 -10.66 -3.08
C ASP A 117 -16.26 -9.73 -3.07
N PHE A 118 -17.33 -10.13 -2.39
CA PHE A 118 -18.55 -9.33 -2.31
C PHE A 118 -18.61 -8.58 -0.99
N ASP A 119 -17.45 -8.31 -0.40
CA ASP A 119 -17.38 -7.60 0.88
C ASP A 119 -17.81 -6.15 0.70
N GLY A 120 -17.65 -5.64 -0.51
CA GLY A 120 -18.03 -4.26 -0.78
C GLY A 120 -17.29 -3.27 0.10
N THR A 121 -15.96 -3.25 -0.02
CA THR A 121 -15.13 -2.35 0.77
C THR A 121 -13.99 -1.78 -0.06
N GLY A 122 -13.73 -0.49 0.10
CA GLY A 122 -12.66 0.15 -0.64
C GLY A 122 -11.73 0.95 0.25
N ALA A 123 -10.76 1.64 -0.35
CA ALA A 123 -9.80 2.44 0.39
C ALA A 123 -9.25 3.57 -0.46
N LEU A 124 -9.21 4.77 0.10
CA LEU A 124 -8.71 5.94 -0.61
C LEU A 124 -7.74 6.73 0.27
N GLU A 125 -6.90 7.54 -0.37
CA GLU A 125 -5.93 8.36 0.35
C GLU A 125 -5.80 9.74 -0.28
N PHE A 126 -5.67 10.76 0.56
CA PHE A 126 -5.54 12.13 0.08
C PHE A 126 -4.15 12.68 0.40
N PRO A 127 -3.72 13.68 -0.39
CA PRO A 127 -2.42 14.32 -0.22
C PRO A 127 -2.34 15.16 1.05
N SER A 128 -3.50 15.62 1.51
CA SER A 128 -3.58 16.44 2.71
C SER A 128 -4.61 15.89 3.69
N GLU A 129 -4.47 16.25 4.96
CA GLU A 129 -5.38 15.79 5.99
C GLU A 129 -6.73 16.50 5.88
N GLU A 130 -6.70 17.76 5.47
CA GLU A 130 -7.91 18.56 5.32
C GLU A 130 -8.93 17.82 4.46
N ILE A 131 -8.49 17.29 3.34
CA ILE A 131 -9.36 16.56 2.43
C ILE A 131 -9.81 15.23 3.04
N LEU A 132 -8.92 14.64 3.84
CA LEU A 132 -9.22 13.37 4.48
C LEU A 132 -10.36 13.51 5.48
N VAL A 133 -10.18 14.40 6.46
CA VAL A 133 -11.19 14.64 7.48
C VAL A 133 -12.48 15.14 6.85
N GLU A 134 -12.36 16.02 5.86
CA GLU A 134 -13.53 16.58 5.19
C GLU A 134 -14.27 15.50 4.41
N ALA A 135 -13.53 14.78 3.56
CA ALA A 135 -14.12 13.71 2.77
C ALA A 135 -14.68 12.59 3.64
N LEU A 136 -14.03 12.37 4.79
CA LEU A 136 -14.46 11.33 5.71
C LEU A 136 -15.78 11.72 6.38
N GLU A 137 -15.90 13.00 6.74
CA GLU A 137 -17.11 13.49 7.38
C GLU A 137 -18.22 13.75 6.36
N ARG A 138 -17.82 13.91 5.10
CA ARG A 138 -18.76 14.17 4.03
C ARG A 138 -19.22 12.85 3.38
N LEU A 139 -18.40 11.82 3.52
CA LEU A 139 -18.72 10.51 2.96
C LEU A 139 -19.33 9.59 4.01
N ASN A 140 -18.92 9.78 5.26
CA ASN A 140 -19.43 8.98 6.35
C ASN A 140 -20.95 8.94 6.35
N ASN A 141 -21.51 7.73 6.25
CA ASN A 141 -22.96 7.56 6.23
C ASN A 141 -23.58 8.29 5.04
N ILE A 142 -23.62 7.62 3.90
CA ILE A 142 -24.19 8.20 2.69
C ILE A 142 -24.98 7.17 1.90
N GLU A 143 -26.12 7.59 1.36
CA GLU A 143 -26.96 6.70 0.58
C GLU A 143 -26.53 6.68 -0.89
N PHE A 144 -26.33 5.49 -1.43
CA PHE A 144 -25.92 5.34 -2.82
C PHE A 144 -26.34 3.98 -3.36
N ARG A 145 -27.12 3.99 -4.44
CA ARG A 145 -27.60 2.77 -5.06
C ARG A 145 -28.42 1.95 -4.08
N GLY A 146 -29.14 2.64 -3.20
CA GLY A 146 -29.96 1.95 -2.22
C GLY A 146 -29.14 1.35 -1.09
N SER A 147 -27.86 1.69 -1.04
CA SER A 147 -26.97 1.17 -0.02
C SER A 147 -26.30 2.31 0.75
N VAL A 148 -26.20 2.16 2.06
CA VAL A 148 -25.59 3.18 2.92
C VAL A 148 -24.10 2.89 3.12
N ILE A 149 -23.27 3.63 2.40
CA ILE A 149 -21.83 3.46 2.49
C ILE A 149 -21.24 4.31 3.62
N THR A 150 -20.21 3.80 4.27
CA THR A 150 -19.56 4.52 5.37
C THR A 150 -18.04 4.49 5.22
N VAL A 151 -17.40 5.56 5.69
CA VAL A 151 -15.95 5.66 5.61
C VAL A 151 -15.33 5.75 7.00
N GLU A 152 -14.23 5.03 7.20
CA GLU A 152 -13.54 5.03 8.50
C GLU A 152 -12.04 4.85 8.31
N ARG A 153 -11.26 5.72 8.93
CA ARG A 153 -9.80 5.65 8.84
C ARG A 153 -9.28 4.40 9.52
N ASP A 154 -8.20 3.83 8.95
CA ASP A 154 -7.60 2.64 9.51
C ASP A 154 -6.08 2.70 9.41
N ASP A 155 -5.44 2.98 10.54
CA ASP A 155 -3.98 3.07 10.58
C ASP A 155 -3.37 1.75 11.04
N ASN A 156 -2.50 1.19 10.21
CA ASN A 156 -1.84 -0.08 10.52
C ASN A 156 -0.33 0.04 10.32
N PRO A 157 0.34 0.84 11.18
CA PRO A 157 1.79 1.00 11.12
C PRO A 157 2.57 -0.31 11.32
N PRO A 158 2.27 -1.13 12.37
CA PRO A 158 3.01 -2.36 12.61
C PRO A 158 2.50 -3.54 11.77
N PRO A 159 3.39 -4.48 11.44
CA PRO A 159 3.04 -5.67 10.64
C PRO A 159 2.06 -6.58 11.37
N ILE A 160 2.02 -7.85 10.95
CA ILE A 160 1.14 -8.85 11.55
C ILE A 160 1.74 -9.41 12.84
N ARG A 161 0.87 -9.84 13.76
CA ARG A 161 1.31 -10.39 15.04
C ARG A 161 0.69 -11.76 15.30
N GLY A 1 18.67 8.28 3.49
CA GLY A 1 18.45 9.73 3.73
C GLY A 1 17.54 10.01 4.91
N GLU A 2 16.24 10.04 4.66
CA GLU A 2 15.26 10.31 5.70
C GLU A 2 15.06 9.10 6.61
N LEU A 3 14.28 8.13 6.13
CA LEU A 3 14.00 6.92 6.90
C LEU A 3 15.20 5.97 6.89
N SER A 4 14.92 4.66 6.96
CA SER A 4 15.99 3.66 6.96
C SER A 4 16.99 3.94 5.84
N ASN A 5 18.25 3.58 6.06
CA ASN A 5 19.28 3.84 5.06
C ASN A 5 19.50 2.62 4.18
N THR A 6 19.40 1.44 4.78
CA THR A 6 19.58 0.19 4.04
C THR A 6 18.65 -0.90 4.57
N ARG A 7 17.45 -0.98 4.00
CA ARG A 7 16.48 -1.98 4.41
C ARG A 7 15.18 -1.84 3.61
N LEU A 8 14.83 -2.88 2.88
CA LEU A 8 13.62 -2.88 2.07
C LEU A 8 12.70 -4.03 2.44
N PHE A 9 11.46 -3.71 2.79
CA PHE A 9 10.48 -4.72 3.18
C PHE A 9 9.65 -5.16 1.97
N VAL A 10 9.66 -6.46 1.70
CA VAL A 10 8.91 -7.01 0.58
C VAL A 10 7.64 -7.71 1.06
N ARG A 11 6.73 -7.99 0.12
CA ARG A 11 5.48 -8.65 0.45
C ARG A 11 5.70 -10.15 0.68
N PRO A 12 4.66 -10.82 1.19
CA PRO A 12 4.72 -12.26 1.46
C PRO A 12 4.75 -13.09 0.19
N PHE A 13 5.78 -13.93 0.06
CA PHE A 13 5.93 -14.77 -1.11
C PHE A 13 5.33 -16.16 -0.87
N PRO A 14 4.98 -16.85 -1.96
CA PRO A 14 4.39 -18.19 -1.89
C PRO A 14 5.39 -19.24 -1.41
N LEU A 15 5.09 -20.51 -1.68
CA LEU A 15 5.96 -21.61 -1.27
C LEU A 15 7.39 -21.39 -1.79
N ASP A 16 7.52 -20.54 -2.80
CA ASP A 16 8.82 -20.23 -3.38
C ASP A 16 9.48 -19.07 -2.66
N VAL A 17 9.08 -18.85 -1.41
CA VAL A 17 9.64 -17.77 -0.60
C VAL A 17 11.02 -18.14 -0.07
N GLN A 18 12.05 -17.82 -0.83
CA GLN A 18 13.42 -18.11 -0.44
C GLN A 18 14.38 -17.03 -0.92
N GLU A 19 15.61 -17.07 -0.42
CA GLU A 19 16.62 -16.09 -0.80
C GLU A 19 17.00 -16.23 -2.27
N SER A 20 16.79 -17.43 -2.81
CA SER A 20 17.11 -17.69 -4.21
C SER A 20 16.47 -16.67 -5.13
N GLU A 21 15.16 -16.47 -4.98
CA GLU A 21 14.43 -15.51 -5.78
C GLU A 21 14.83 -14.09 -5.43
N LEU A 22 15.03 -13.83 -4.15
CA LEU A 22 15.41 -12.51 -3.68
C LEU A 22 16.73 -12.07 -4.31
N ASN A 23 17.66 -13.00 -4.44
CA ASN A 23 18.96 -12.72 -5.04
C ASN A 23 18.86 -12.58 -6.55
N GLU A 24 18.05 -13.45 -7.16
CA GLU A 24 17.87 -13.42 -8.61
C GLU A 24 17.04 -12.21 -9.02
N ILE A 25 16.33 -11.63 -8.06
CA ILE A 25 15.49 -10.46 -8.33
C ILE A 25 16.20 -9.17 -7.92
N PHE A 26 16.59 -9.10 -6.65
CA PHE A 26 17.28 -7.93 -6.13
C PHE A 26 18.77 -7.97 -6.49
N GLY A 27 19.18 -9.03 -7.17
CA GLY A 27 20.57 -9.16 -7.57
C GLY A 27 21.06 -7.97 -8.37
N PRO A 28 20.44 -7.71 -9.52
CA PRO A 28 20.81 -6.60 -10.40
C PRO A 28 20.44 -5.26 -9.81
N PHE A 29 21.01 -4.94 -8.64
CA PHE A 29 20.73 -3.69 -7.96
C PHE A 29 21.95 -3.23 -7.16
N GLY A 30 22.60 -4.17 -6.48
CA GLY A 30 23.75 -3.84 -5.69
C GLY A 30 24.15 -4.95 -4.73
N PRO A 31 25.25 -4.75 -4.00
CA PRO A 31 25.75 -5.75 -3.05
C PRO A 31 24.85 -5.87 -1.81
N MET A 32 23.88 -6.78 -1.89
CA MET A 32 22.96 -7.01 -0.78
C MET A 32 23.71 -7.41 0.48
N LYS A 33 23.74 -6.51 1.46
CA LYS A 33 24.42 -6.77 2.72
C LYS A 33 23.83 -8.00 3.42
N GLU A 34 22.51 -8.15 3.32
CA GLU A 34 21.82 -9.28 3.93
C GLU A 34 20.41 -9.42 3.37
N VAL A 35 19.79 -10.57 3.64
CA VAL A 35 18.44 -10.84 3.17
C VAL A 35 17.65 -11.68 4.16
N LYS A 36 16.35 -11.47 4.22
CA LYS A 36 15.49 -12.20 5.14
C LYS A 36 14.19 -12.61 4.45
N ILE A 37 13.81 -13.88 4.61
CA ILE A 37 12.58 -14.39 4.01
C ILE A 37 11.77 -15.20 5.01
N LEU A 38 10.64 -14.65 5.43
CA LEU A 38 9.77 -15.32 6.40
C LEU A 38 8.36 -15.48 5.83
N ASN A 39 7.71 -16.58 6.19
CA ASN A 39 6.35 -16.85 5.72
C ASN A 39 5.39 -15.77 6.20
N GLY A 40 5.18 -14.77 5.35
CA GLY A 40 4.28 -13.69 5.71
C GLY A 40 4.86 -12.31 5.38
N PHE A 41 6.18 -12.24 5.27
CA PHE A 41 6.86 -10.99 4.96
C PHE A 41 8.32 -11.24 4.61
N ALA A 42 8.88 -10.35 3.79
CA ALA A 42 10.27 -10.46 3.38
C ALA A 42 11.03 -9.17 3.63
N PHE A 43 12.34 -9.27 3.75
CA PHE A 43 13.19 -8.11 3.99
C PHE A 43 14.53 -8.25 3.27
N VAL A 44 15.10 -7.11 2.86
CA VAL A 44 16.38 -7.12 2.16
C VAL A 44 17.19 -5.87 2.50
N GLU A 45 18.37 -6.07 3.05
CA GLU A 45 19.24 -4.96 3.44
C GLU A 45 20.44 -4.86 2.49
N PHE A 46 20.48 -3.80 1.69
CA PHE A 46 21.57 -3.59 0.75
C PHE A 46 22.76 -2.95 1.44
N GLU A 47 23.96 -3.22 0.91
CA GLU A 47 25.19 -2.68 1.46
C GLU A 47 25.38 -1.22 1.03
N GLU A 48 24.44 -0.71 0.25
CA GLU A 48 24.51 0.65 -0.24
C GLU A 48 23.13 1.31 -0.24
N ALA A 49 23.01 2.44 0.43
CA ALA A 49 21.74 3.16 0.50
C ALA A 49 21.16 3.37 -0.89
N GLU A 50 22.01 3.74 -1.85
CA GLU A 50 21.58 3.98 -3.21
C GLU A 50 20.90 2.74 -3.79
N SER A 51 21.59 1.60 -3.71
CA SER A 51 21.06 0.35 -4.22
C SER A 51 19.69 0.05 -3.63
N ALA A 52 19.54 0.33 -2.34
CA ALA A 52 18.27 0.10 -1.65
C ALA A 52 17.20 1.06 -2.12
N ALA A 53 17.51 2.35 -2.10
CA ALA A 53 16.57 3.38 -2.52
C ALA A 53 16.06 3.10 -3.94
N LYS A 54 16.92 2.51 -4.76
CA LYS A 54 16.55 2.20 -6.14
C LYS A 54 15.67 0.97 -6.20
N ALA A 55 16.13 -0.12 -5.58
CA ALA A 55 15.37 -1.37 -5.57
C ALA A 55 13.95 -1.14 -5.04
N ILE A 56 13.82 -0.19 -4.13
CA ILE A 56 12.52 0.14 -3.55
C ILE A 56 11.57 0.72 -4.60
N GLU A 57 12.12 1.51 -5.52
CA GLU A 57 11.33 2.12 -6.58
C GLU A 57 11.34 1.25 -7.82
N GLU A 58 12.19 0.24 -7.83
CA GLU A 58 12.30 -0.67 -8.97
C GLU A 58 11.43 -1.92 -8.76
N VAL A 59 11.75 -2.68 -7.71
CA VAL A 59 11.00 -3.89 -7.40
C VAL A 59 9.53 -3.58 -7.16
N HIS A 60 9.26 -2.48 -6.47
CA HIS A 60 7.89 -2.07 -6.18
C HIS A 60 7.09 -1.92 -7.46
N GLY A 61 6.01 -2.69 -7.58
CA GLY A 61 5.17 -2.63 -8.75
C GLY A 61 5.52 -3.70 -9.77
N LYS A 62 6.39 -4.61 -9.39
CA LYS A 62 6.80 -5.69 -10.26
C LYS A 62 5.82 -6.86 -10.19
N SER A 63 6.15 -7.95 -10.89
CA SER A 63 5.28 -9.12 -10.90
C SER A 63 6.06 -10.37 -10.47
N PHE A 64 5.37 -11.28 -9.80
CA PHE A 64 5.99 -12.52 -9.33
C PHE A 64 4.94 -13.47 -8.77
N ALA A 65 5.02 -14.73 -9.18
CA ALA A 65 4.08 -15.75 -8.73
C ALA A 65 2.65 -15.39 -9.13
N ASN A 66 2.49 -14.83 -10.31
CA ASN A 66 1.18 -14.42 -10.82
C ASN A 66 0.52 -13.43 -9.89
N GLN A 67 1.33 -12.59 -9.25
CA GLN A 67 0.82 -11.59 -8.34
C GLN A 67 1.73 -10.36 -8.31
N PRO A 68 1.13 -9.18 -8.09
CA PRO A 68 1.87 -7.91 -8.03
C PRO A 68 2.75 -7.80 -6.79
N LEU A 69 4.04 -7.57 -7.01
CA LEU A 69 4.98 -7.45 -5.90
C LEU A 69 4.92 -6.05 -5.29
N GLU A 70 5.46 -5.92 -4.08
CA GLU A 70 5.47 -4.64 -3.38
C GLU A 70 6.66 -4.55 -2.44
N VAL A 71 7.42 -3.46 -2.56
CA VAL A 71 8.59 -3.25 -1.71
C VAL A 71 8.66 -1.80 -1.24
N VAL A 72 9.04 -1.62 0.03
CA VAL A 72 9.15 -0.29 0.61
C VAL A 72 10.33 -0.21 1.58
N TYR A 73 10.63 1.00 2.04
CA TYR A 73 11.73 1.21 2.96
C TYR A 73 11.40 0.63 4.34
N SER A 74 11.83 -0.60 4.58
CA SER A 74 11.57 -1.31 5.87
C SER A 74 10.36 -0.77 6.68
N LYS A 75 10.56 0.37 7.37
CA LYS A 75 9.50 0.95 8.23
C LYS A 75 8.95 2.27 7.69
N LEU A 76 7.98 2.82 8.42
CA LEU A 76 7.32 4.08 8.07
C LEU A 76 6.70 4.72 9.33
N PRO A 77 6.48 6.05 9.31
CA PRO A 77 5.91 6.77 10.45
C PRO A 77 4.39 6.90 10.36
N ALA A 78 3.79 7.50 11.39
CA ALA A 78 2.35 7.71 11.43
C ALA A 78 1.96 9.00 10.73
N LYS A 79 0.77 9.53 11.07
CA LYS A 79 0.27 10.76 10.45
C LYS A 79 0.09 10.54 8.95
N ARG A 80 -1.16 10.40 8.50
CA ARG A 80 -1.40 10.14 7.08
C ARG A 80 -2.66 10.85 6.60
N TYR A 81 -2.98 10.67 5.33
CA TYR A 81 -4.16 11.29 4.74
C TYR A 81 -4.95 10.29 3.89
N ARG A 82 -5.11 9.09 4.42
CA ARG A 82 -5.85 8.05 3.72
C ARG A 82 -6.96 7.48 4.60
N ILE A 83 -8.01 6.96 3.96
CA ILE A 83 -9.14 6.39 4.68
C ILE A 83 -9.71 5.19 3.93
N THR A 84 -10.45 4.36 4.66
CA THR A 84 -11.06 3.16 4.06
C THR A 84 -12.58 3.24 4.13
N MET A 85 -13.23 2.74 3.08
CA MET A 85 -14.70 2.74 3.02
C MET A 85 -15.26 1.38 3.42
N LYS A 86 -16.51 1.37 3.85
CA LYS A 86 -17.18 0.14 4.26
C LYS A 86 -18.66 0.18 3.91
N ASN A 87 -19.25 -1.00 3.70
CA ASN A 87 -20.66 -1.09 3.36
C ASN A 87 -20.93 -0.51 1.98
N LEU A 88 -20.04 -0.76 1.05
CA LEU A 88 -20.17 -0.26 -0.32
C LEU A 88 -20.19 -1.40 -1.32
N PRO A 89 -21.21 -2.25 -1.25
CA PRO A 89 -21.37 -3.40 -2.14
C PRO A 89 -21.69 -2.98 -3.57
N GLU A 90 -20.75 -2.32 -4.22
CA GLU A 90 -20.93 -1.87 -5.60
C GLU A 90 -19.67 -2.08 -6.42
N GLY A 91 -19.82 -2.04 -7.74
CA GLY A 91 -18.67 -2.24 -8.61
C GLY A 91 -17.80 -1.00 -8.75
N CYS A 92 -18.25 0.19 -8.44
CA CYS A 92 -17.47 1.37 -8.78
C CYS A 92 -16.25 1.01 -9.58
N SER A 93 -15.12 1.12 -8.88
CA SER A 93 -13.70 0.87 -9.02
C SER A 93 -12.90 2.15 -8.76
N TRP A 94 -11.57 2.03 -8.75
CA TRP A 94 -10.71 3.18 -8.53
C TRP A 94 -11.14 4.36 -9.38
N GLN A 95 -11.49 4.09 -10.63
CA GLN A 95 -11.93 5.13 -11.55
C GLN A 95 -13.22 5.78 -11.06
N ASP A 96 -14.16 4.95 -10.62
CA ASP A 96 -15.43 5.45 -10.12
C ASP A 96 -15.24 6.33 -8.90
N LEU A 97 -14.71 5.74 -7.82
CA LEU A 97 -14.47 6.47 -6.59
C LEU A 97 -13.67 7.74 -6.85
N LYS A 98 -12.73 7.65 -7.79
CA LYS A 98 -11.88 8.79 -8.14
C LYS A 98 -12.69 9.87 -8.84
N ASP A 99 -13.64 9.45 -9.66
CA ASP A 99 -14.49 10.38 -10.39
C ASP A 99 -15.38 11.17 -9.44
N LEU A 100 -16.11 10.44 -8.58
CA LEU A 100 -17.00 11.07 -7.62
C LEU A 100 -16.22 11.87 -6.59
N ALA A 101 -15.04 11.37 -6.23
CA ALA A 101 -14.19 12.05 -5.25
C ALA A 101 -13.75 13.41 -5.77
N ARG A 102 -13.21 13.44 -6.99
CA ARG A 102 -12.75 14.68 -7.59
C ARG A 102 -13.92 15.61 -7.90
N GLU A 103 -15.07 15.02 -8.20
CA GLU A 103 -16.26 15.80 -8.52
C GLU A 103 -16.91 16.34 -7.25
N ASN A 104 -16.65 15.68 -6.13
CA ASN A 104 -17.20 16.08 -4.85
C ASN A 104 -16.26 17.04 -4.12
N SER A 105 -15.36 17.65 -4.87
CA SER A 105 -14.40 18.59 -4.30
C SER A 105 -13.39 17.85 -3.41
N LEU A 106 -12.96 16.68 -3.87
CA LEU A 106 -12.00 15.88 -3.12
C LEU A 106 -10.97 15.24 -4.05
N GLU A 107 -9.77 15.81 -4.08
CA GLU A 107 -8.71 15.29 -4.93
C GLU A 107 -7.90 14.23 -4.21
N THR A 108 -7.69 13.09 -4.87
CA THR A 108 -6.93 11.99 -4.29
C THR A 108 -5.71 11.64 -5.14
N THR A 109 -4.67 11.13 -4.50
CA THR A 109 -3.45 10.76 -5.20
C THR A 109 -3.32 9.24 -5.31
N PHE A 110 -4.10 8.53 -4.51
CA PHE A 110 -4.07 7.07 -4.52
C PHE A 110 -5.45 6.49 -4.21
N SER A 111 -5.79 5.38 -4.85
CA SER A 111 -7.08 4.74 -4.65
C SER A 111 -6.95 3.22 -4.74
N SER A 112 -7.90 2.51 -4.15
CA SER A 112 -7.89 1.05 -4.15
C SER A 112 -9.26 0.50 -3.73
N VAL A 113 -9.61 -0.65 -4.29
CA VAL A 113 -10.89 -1.29 -3.98
C VAL A 113 -10.72 -2.80 -3.85
N ASN A 114 -11.77 -3.46 -3.38
CA ASN A 114 -11.75 -4.91 -3.20
C ASN A 114 -12.92 -5.56 -3.94
N THR A 115 -12.65 -6.06 -5.14
CA THR A 115 -13.67 -6.72 -5.94
C THR A 115 -13.57 -8.24 -5.84
N ARG A 116 -12.39 -8.72 -5.48
CA ARG A 116 -12.15 -10.16 -5.34
C ARG A 116 -13.22 -10.79 -4.46
N ASP A 117 -13.63 -10.09 -3.42
CA ASP A 117 -14.65 -10.58 -2.50
C ASP A 117 -15.86 -9.67 -2.49
N PHE A 118 -16.90 -10.07 -1.75
CA PHE A 118 -18.13 -9.30 -1.65
C PHE A 118 -18.16 -8.49 -0.36
N ASP A 119 -16.99 -8.19 0.19
CA ASP A 119 -16.90 -7.43 1.42
C ASP A 119 -17.35 -5.99 1.21
N GLY A 120 -17.25 -5.52 -0.02
CA GLY A 120 -17.67 -4.16 -0.33
C GLY A 120 -16.92 -3.13 0.49
N THR A 121 -15.60 -3.08 0.33
CA THR A 121 -14.77 -2.14 1.05
C THR A 121 -13.66 -1.58 0.17
N GLY A 122 -13.43 -0.27 0.27
CA GLY A 122 -12.39 0.36 -0.53
C GLY A 122 -11.45 1.21 0.30
N ALA A 123 -10.53 1.89 -0.36
CA ALA A 123 -9.57 2.74 0.33
C ALA A 123 -9.06 3.86 -0.59
N LEU A 124 -9.03 5.07 -0.06
CA LEU A 124 -8.57 6.22 -0.84
C LEU A 124 -7.60 7.07 -0.03
N GLU A 125 -6.79 7.87 -0.72
CA GLU A 125 -5.83 8.74 -0.06
C GLU A 125 -5.75 10.09 -0.74
N PHE A 126 -5.61 11.15 0.04
CA PHE A 126 -5.53 12.50 -0.48
C PHE A 126 -4.14 13.10 -0.24
N PRO A 127 -3.76 14.07 -1.08
CA PRO A 127 -2.45 14.74 -0.96
C PRO A 127 -2.37 15.64 0.27
N SER A 128 -3.52 16.08 0.75
CA SER A 128 -3.58 16.95 1.92
C SER A 128 -4.56 16.41 2.95
N GLU A 129 -4.39 16.83 4.21
CA GLU A 129 -5.26 16.38 5.29
C GLU A 129 -6.62 17.06 5.19
N GLU A 130 -6.63 18.31 4.73
CA GLU A 130 -7.86 19.07 4.60
C GLU A 130 -8.90 18.28 3.81
N ILE A 131 -8.48 17.72 2.68
CA ILE A 131 -9.37 16.94 1.83
C ILE A 131 -9.76 15.63 2.51
N LEU A 132 -8.84 15.08 3.29
CA LEU A 132 -9.08 13.82 3.99
C LEU A 132 -10.20 13.98 5.02
N VAL A 133 -9.99 14.91 5.96
CA VAL A 133 -10.98 15.16 7.01
C VAL A 133 -12.31 15.61 6.40
N GLU A 134 -12.24 16.46 5.39
CA GLU A 134 -13.43 16.96 4.73
C GLU A 134 -14.17 15.85 4.02
N ALA A 135 -13.46 15.11 3.18
CA ALA A 135 -14.05 14.01 2.43
C ALA A 135 -14.55 12.91 3.37
N LEU A 136 -13.86 12.74 4.49
CA LEU A 136 -14.24 11.73 5.47
C LEU A 136 -15.54 12.12 6.18
N GLU A 137 -15.68 13.39 6.49
CA GLU A 137 -16.88 13.89 7.16
C GLU A 137 -18.02 14.09 6.16
N ARG A 138 -17.66 14.21 4.88
CA ARG A 138 -18.66 14.41 3.84
C ARG A 138 -19.10 13.07 3.25
N LEU A 139 -18.26 12.05 3.41
CA LEU A 139 -18.57 10.72 2.89
C LEU A 139 -19.11 9.82 4.00
N ASN A 140 -18.68 10.07 5.23
CA ASN A 140 -19.13 9.29 6.37
C ASN A 140 -20.65 9.22 6.42
N ASN A 141 -21.18 8.01 6.38
CA ASN A 141 -22.63 7.80 6.42
C ASN A 141 -23.30 8.48 5.23
N ILE A 142 -23.37 7.76 4.12
CA ILE A 142 -23.99 8.29 2.91
C ILE A 142 -24.78 7.20 2.18
N GLU A 143 -25.95 7.59 1.66
CA GLU A 143 -26.79 6.65 0.94
C GLU A 143 -26.41 6.59 -0.54
N PHE A 144 -26.21 5.38 -1.04
CA PHE A 144 -25.84 5.18 -2.44
C PHE A 144 -26.24 3.80 -2.92
N ARG A 145 -27.07 3.76 -3.97
CA ARG A 145 -27.53 2.50 -4.53
C ARG A 145 -28.31 1.70 -3.50
N GLY A 146 -29.01 2.40 -2.61
CA GLY A 146 -29.78 1.74 -1.58
C GLY A 146 -28.91 1.20 -0.45
N SER A 147 -27.64 1.56 -0.47
CA SER A 147 -26.70 1.10 0.55
C SER A 147 -26.03 2.28 1.25
N VAL A 148 -25.89 2.18 2.57
CA VAL A 148 -25.27 3.24 3.35
C VAL A 148 -23.77 2.99 3.51
N ILE A 149 -22.97 3.73 2.74
CA ILE A 149 -21.53 3.59 2.79
C ILE A 149 -20.93 4.50 3.87
N THR A 150 -19.86 4.03 4.51
CA THR A 150 -19.20 4.79 5.55
C THR A 150 -17.68 4.80 5.35
N VAL A 151 -17.05 5.90 5.76
CA VAL A 151 -15.59 6.02 5.63
C VAL A 151 -14.93 6.18 6.99
N GLU A 152 -13.82 5.49 7.19
CA GLU A 152 -13.09 5.55 8.45
C GLU A 152 -11.58 5.39 8.22
N ARG A 153 -10.80 6.31 8.78
CA ARG A 153 -9.36 6.27 8.64
C ARG A 153 -8.77 5.05 9.35
N ASP A 154 -7.72 4.49 8.77
CA ASP A 154 -7.06 3.32 9.34
C ASP A 154 -5.54 3.41 9.20
N ASP A 155 -4.87 3.75 10.29
CA ASP A 155 -3.41 3.87 10.28
C ASP A 155 -2.76 2.59 10.76
N ASN A 156 -1.91 2.01 9.91
CA ASN A 156 -1.21 0.78 10.25
C ASN A 156 0.29 0.90 10.01
N PRO A 157 1.01 1.63 10.88
CA PRO A 157 2.46 1.74 10.75
C PRO A 157 3.13 0.48 11.29
N PRO A 158 4.42 0.26 10.96
CA PRO A 158 5.17 -0.91 11.41
C PRO A 158 4.94 -1.22 12.88
N PRO A 159 5.08 -2.50 13.29
CA PRO A 159 4.86 -2.91 14.67
C PRO A 159 6.10 -2.65 15.52
N ILE A 160 5.97 -1.72 16.46
CA ILE A 160 7.07 -1.36 17.34
C ILE A 160 6.96 -2.06 18.68
N ARG A 161 7.77 -1.60 19.64
CA ARG A 161 7.77 -2.17 20.99
C ARG A 161 6.77 -1.44 21.88
N GLY A 1 16.99 4.79 17.24
CA GLY A 1 15.77 5.62 17.12
C GLY A 1 15.43 5.95 15.67
N GLU A 2 16.47 6.17 14.87
CA GLU A 2 16.30 6.47 13.46
C GLU A 2 17.17 5.57 12.60
N LEU A 3 16.59 4.52 12.02
CA LEU A 3 17.35 3.59 11.18
C LEU A 3 16.48 3.05 10.05
N SER A 4 16.63 3.64 8.87
CA SER A 4 15.89 3.24 7.68
C SER A 4 16.64 3.71 6.45
N ASN A 5 17.96 3.51 6.48
CA ASN A 5 18.84 3.92 5.41
C ASN A 5 19.08 2.78 4.42
N THR A 6 19.16 1.56 4.95
CA THR A 6 19.37 0.38 4.12
C THR A 6 18.60 -0.82 4.66
N ARG A 7 17.38 -0.99 4.20
CA ARG A 7 16.54 -2.10 4.64
C ARG A 7 15.16 -2.04 3.99
N LEU A 8 14.83 -3.07 3.22
CA LEU A 8 13.55 -3.15 2.53
C LEU A 8 12.78 -4.40 2.92
N PHE A 9 11.56 -4.22 3.41
CA PHE A 9 10.72 -5.35 3.81
C PHE A 9 9.82 -5.79 2.67
N VAL A 10 9.91 -7.07 2.31
CA VAL A 10 9.11 -7.63 1.24
C VAL A 10 7.97 -8.47 1.78
N ARG A 11 7.00 -8.78 0.92
CA ARG A 11 5.86 -9.58 1.32
C ARG A 11 6.23 -11.06 1.43
N PRO A 12 5.32 -11.86 2.00
CA PRO A 12 5.53 -13.31 2.18
C PRO A 12 5.51 -14.06 0.85
N PHE A 13 6.59 -14.77 0.56
CA PHE A 13 6.70 -15.53 -0.67
C PHE A 13 6.26 -16.98 -0.46
N PRO A 14 5.87 -17.65 -1.56
CA PRO A 14 5.42 -19.05 -1.52
C PRO A 14 6.55 -20.01 -1.22
N LEU A 15 6.34 -21.29 -1.52
CA LEU A 15 7.34 -22.31 -1.28
C LEU A 15 8.68 -21.92 -1.92
N ASP A 16 8.63 -21.01 -2.88
CA ASP A 16 9.84 -20.54 -3.56
C ASP A 16 10.45 -19.38 -2.83
N VAL A 17 10.16 -19.26 -1.54
CA VAL A 17 10.70 -18.19 -0.71
C VAL A 17 12.16 -18.45 -0.34
N GLN A 18 13.08 -17.97 -1.18
CA GLN A 18 14.50 -18.16 -0.93
C GLN A 18 15.29 -16.96 -1.43
N GLU A 19 16.57 -16.91 -1.06
CA GLU A 19 17.44 -15.81 -1.47
C GLU A 19 17.67 -15.84 -2.98
N SER A 20 17.54 -17.01 -3.57
CA SER A 20 17.73 -17.17 -5.01
C SER A 20 16.91 -16.16 -5.79
N GLU A 21 15.61 -16.11 -5.50
CA GLU A 21 14.71 -15.17 -6.18
C GLU A 21 15.01 -13.73 -5.77
N LEU A 22 15.31 -13.54 -4.50
CA LEU A 22 15.63 -12.21 -3.99
C LEU A 22 16.83 -11.61 -4.70
N ASN A 23 17.82 -12.44 -4.98
CA ASN A 23 19.02 -12.00 -5.67
C ASN A 23 18.75 -11.79 -7.16
N GLU A 24 17.98 -12.69 -7.75
CA GLU A 24 17.64 -12.60 -9.17
C GLU A 24 16.66 -11.46 -9.43
N ILE A 25 16.00 -11.00 -8.37
CA ILE A 25 15.05 -9.90 -8.48
C ILE A 25 15.67 -8.59 -8.05
N PHE A 26 16.18 -8.54 -6.82
CA PHE A 26 16.82 -7.34 -6.30
C PHE A 26 18.24 -7.20 -6.79
N GLY A 27 18.68 -8.18 -7.58
CA GLY A 27 20.03 -8.16 -8.12
C GLY A 27 20.34 -6.88 -8.88
N PRO A 28 19.57 -6.63 -9.95
CA PRO A 28 19.75 -5.43 -10.78
C PRO A 28 19.32 -4.16 -10.06
N PHE A 29 19.97 -3.87 -8.95
CA PHE A 29 19.65 -2.69 -8.16
C PHE A 29 20.89 -2.15 -7.45
N GLY A 30 21.68 -3.06 -6.90
CA GLY A 30 22.89 -2.68 -6.20
C GLY A 30 23.48 -3.79 -5.37
N PRO A 31 24.63 -3.54 -4.73
CA PRO A 31 25.31 -4.52 -3.89
C PRO A 31 24.55 -4.80 -2.59
N MET A 32 23.68 -5.80 -2.64
CA MET A 32 22.89 -6.17 -1.46
C MET A 32 23.80 -6.57 -0.31
N LYS A 33 23.85 -5.72 0.73
CA LYS A 33 24.67 -6.00 1.90
C LYS A 33 24.27 -7.31 2.56
N GLU A 34 22.97 -7.58 2.57
CA GLU A 34 22.45 -8.81 3.17
C GLU A 34 21.02 -9.06 2.74
N VAL A 35 20.52 -10.26 2.99
CA VAL A 35 19.16 -10.64 2.64
C VAL A 35 18.57 -11.61 3.65
N LYS A 36 17.27 -11.53 3.85
CA LYS A 36 16.57 -12.40 4.79
C LYS A 36 15.25 -12.90 4.21
N ILE A 37 15.01 -14.20 4.32
CA ILE A 37 13.78 -14.79 3.81
C ILE A 37 13.16 -15.73 4.83
N LEU A 38 12.02 -15.32 5.38
CA LEU A 38 11.32 -16.12 6.38
C LEU A 38 9.88 -16.39 5.95
N ASN A 39 9.37 -17.57 6.29
CA ASN A 39 8.01 -17.95 5.94
C ASN A 39 7.00 -16.99 6.57
N GLY A 40 6.61 -15.96 5.82
CA GLY A 40 5.66 -14.99 6.33
C GLY A 40 6.07 -13.56 6.03
N PHE A 41 7.36 -13.35 5.81
CA PHE A 41 7.89 -12.02 5.53
C PHE A 41 9.32 -12.11 5.02
N ALA A 42 9.72 -11.13 4.22
CA ALA A 42 11.07 -11.08 3.66
C ALA A 42 11.72 -9.73 3.91
N PHE A 43 13.05 -9.71 3.90
CA PHE A 43 13.80 -8.48 4.13
C PHE A 43 15.07 -8.45 3.29
N VAL A 44 15.48 -7.25 2.90
CA VAL A 44 16.68 -7.08 2.08
C VAL A 44 17.40 -5.78 2.43
N GLU A 45 18.66 -5.90 2.85
CA GLU A 45 19.45 -4.74 3.20
C GLU A 45 20.53 -4.47 2.17
N PHE A 46 20.39 -3.37 1.44
CA PHE A 46 21.35 -3.00 0.41
C PHE A 46 22.55 -2.29 1.02
N GLU A 47 23.71 -2.41 0.36
CA GLU A 47 24.92 -1.78 0.84
C GLU A 47 24.94 -0.29 0.48
N GLU A 48 23.88 0.17 -0.17
CA GLU A 48 23.78 1.57 -0.57
C GLU A 48 22.35 2.07 -0.40
N ALA A 49 22.20 3.16 0.35
CA ALA A 49 20.88 3.74 0.60
C ALA A 49 20.14 3.98 -0.71
N GLU A 50 20.86 4.48 -1.72
CA GLU A 50 20.27 4.75 -3.02
C GLU A 50 19.65 3.48 -3.61
N SER A 51 20.45 2.41 -3.67
CA SER A 51 19.98 1.15 -4.22
C SER A 51 18.72 0.68 -3.51
N ALA A 52 18.67 0.87 -2.20
CA ALA A 52 17.52 0.48 -1.41
C ALA A 52 16.31 1.35 -1.72
N ALA A 53 16.50 2.67 -1.62
CA ALA A 53 15.43 3.62 -1.90
C ALA A 53 14.81 3.38 -3.27
N LYS A 54 15.64 2.93 -4.21
CA LYS A 54 15.16 2.65 -5.57
C LYS A 54 14.38 1.35 -5.62
N ALA A 55 15.01 0.27 -5.13
CA ALA A 55 14.37 -1.04 -5.12
C ALA A 55 13.00 -0.98 -4.45
N ILE A 56 12.86 -0.10 -3.46
CA ILE A 56 11.60 0.06 -2.75
C ILE A 56 10.52 0.60 -3.67
N GLU A 57 10.90 1.50 -4.57
CA GLU A 57 9.95 2.09 -5.51
C GLU A 57 9.91 1.30 -6.80
N GLU A 58 10.85 0.37 -6.96
CA GLU A 58 10.91 -0.45 -8.16
C GLU A 58 10.19 -1.79 -7.94
N VAL A 59 10.69 -2.57 -7.00
CA VAL A 59 10.09 -3.87 -6.68
C VAL A 59 8.62 -3.72 -6.29
N HIS A 60 8.34 -2.69 -5.50
CA HIS A 60 6.96 -2.44 -5.05
C HIS A 60 6.02 -2.29 -6.24
N GLY A 61 5.01 -3.16 -6.30
CA GLY A 61 4.06 -3.11 -7.39
C GLY A 61 4.39 -4.09 -8.51
N LYS A 62 5.39 -4.92 -8.26
CA LYS A 62 5.81 -5.91 -9.25
C LYS A 62 4.95 -7.17 -9.16
N SER A 63 5.29 -8.18 -9.96
CA SER A 63 4.55 -9.43 -9.96
C SER A 63 5.47 -10.61 -9.69
N PHE A 64 4.95 -11.63 -9.02
CA PHE A 64 5.72 -12.82 -8.68
C PHE A 64 4.83 -13.91 -8.09
N ALA A 65 4.97 -15.12 -8.60
CA ALA A 65 4.18 -16.26 -8.11
C ALA A 65 2.70 -16.02 -8.35
N ASN A 66 2.37 -15.41 -9.49
CA ASN A 66 0.98 -15.10 -9.83
C ASN A 66 0.33 -14.25 -8.78
N GLN A 67 1.12 -13.35 -8.18
CA GLN A 67 0.62 -12.46 -7.14
C GLN A 67 1.40 -11.15 -7.12
N PRO A 68 0.73 -10.05 -6.77
CA PRO A 68 1.35 -8.72 -6.70
C PRO A 68 2.34 -8.60 -5.55
N LEU A 69 3.57 -8.23 -5.87
CA LEU A 69 4.60 -8.08 -4.87
C LEU A 69 4.48 -6.73 -4.16
N GLU A 70 5.12 -6.61 -2.99
CA GLU A 70 5.08 -5.39 -2.22
C GLU A 70 6.35 -5.22 -1.38
N VAL A 71 6.99 -4.07 -1.51
CA VAL A 71 8.21 -3.78 -0.77
C VAL A 71 8.20 -2.38 -0.20
N VAL A 72 8.70 -2.23 1.03
CA VAL A 72 8.74 -0.93 1.68
C VAL A 72 9.99 -0.78 2.54
N TYR A 73 10.23 0.42 3.05
CA TYR A 73 11.40 0.68 3.87
C TYR A 73 11.27 0.00 5.23
N SER A 74 11.97 -1.11 5.45
CA SER A 74 11.91 -1.83 6.74
C SER A 74 11.90 -0.86 7.93
N LYS A 75 10.72 -0.26 8.18
CA LYS A 75 10.48 0.74 9.23
C LYS A 75 9.33 1.65 8.79
N LEU A 76 8.64 2.31 9.73
CA LEU A 76 7.54 3.20 9.36
C LEU A 76 7.27 4.29 10.41
N PRO A 77 6.72 5.45 9.98
CA PRO A 77 6.41 6.57 10.87
C PRO A 77 4.93 6.58 11.28
N ALA A 78 4.36 7.77 11.48
CA ALA A 78 2.94 7.89 11.88
C ALA A 78 2.24 9.04 11.18
N LYS A 79 0.95 9.24 11.53
CA LYS A 79 0.12 10.30 10.94
C LYS A 79 -0.10 10.04 9.46
N ARG A 80 -1.36 10.00 8.99
CA ARG A 80 -1.55 9.72 7.57
C ARG A 80 -2.74 10.49 7.01
N TYR A 81 -3.02 10.30 5.72
CA TYR A 81 -4.14 10.97 5.07
C TYR A 81 -4.93 10.00 4.21
N ARG A 82 -5.18 8.82 4.75
CA ARG A 82 -5.94 7.80 4.04
C ARG A 82 -7.13 7.32 4.86
N ILE A 83 -8.16 6.84 4.18
CA ILE A 83 -9.35 6.34 4.86
C ILE A 83 -9.96 5.16 4.11
N THR A 84 -10.77 4.37 4.81
CA THR A 84 -11.41 3.21 4.21
C THR A 84 -12.93 3.36 4.21
N MET A 85 -13.57 2.87 3.14
CA MET A 85 -15.01 2.95 3.01
C MET A 85 -15.66 1.64 3.40
N LYS A 86 -16.95 1.69 3.77
CA LYS A 86 -17.69 0.51 4.16
C LYS A 86 -19.15 0.62 3.76
N ASN A 87 -19.79 -0.53 3.53
CA ASN A 87 -21.19 -0.56 3.14
C ASN A 87 -21.37 0.02 1.73
N LEU A 88 -20.44 -0.30 0.84
CA LEU A 88 -20.49 0.18 -0.54
C LEU A 88 -20.51 -0.99 -1.52
N PRO A 89 -21.59 -1.79 -1.47
CA PRO A 89 -21.75 -2.94 -2.36
C PRO A 89 -21.99 -2.53 -3.80
N GLU A 90 -20.98 -1.94 -4.43
CA GLU A 90 -21.07 -1.50 -5.81
C GLU A 90 -19.79 -1.81 -6.57
N GLY A 91 -19.87 -1.78 -7.90
CA GLY A 91 -18.70 -2.06 -8.70
C GLY A 91 -17.76 -0.87 -8.82
N CYS A 92 -18.15 0.34 -8.56
CA CYS A 92 -17.30 1.48 -8.88
C CYS A 92 -16.05 1.03 -9.62
N SER A 93 -14.97 1.10 -8.87
CA SER A 93 -13.54 0.77 -8.93
C SER A 93 -12.70 2.01 -8.66
N TRP A 94 -11.39 1.82 -8.58
CA TRP A 94 -10.47 2.93 -8.34
C TRP A 94 -10.80 4.11 -9.24
N GLN A 95 -11.10 3.83 -10.49
CA GLN A 95 -11.44 4.88 -11.46
C GLN A 95 -12.70 5.61 -11.04
N ASP A 96 -13.72 4.84 -10.63
CA ASP A 96 -14.99 5.41 -10.21
C ASP A 96 -14.80 6.31 -8.99
N LEU A 97 -14.36 5.72 -7.88
CA LEU A 97 -14.14 6.46 -6.65
C LEU A 97 -13.26 7.68 -6.89
N LYS A 98 -12.28 7.52 -7.78
CA LYS A 98 -11.36 8.60 -8.11
C LYS A 98 -12.08 9.71 -8.87
N ASP A 99 -13.01 9.32 -9.74
CA ASP A 99 -13.77 10.28 -10.53
C ASP A 99 -14.67 11.13 -9.62
N LEU A 100 -15.46 10.47 -8.80
CA LEU A 100 -16.37 11.16 -7.89
C LEU A 100 -15.59 11.95 -6.84
N ALA A 101 -14.47 11.39 -6.41
CA ALA A 101 -13.63 12.04 -5.41
C ALA A 101 -13.08 13.37 -5.93
N ARG A 102 -12.49 13.34 -7.12
CA ARG A 102 -11.93 14.55 -7.72
C ARG A 102 -13.04 15.53 -8.11
N GLU A 103 -14.20 14.99 -8.45
CA GLU A 103 -15.33 15.82 -8.84
C GLU A 103 -16.01 16.42 -7.61
N ASN A 104 -15.84 15.77 -6.47
CA ASN A 104 -16.44 16.24 -5.23
C ASN A 104 -15.48 17.15 -4.47
N SER A 105 -14.51 17.71 -5.18
CA SER A 105 -13.53 18.60 -4.59
C SER A 105 -12.61 17.83 -3.64
N LEU A 106 -12.21 16.63 -4.05
CA LEU A 106 -11.34 15.79 -3.24
C LEU A 106 -10.31 15.09 -4.11
N GLU A 107 -9.07 15.59 -4.09
CA GLU A 107 -7.99 14.99 -4.88
C GLU A 107 -7.28 13.91 -4.10
N THR A 108 -7.10 12.75 -4.73
CA THR A 108 -6.42 11.63 -4.09
C THR A 108 -5.20 11.20 -4.87
N THR A 109 -4.22 10.64 -4.17
CA THR A 109 -2.98 10.19 -4.81
C THR A 109 -2.93 8.67 -4.88
N PHE A 110 -3.78 8.01 -4.11
CA PHE A 110 -3.84 6.56 -4.09
C PHE A 110 -5.26 6.06 -3.84
N SER A 111 -5.62 4.95 -4.47
CA SER A 111 -6.95 4.39 -4.33
C SER A 111 -6.89 2.86 -4.38
N SER A 112 -7.92 2.21 -3.81
CA SER A 112 -7.99 0.76 -3.80
C SER A 112 -9.39 0.29 -3.43
N VAL A 113 -9.78 -0.86 -3.98
CA VAL A 113 -11.10 -1.42 -3.72
C VAL A 113 -11.03 -2.93 -3.55
N ASN A 114 -12.14 -3.53 -3.11
CA ASN A 114 -12.20 -4.97 -2.92
C ASN A 114 -13.36 -5.58 -3.70
N THR A 115 -13.06 -6.13 -4.88
CA THR A 115 -14.08 -6.74 -5.72
C THR A 115 -14.06 -8.26 -5.59
N ARG A 116 -12.92 -8.79 -5.15
CA ARG A 116 -12.78 -10.24 -4.98
C ARG A 116 -13.92 -10.80 -4.13
N ASP A 117 -14.34 -10.05 -3.12
CA ASP A 117 -15.42 -10.47 -2.25
C ASP A 117 -16.58 -9.50 -2.32
N PHE A 118 -17.67 -9.83 -1.62
CA PHE A 118 -18.85 -8.98 -1.60
C PHE A 118 -18.92 -8.15 -0.32
N ASP A 119 -17.76 -7.91 0.26
CA ASP A 119 -17.67 -7.12 1.50
C ASP A 119 -18.05 -5.66 1.24
N GLY A 120 -17.87 -5.22 0.00
CA GLY A 120 -18.20 -3.85 -0.35
C GLY A 120 -17.43 -2.84 0.48
N THR A 121 -16.11 -2.87 0.38
CA THR A 121 -15.26 -1.96 1.13
C THR A 121 -14.09 -1.48 0.29
N GLY A 122 -13.78 -0.19 0.38
CA GLY A 122 -12.68 0.38 -0.38
C GLY A 122 -11.74 1.20 0.47
N ALA A 123 -10.75 1.81 -0.16
CA ALA A 123 -9.78 2.63 0.56
C ALA A 123 -9.16 3.69 -0.35
N LEU A 124 -9.10 4.92 0.15
CA LEU A 124 -8.54 6.03 -0.62
C LEU A 124 -7.57 6.84 0.23
N GLU A 125 -6.69 7.58 -0.44
CA GLU A 125 -5.70 8.41 0.25
C GLU A 125 -5.52 9.74 -0.46
N PHE A 126 -5.36 10.81 0.32
CA PHE A 126 -5.18 12.15 -0.23
C PHE A 126 -3.78 12.68 0.06
N PRO A 127 -3.31 13.61 -0.77
CA PRO A 127 -1.98 14.21 -0.61
C PRO A 127 -1.90 15.12 0.60
N SER A 128 -3.05 15.64 1.03
CA SER A 128 -3.11 16.54 2.17
C SER A 128 -4.18 16.07 3.18
N GLU A 129 -4.04 16.50 4.42
CA GLU A 129 -4.98 16.12 5.46
C GLU A 129 -6.30 16.88 5.30
N GLU A 130 -6.21 18.11 4.82
CA GLU A 130 -7.40 18.93 4.61
C GLU A 130 -8.45 18.18 3.78
N ILE A 131 -8.01 17.58 2.68
CA ILE A 131 -8.90 16.83 1.81
C ILE A 131 -9.38 15.55 2.48
N LEU A 132 -8.53 14.97 3.33
CA LEU A 132 -8.87 13.75 4.03
C LEU A 132 -10.02 13.98 5.01
N VAL A 133 -9.82 14.92 5.94
CA VAL A 133 -10.84 15.24 6.93
C VAL A 133 -12.11 15.75 6.26
N GLU A 134 -11.94 16.58 5.23
CA GLU A 134 -13.08 17.13 4.51
C GLU A 134 -13.85 16.03 3.77
N ALA A 135 -13.12 15.24 2.99
CA ALA A 135 -13.75 14.15 2.23
C ALA A 135 -14.35 13.11 3.17
N LEU A 136 -13.72 12.92 4.32
CA LEU A 136 -14.20 11.96 5.31
C LEU A 136 -15.50 12.42 5.95
N GLU A 137 -15.60 13.72 6.22
CA GLU A 137 -16.79 14.29 6.82
C GLU A 137 -17.87 14.53 5.77
N ARG A 138 -17.46 14.60 4.51
CA ARG A 138 -18.39 14.82 3.41
C ARG A 138 -18.87 13.50 2.83
N LEU A 139 -18.10 12.45 3.04
CA LEU A 139 -18.45 11.12 2.54
C LEU A 139 -19.10 10.28 3.64
N ASN A 140 -18.70 10.53 4.88
CA ASN A 140 -19.25 9.80 6.01
C ASN A 140 -20.77 9.81 5.99
N ASN A 141 -21.37 8.62 5.95
CA ASN A 141 -22.82 8.50 5.92
C ASN A 141 -23.40 9.17 4.69
N ILE A 142 -23.45 8.45 3.59
CA ILE A 142 -23.98 8.97 2.34
C ILE A 142 -24.80 7.92 1.59
N GLU A 143 -25.91 8.35 1.01
CA GLU A 143 -26.78 7.44 0.27
C GLU A 143 -26.34 7.34 -1.19
N PHE A 144 -26.17 6.11 -1.66
CA PHE A 144 -25.74 5.87 -3.03
C PHE A 144 -26.20 4.49 -3.50
N ARG A 145 -26.97 4.47 -4.59
CA ARG A 145 -27.47 3.22 -5.15
C ARG A 145 -28.34 2.48 -4.13
N GLY A 146 -29.04 3.25 -3.30
CA GLY A 146 -29.90 2.65 -2.29
C GLY A 146 -29.11 2.08 -1.12
N SER A 147 -27.82 2.38 -1.09
CA SER A 147 -26.96 1.89 -0.02
C SER A 147 -26.26 3.05 0.69
N VAL A 148 -26.19 2.97 2.02
CA VAL A 148 -25.55 4.01 2.82
C VAL A 148 -24.08 3.69 3.05
N ILE A 149 -23.20 4.36 2.31
CA ILE A 149 -21.77 4.16 2.44
C ILE A 149 -21.18 5.05 3.52
N THR A 150 -20.17 4.54 4.21
CA THR A 150 -19.51 5.30 5.28
C THR A 150 -18.00 5.22 5.16
N VAL A 151 -17.32 6.28 5.57
CA VAL A 151 -15.87 6.34 5.50
C VAL A 151 -15.25 6.49 6.90
N GLU A 152 -14.19 5.74 7.16
CA GLU A 152 -13.52 5.80 8.46
C GLU A 152 -12.02 5.55 8.30
N ARG A 153 -11.22 6.43 8.88
CA ARG A 153 -9.77 6.32 8.81
C ARG A 153 -9.28 5.08 9.56
N ASP A 154 -8.23 4.45 9.05
CA ASP A 154 -7.67 3.26 9.67
C ASP A 154 -6.15 3.27 9.60
N ASP A 155 -5.51 3.61 10.72
CA ASP A 155 -4.05 3.64 10.78
C ASP A 155 -3.48 2.34 11.31
N ASN A 156 -2.63 1.70 10.52
CA ASN A 156 -2.02 0.43 10.92
C ASN A 156 -0.49 0.48 10.74
N PRO A 157 0.20 1.21 11.62
CA PRO A 157 1.67 1.30 11.56
C PRO A 157 2.33 -0.09 11.41
N PRO A 158 1.94 -1.10 12.23
CA PRO A 158 2.53 -2.44 12.14
C PRO A 158 2.22 -3.13 10.81
N PRO A 159 2.92 -4.25 10.50
CA PRO A 159 2.72 -4.99 9.26
C PRO A 159 1.43 -5.80 9.27
N ILE A 160 0.95 -6.14 10.47
CA ILE A 160 -0.27 -6.92 10.63
C ILE A 160 -1.50 -6.11 10.22
N ARG A 161 -1.88 -6.24 8.95
CA ARG A 161 -3.02 -5.53 8.41
C ARG A 161 -4.32 -6.30 8.64
N GLY A 1 25.53 4.59 13.28
CA GLY A 1 24.29 5.41 13.32
C GLY A 1 23.31 5.03 12.21
N GLU A 2 22.13 4.57 12.62
CA GLU A 2 21.10 4.18 11.66
C GLU A 2 19.86 5.06 11.79
N LEU A 3 19.27 5.41 10.65
CA LEU A 3 18.08 6.23 10.59
C LEU A 3 17.39 6.04 9.24
N SER A 4 17.29 4.79 8.82
CA SER A 4 16.69 4.45 7.53
C SER A 4 17.64 4.87 6.42
N ASN A 5 18.45 3.93 5.96
CA ASN A 5 19.43 4.25 4.92
C ASN A 5 19.67 3.03 4.03
N THR A 6 19.67 1.85 4.63
CA THR A 6 19.89 0.62 3.88
C THR A 6 19.05 -0.52 4.45
N ARG A 7 17.84 -0.67 3.92
CA ARG A 7 16.93 -1.73 4.37
C ARG A 7 15.60 -1.65 3.63
N LEU A 8 15.28 -2.71 2.90
CA LEU A 8 14.03 -2.78 2.13
C LEU A 8 13.20 -3.98 2.55
N PHE A 9 11.96 -3.73 2.94
CA PHE A 9 11.05 -4.79 3.36
C PHE A 9 10.20 -5.28 2.19
N VAL A 10 10.27 -6.57 1.91
CA VAL A 10 9.51 -7.17 0.82
C VAL A 10 8.30 -7.93 1.34
N ARG A 11 7.38 -8.26 0.44
CA ARG A 11 6.18 -8.99 0.82
C ARG A 11 6.48 -10.47 1.03
N PRO A 12 5.51 -11.20 1.59
CA PRO A 12 5.65 -12.64 1.86
C PRO A 12 5.69 -13.47 0.58
N PHE A 13 6.75 -14.25 0.41
CA PHE A 13 6.91 -15.09 -0.77
C PHE A 13 6.39 -16.50 -0.51
N PRO A 14 6.05 -17.22 -1.58
CA PRO A 14 5.54 -18.58 -1.49
C PRO A 14 6.60 -19.57 -1.06
N LEU A 15 6.37 -20.85 -1.30
CA LEU A 15 7.31 -21.90 -0.95
C LEU A 15 8.69 -21.61 -1.51
N ASP A 16 8.74 -20.75 -2.53
CA ASP A 16 10.01 -20.38 -3.16
C ASP A 16 10.62 -19.19 -2.47
N VAL A 17 10.26 -18.98 -1.19
CA VAL A 17 10.79 -17.87 -0.41
C VAL A 17 12.21 -18.16 0.07
N GLN A 18 13.19 -17.79 -0.73
CA GLN A 18 14.59 -18.00 -0.39
C GLN A 18 15.47 -16.87 -0.90
N GLU A 19 16.71 -16.84 -0.45
CA GLU A 19 17.66 -15.80 -0.86
C GLU A 19 17.98 -15.92 -2.35
N SER A 20 17.82 -17.12 -2.89
CA SER A 20 18.10 -17.39 -4.29
C SER A 20 17.37 -16.39 -5.18
N GLU A 21 16.06 -16.27 -4.98
CA GLU A 21 15.25 -15.35 -5.77
C GLU A 21 15.58 -13.91 -5.43
N LEU A 22 15.81 -13.64 -4.14
CA LEU A 22 16.14 -12.30 -3.70
C LEU A 22 17.41 -11.78 -4.38
N ASN A 23 18.38 -12.68 -4.54
CA ASN A 23 19.64 -12.31 -5.18
C ASN A 23 19.47 -12.18 -6.69
N GLU A 24 18.70 -13.09 -7.27
CA GLU A 24 18.45 -13.08 -8.71
C GLU A 24 17.54 -11.91 -9.09
N ILE A 25 16.85 -11.37 -8.11
CA ILE A 25 15.94 -10.25 -8.34
C ILE A 25 16.58 -8.93 -7.95
N PHE A 26 17.02 -8.83 -6.70
CA PHE A 26 17.66 -7.62 -6.21
C PHE A 26 19.13 -7.57 -6.62
N GLY A 27 19.58 -8.61 -7.32
CA GLY A 27 20.96 -8.67 -7.77
C GLY A 27 21.36 -7.45 -8.58
N PRO A 28 20.68 -7.24 -9.71
CA PRO A 28 20.95 -6.11 -10.61
C PRO A 28 20.53 -4.77 -9.99
N PHE A 29 21.11 -4.44 -8.84
CA PHE A 29 20.80 -3.19 -8.16
C PHE A 29 22.01 -2.67 -7.40
N GLY A 30 22.74 -3.57 -6.76
CA GLY A 30 23.91 -3.18 -6.00
C GLY A 30 24.40 -4.27 -5.07
N PRO A 31 25.52 -4.02 -4.38
CA PRO A 31 26.11 -4.98 -3.44
C PRO A 31 25.26 -5.15 -2.18
N MET A 32 24.35 -6.11 -2.21
CA MET A 32 23.47 -6.39 -1.07
C MET A 32 24.30 -6.75 0.17
N LYS A 33 24.32 -5.85 1.14
CA LYS A 33 25.06 -6.07 2.37
C LYS A 33 24.56 -7.32 3.09
N GLU A 34 23.25 -7.55 3.03
CA GLU A 34 22.65 -8.72 3.67
C GLU A 34 21.23 -8.94 3.17
N VAL A 35 20.68 -10.12 3.46
CA VAL A 35 19.33 -10.46 3.04
C VAL A 35 18.63 -11.35 4.06
N LYS A 36 17.32 -11.20 4.17
CA LYS A 36 16.53 -11.99 5.11
C LYS A 36 15.24 -12.47 4.48
N ILE A 37 14.94 -13.75 4.65
CA ILE A 37 13.73 -14.33 4.10
C ILE A 37 12.99 -15.18 5.13
N LEU A 38 11.85 -14.69 5.59
CA LEU A 38 11.06 -15.41 6.58
C LEU A 38 9.64 -15.65 6.08
N ASN A 39 9.06 -16.79 6.45
CA ASN A 39 7.70 -17.13 6.04
C ASN A 39 6.70 -16.10 6.55
N GLY A 40 6.40 -15.11 5.72
CA GLY A 40 5.45 -14.07 6.10
C GLY A 40 5.94 -12.69 5.76
N PHE A 41 7.26 -12.54 5.61
CA PHE A 41 7.85 -11.25 5.27
C PHE A 41 9.31 -11.42 4.86
N ALA A 42 9.80 -10.49 4.03
CA ALA A 42 11.17 -10.54 3.56
C ALA A 42 11.86 -9.20 3.78
N PHE A 43 13.19 -9.23 3.85
CA PHE A 43 13.98 -8.02 4.06
C PHE A 43 15.30 -8.08 3.29
N VAL A 44 15.78 -6.92 2.86
CA VAL A 44 17.03 -6.85 2.11
C VAL A 44 17.78 -5.56 2.43
N GLU A 45 19.00 -5.70 2.93
CA GLU A 45 19.82 -4.55 3.28
C GLU A 45 20.97 -4.39 2.29
N PHE A 46 20.92 -3.32 1.49
CA PHE A 46 21.96 -3.05 0.50
C PHE A 46 23.15 -2.34 1.15
N GLU A 47 24.33 -2.56 0.58
CA GLU A 47 25.54 -1.93 1.09
C GLU A 47 25.65 -0.48 0.66
N GLU A 48 24.65 -0.02 -0.10
CA GLU A 48 24.62 1.35 -0.57
C GLU A 48 23.21 1.92 -0.53
N ALA A 49 23.06 3.06 0.15
CA ALA A 49 21.75 3.70 0.27
C ALA A 49 21.10 3.88 -1.10
N GLU A 50 21.90 4.29 -2.07
CA GLU A 50 21.40 4.50 -3.43
C GLU A 50 20.78 3.23 -3.99
N SER A 51 21.53 2.13 -3.94
CA SER A 51 21.04 0.85 -4.44
C SER A 51 19.72 0.48 -3.78
N ALA A 52 19.60 0.75 -2.49
CA ALA A 52 18.39 0.45 -1.75
C ALA A 52 17.23 1.35 -2.19
N ALA A 53 17.48 2.66 -2.16
CA ALA A 53 16.46 3.63 -2.56
C ALA A 53 15.92 3.32 -3.95
N LYS A 54 16.78 2.79 -4.81
CA LYS A 54 16.38 2.45 -6.17
C LYS A 54 15.55 1.17 -6.19
N ALA A 55 16.10 0.10 -5.60
CA ALA A 55 15.42 -1.18 -5.55
C ALA A 55 14.01 -1.03 -4.98
N ILE A 56 13.85 -0.07 -4.06
CA ILE A 56 12.56 0.17 -3.43
C ILE A 56 11.55 0.69 -4.45
N GLU A 57 12.02 1.52 -5.38
CA GLU A 57 11.15 2.07 -6.41
C GLU A 57 11.15 1.22 -7.65
N GLU A 58 12.07 0.24 -7.70
CA GLU A 58 12.17 -0.65 -8.85
C GLU A 58 11.39 -1.94 -8.60
N VAL A 59 11.79 -2.68 -7.57
CA VAL A 59 11.12 -3.93 -7.23
C VAL A 59 9.64 -3.71 -6.94
N HIS A 60 9.35 -2.63 -6.22
CA HIS A 60 7.97 -2.29 -5.88
C HIS A 60 7.11 -2.19 -7.13
N GLY A 61 6.07 -3.01 -7.21
CA GLY A 61 5.19 -3.00 -8.36
C GLY A 61 5.55 -4.05 -9.38
N LYS A 62 6.49 -4.92 -9.03
CA LYS A 62 6.93 -5.97 -9.93
C LYS A 62 6.01 -7.20 -9.83
N SER A 63 6.37 -8.27 -10.53
CA SER A 63 5.58 -9.48 -10.52
C SER A 63 6.43 -10.68 -10.12
N PHE A 64 5.82 -11.64 -9.42
CA PHE A 64 6.53 -12.83 -8.97
C PHE A 64 5.55 -13.84 -8.38
N ALA A 65 5.68 -15.09 -8.80
CA ALA A 65 4.82 -16.16 -8.31
C ALA A 65 3.36 -15.89 -8.65
N ASN A 66 3.12 -15.33 -9.84
CA ASN A 66 1.78 -15.00 -10.29
C ASN A 66 1.11 -14.06 -9.33
N GLN A 67 1.89 -13.16 -8.72
CA GLN A 67 1.36 -12.19 -7.78
C GLN A 67 2.19 -10.91 -7.80
N PRO A 68 1.54 -9.76 -7.55
CA PRO A 68 2.21 -8.46 -7.52
C PRO A 68 3.13 -8.31 -6.31
N LEU A 69 4.40 -8.00 -6.58
CA LEU A 69 5.38 -7.83 -5.51
C LEU A 69 5.26 -6.43 -4.89
N GLU A 70 5.84 -6.27 -3.71
CA GLU A 70 5.80 -4.99 -3.00
C GLU A 70 7.01 -4.83 -2.11
N VAL A 71 7.71 -3.70 -2.26
CA VAL A 71 8.90 -3.43 -1.45
C VAL A 71 8.90 -1.98 -0.97
N VAL A 72 9.33 -1.78 0.27
CA VAL A 72 9.39 -0.45 0.85
C VAL A 72 10.60 -0.29 1.77
N TYR A 73 10.84 0.93 2.22
CA TYR A 73 11.97 1.21 3.11
C TYR A 73 11.72 0.60 4.49
N SER A 74 12.27 -0.57 4.80
CA SER A 74 12.04 -1.21 6.11
C SER A 74 11.60 -0.18 7.19
N LYS A 75 10.40 -0.42 7.76
CA LYS A 75 9.77 0.48 8.77
C LYS A 75 8.95 1.57 8.06
N LEU A 76 7.76 1.89 8.61
CA LEU A 76 6.93 2.92 8.01
C LEU A 76 5.76 3.30 8.91
N PRO A 77 6.01 4.13 9.95
CA PRO A 77 4.98 4.59 10.89
C PRO A 77 4.39 5.96 10.55
N ALA A 78 4.04 6.73 11.60
CA ALA A 78 3.46 8.07 11.47
C ALA A 78 2.00 8.05 11.05
N LYS A 79 1.25 9.13 11.38
CA LYS A 79 -0.17 9.26 11.03
C LYS A 79 -0.41 9.02 9.55
N ARG A 80 -1.67 9.01 9.09
CA ARG A 80 -1.88 8.78 7.67
C ARG A 80 -3.03 9.63 7.13
N TYR A 81 -3.31 9.48 5.84
CA TYR A 81 -4.39 10.24 5.21
C TYR A 81 -5.25 9.32 4.33
N ARG A 82 -5.58 8.15 4.85
CA ARG A 82 -6.40 7.19 4.12
C ARG A 82 -7.61 6.77 4.95
N ILE A 83 -8.67 6.37 4.27
CA ILE A 83 -9.89 5.94 4.93
C ILE A 83 -10.58 4.80 4.17
N THR A 84 -11.43 4.06 4.87
CA THR A 84 -12.14 2.95 4.25
C THR A 84 -13.65 3.19 4.25
N MET A 85 -14.31 2.76 3.18
CA MET A 85 -15.76 2.94 3.06
C MET A 85 -16.49 1.65 3.43
N LYS A 86 -17.75 1.79 3.80
CA LYS A 86 -18.57 0.65 4.18
C LYS A 86 -20.03 0.85 3.77
N ASN A 87 -20.74 -0.25 3.54
CA ASN A 87 -22.14 -0.18 3.15
C ASN A 87 -22.29 0.42 1.75
N LEU A 88 -21.38 0.07 0.86
CA LEU A 88 -21.40 0.58 -0.51
C LEU A 88 -21.51 -0.56 -1.51
N PRO A 89 -22.64 -1.29 -1.48
CA PRO A 89 -22.88 -2.41 -2.39
C PRO A 89 -23.10 -1.97 -3.82
N GLU A 90 -22.05 -1.42 -4.43
CA GLU A 90 -22.13 -0.96 -5.81
C GLU A 90 -20.87 -1.32 -6.58
N GLY A 91 -20.96 -1.26 -7.91
CA GLY A 91 -19.81 -1.60 -8.72
C GLY A 91 -18.80 -0.47 -8.83
N CYS A 92 -19.12 0.76 -8.54
CA CYS A 92 -18.19 1.86 -8.85
C CYS A 92 -16.99 1.35 -9.60
N SER A 93 -15.89 1.33 -8.86
CA SER A 93 -14.49 0.91 -8.93
C SER A 93 -13.57 2.10 -8.64
N TRP A 94 -12.27 1.82 -8.57
CA TRP A 94 -11.28 2.87 -8.31
C TRP A 94 -11.54 4.09 -9.19
N GLN A 95 -11.87 3.85 -10.45
CA GLN A 95 -12.14 4.93 -11.39
C GLN A 95 -13.36 5.73 -10.96
N ASP A 96 -14.41 5.02 -10.55
CA ASP A 96 -15.64 5.66 -10.10
C ASP A 96 -15.40 6.52 -8.87
N LEU A 97 -14.99 5.87 -7.78
CA LEU A 97 -14.72 6.59 -6.54
C LEU A 97 -13.76 7.75 -6.76
N LYS A 98 -12.80 7.55 -7.66
CA LYS A 98 -11.81 8.57 -7.97
C LYS A 98 -12.47 9.75 -8.71
N ASP A 99 -13.43 9.43 -9.57
CA ASP A 99 -14.13 10.46 -10.33
C ASP A 99 -14.97 11.34 -9.41
N LEU A 100 -15.80 10.71 -8.59
CA LEU A 100 -16.66 11.43 -7.67
C LEU A 100 -15.83 12.15 -6.61
N ALA A 101 -14.73 11.51 -6.20
CA ALA A 101 -13.86 12.09 -5.19
C ALA A 101 -13.23 13.40 -5.68
N ARG A 102 -12.65 13.36 -6.88
CA ARG A 102 -12.02 14.53 -7.46
C ARG A 102 -13.06 15.59 -7.82
N GLU A 103 -14.26 15.14 -8.17
CA GLU A 103 -15.34 16.04 -8.53
C GLU A 103 -15.98 16.66 -7.29
N ASN A 104 -15.84 15.97 -6.16
CA ASN A 104 -16.40 16.45 -4.90
C ASN A 104 -15.38 17.29 -4.13
N SER A 105 -14.38 17.80 -4.85
CA SER A 105 -13.34 18.61 -4.23
C SER A 105 -12.47 17.77 -3.31
N LEU A 106 -12.16 16.56 -3.75
CA LEU A 106 -11.32 15.65 -2.96
C LEU A 106 -10.34 14.90 -3.86
N GLU A 107 -9.08 15.33 -3.83
CA GLU A 107 -8.05 14.68 -4.64
C GLU A 107 -7.40 13.55 -3.88
N THR A 108 -7.29 12.38 -4.54
CA THR A 108 -6.68 11.21 -3.93
C THR A 108 -5.49 10.72 -4.73
N THR A 109 -4.54 10.08 -4.04
CA THR A 109 -3.34 9.57 -4.70
C THR A 109 -3.38 8.06 -4.80
N PHE A 110 -4.27 7.44 -4.03
CA PHE A 110 -4.42 5.99 -4.05
C PHE A 110 -5.86 5.58 -3.79
N SER A 111 -6.30 4.50 -4.45
CA SER A 111 -7.66 4.02 -4.30
C SER A 111 -7.70 2.49 -4.38
N SER A 112 -8.75 1.90 -3.83
CA SER A 112 -8.92 0.46 -3.84
C SER A 112 -10.34 0.06 -3.47
N VAL A 113 -10.81 -1.04 -4.05
CA VAL A 113 -12.16 -1.53 -3.78
C VAL A 113 -12.18 -3.04 -3.65
N ASN A 114 -13.31 -3.58 -3.21
CA ASN A 114 -13.47 -5.02 -3.05
C ASN A 114 -14.67 -5.54 -3.83
N THR A 115 -14.41 -6.08 -5.02
CA THR A 115 -15.46 -6.61 -5.86
C THR A 115 -15.54 -8.14 -5.76
N ARG A 116 -14.44 -8.75 -5.35
CA ARG A 116 -14.39 -10.20 -5.21
C ARG A 116 -15.56 -10.71 -4.37
N ASP A 117 -15.92 -9.94 -3.34
CA ASP A 117 -17.02 -10.32 -2.47
C ASP A 117 -18.12 -9.28 -2.51
N PHE A 118 -19.22 -9.55 -1.81
CA PHE A 118 -20.36 -8.64 -1.76
C PHE A 118 -20.36 -7.83 -0.47
N ASP A 119 -19.17 -7.67 0.12
CA ASP A 119 -19.04 -6.92 1.36
C ASP A 119 -19.33 -5.44 1.14
N GLY A 120 -19.13 -4.98 -0.09
CA GLY A 120 -19.37 -3.59 -0.43
C GLY A 120 -18.54 -2.64 0.43
N THR A 121 -17.22 -2.76 0.32
CA THR A 121 -16.32 -1.90 1.08
C THR A 121 -15.12 -1.47 0.24
N GLY A 122 -14.74 -0.21 0.36
CA GLY A 122 -13.61 0.30 -0.41
C GLY A 122 -12.61 1.04 0.47
N ALA A 123 -11.59 1.60 -0.15
CA ALA A 123 -10.56 2.35 0.58
C ALA A 123 -9.89 3.38 -0.33
N LEU A 124 -9.75 4.60 0.20
CA LEU A 124 -9.12 5.68 -0.55
C LEU A 124 -8.10 6.42 0.30
N GLU A 125 -7.18 7.11 -0.36
CA GLU A 125 -6.14 7.87 0.34
C GLU A 125 -5.89 9.20 -0.34
N PHE A 126 -5.66 10.24 0.47
CA PHE A 126 -5.40 11.57 -0.06
C PHE A 126 -3.97 12.01 0.24
N PRO A 127 -3.44 12.93 -0.58
CA PRO A 127 -2.07 13.44 -0.42
C PRO A 127 -1.93 14.33 0.81
N SER A 128 -3.04 14.91 1.26
CA SER A 128 -3.05 15.77 2.42
C SER A 128 -4.13 15.36 3.41
N GLU A 129 -3.96 15.76 4.67
CA GLU A 129 -4.91 15.42 5.71
C GLU A 129 -6.19 16.24 5.57
N GLU A 130 -6.03 17.49 5.11
CA GLU A 130 -7.16 18.38 4.92
C GLU A 130 -8.26 17.72 4.09
N ILE A 131 -7.86 17.10 2.97
CA ILE A 131 -8.80 16.43 2.09
C ILE A 131 -9.36 15.17 2.75
N LEU A 132 -8.54 14.53 3.57
CA LEU A 132 -8.95 13.31 4.26
C LEU A 132 -10.08 13.60 5.25
N VAL A 133 -9.82 14.50 6.19
CA VAL A 133 -10.81 14.87 7.19
C VAL A 133 -12.05 15.47 6.55
N GLU A 134 -11.84 16.30 5.52
CA GLU A 134 -12.94 16.94 4.83
C GLU A 134 -13.78 15.90 4.07
N ALA A 135 -13.12 15.09 3.27
CA ALA A 135 -13.80 14.05 2.50
C ALA A 135 -14.46 13.03 3.42
N LEU A 136 -13.84 12.78 4.57
CA LEU A 136 -14.38 11.82 5.54
C LEU A 136 -15.65 12.36 6.18
N GLU A 137 -15.65 13.65 6.49
CA GLU A 137 -16.81 14.28 7.10
C GLU A 137 -17.88 14.60 6.07
N ARG A 138 -17.47 14.69 4.80
CA ARG A 138 -18.38 14.99 3.71
C ARG A 138 -18.96 13.71 3.12
N LEU A 139 -18.25 12.60 3.30
CA LEU A 139 -18.68 11.31 2.78
C LEU A 139 -19.37 10.49 3.85
N ASN A 140 -18.97 10.69 5.10
CA ASN A 140 -19.54 9.97 6.23
C ASN A 140 -21.06 10.08 6.21
N ASN A 141 -21.73 8.93 6.15
CA ASN A 141 -23.19 8.89 6.13
C ASN A 141 -23.73 9.62 4.92
N ILE A 142 -23.83 8.93 3.80
CA ILE A 142 -24.35 9.51 2.57
C ILE A 142 -25.22 8.53 1.80
N GLU A 143 -26.31 9.03 1.24
CA GLU A 143 -27.24 8.21 0.48
C GLU A 143 -26.81 8.09 -0.98
N PHE A 144 -26.72 6.87 -1.47
CA PHE A 144 -26.31 6.63 -2.86
C PHE A 144 -26.86 5.29 -3.36
N ARG A 145 -27.64 5.34 -4.44
CA ARG A 145 -28.22 4.14 -5.02
C ARG A 145 -29.12 3.44 -4.01
N GLY A 146 -29.77 4.23 -3.16
CA GLY A 146 -30.66 3.66 -2.16
C GLY A 146 -29.91 3.02 -1.00
N SER A 147 -28.59 3.24 -0.96
CA SER A 147 -27.76 2.68 0.09
C SER A 147 -27.00 3.78 0.81
N VAL A 148 -26.92 3.66 2.14
CA VAL A 148 -26.21 4.65 2.95
C VAL A 148 -24.76 4.23 3.17
N ILE A 149 -23.85 4.87 2.44
CA ILE A 149 -22.42 4.57 2.55
C ILE A 149 -21.77 5.40 3.65
N THR A 150 -20.80 4.82 4.32
CA THR A 150 -20.09 5.50 5.39
C THR A 150 -18.59 5.34 5.26
N VAL A 151 -17.84 6.35 5.70
CA VAL A 151 -16.38 6.31 5.62
C VAL A 151 -15.76 6.41 7.02
N GLU A 152 -14.74 5.58 7.25
CA GLU A 152 -14.06 5.58 8.55
C GLU A 152 -12.58 5.24 8.38
N ARG A 153 -11.73 6.06 8.98
CA ARG A 153 -10.29 5.85 8.89
C ARG A 153 -9.87 4.58 9.62
N ASP A 154 -8.86 3.90 9.08
CA ASP A 154 -8.37 2.67 9.69
C ASP A 154 -6.85 2.58 9.60
N ASP A 155 -6.18 2.84 10.72
CA ASP A 155 -4.74 2.80 10.77
C ASP A 155 -4.25 1.45 11.28
N ASN A 156 -3.43 0.77 10.46
CA ASN A 156 -2.90 -0.54 10.84
C ASN A 156 -1.38 -0.57 10.64
N PRO A 157 -0.64 0.17 11.48
CA PRO A 157 0.80 0.23 11.42
C PRO A 157 1.46 -0.77 12.37
N PRO A 158 2.71 -1.16 12.09
CA PRO A 158 3.43 -2.11 12.94
C PRO A 158 3.70 -1.54 14.33
N PRO A 159 3.85 -2.41 15.34
CA PRO A 159 4.10 -2.00 16.72
C PRO A 159 5.59 -1.97 17.04
N ILE A 160 6.35 -1.30 16.19
CA ILE A 160 7.79 -1.19 16.38
C ILE A 160 8.19 0.28 16.53
N ARG A 161 7.21 1.17 16.41
CA ARG A 161 7.46 2.61 16.54
C ARG A 161 6.15 3.37 16.72
#